data_9UU4
#
_entry.id   9UU4
#
_cell.length_a   1.00
_cell.length_b   1.00
_cell.length_c   1.00
_cell.angle_alpha   90.00
_cell.angle_beta   90.00
_cell.angle_gamma   90.00
#
_symmetry.space_group_name_H-M   'P 1'
#
loop_
_entity.id
_entity.type
_entity.pdbx_description
1 polymer 'Protein ECERIFERUM 26-like'
2 polymer '3-ketoacyl-CoA synthase'
3 non-polymer 'MALONYL-COENZYME A'
#
loop_
_entity_poly.entity_id
_entity_poly.type
_entity_poly.pdbx_seq_one_letter_code
_entity_poly.pdbx_strand_id
1 'polypeptide(L)'
;DYKDDDDKMVFEQHEEEAVAPGAVHGHRLSTVVPSSVTGEVDYALADADLAFKLHYLRGVYYYRSGDGLATKVLKDPMFP
WLDDHFPVAGRVRRAEAEGDGAPRRPYIKCNDCGVRIVEARCDRDMAEWIRDAAPGRIRQLCYDKVLGPELFFSPLLYVQ
ITNFKCGGLALGFSWAHLIGDIPSAATCFNKWAQILSGKKPEATVLTPPNQPLQGQSPAAPRSVKQVGPMEDLWLVPAGR
DMACYSFHVSDAVLKKLHQQQNGRQDAAAGTFELVSALVWQAVAKIRGDVDTVTVVRADAAARSGKSLANEMKVGYVESA
GSSPAKTDVAELAALLAKNVVDETAAVAAFQGDVLVYGGANLTLVDMEQVDLYGLEIKGQRPVYVEYGMDGVGDEGAVLV
QPDADGRGRLVTVVLPGDEIDSLRAALGSALHVA
;
A,D
2 'polypeptide(L)'
;HHHHHHMPSGGVFSGSVNLKHVKLGYQYLVNHFLTLLLVPVMAATALELARLGPGELLSLWRSLELDLVHILCSAFLVVF
VGTVYVMSRPRPVYLVDYACYKPPASCRVPFATFMEHTRLISDDDKSVRFQTRILERSGLGEDTCLPPANHYIPPNPSME
ASRAEAQLVIFSAIDDLVRRTGLKPKDIDILVVNCSLFSPTPSLSAMIINKYKLRSNIRSFNLSGMGASAGLISIDLARD
MLQVHPNSNALVVSTEIITPNFYQGSRRDMLLPNCLFRMGAAAILLSNRRREARRAKYRLVHVVRTHKGADDRAYRCVYE
EEDEQGFSGISLSKELMAIAGDALKSNITTIGPLVLPMSEQLLFFFRLVGRKLVNKGWRPYIPDFKLAFEHFCIHAGGRA
VIDELQKNLQLSPRHVEASRMTLHRFGNTSSSSLWYELAYIEAKGRMRRGDRVWQIGFGSGFKCNSAVWKCLRSIKTPTN
GPWDDCIHRYPVDVPEVVKL
;
C,B
#
loop_
_chem_comp.id
_chem_comp.type
_chem_comp.name
_chem_comp.formula
MLC non-polymer 'MALONYL-COENZYME A' 'C24 H38 N7 O19 P3 S'
#
# COMPACT_ATOMS: atom_id res chain seq x y z
N GLY A 22 1.46 33.42 8.04
CA GLY A 22 2.83 33.10 7.71
C GLY A 22 3.52 32.27 8.76
N ALA A 23 2.79 31.32 9.34
CA ALA A 23 3.34 30.46 10.37
C ALA A 23 4.21 29.36 9.77
N VAL A 24 5.10 28.84 10.61
CA VAL A 24 5.98 27.76 10.20
C VAL A 24 5.20 26.45 10.22
N HIS A 25 5.41 25.61 9.21
CA HIS A 25 4.60 24.41 9.01
C HIS A 25 5.47 23.29 8.46
N GLY A 26 4.93 22.09 8.48
CA GLY A 26 5.56 20.94 7.89
C GLY A 26 6.79 20.43 8.65
N HIS A 27 6.64 20.23 9.95
CA HIS A 27 7.74 19.76 10.78
C HIS A 27 7.98 18.28 10.53
N ARG A 28 9.18 17.93 10.08
CA ARG A 28 9.58 16.54 9.88
C ARG A 28 10.70 16.22 10.85
N LEU A 29 10.46 15.24 11.72
CA LEU A 29 11.40 14.90 12.78
C LEU A 29 12.33 13.78 12.32
N SER A 30 13.59 13.86 12.73
CA SER A 30 14.60 12.87 12.40
C SER A 30 15.67 12.90 13.48
N THR A 31 16.67 12.04 13.34
CA THR A 31 17.74 11.96 14.33
C THR A 31 19.09 11.83 13.66
N VAL A 32 20.11 12.39 14.33
CA VAL A 32 21.50 12.18 13.98
C VAL A 32 22.22 11.61 15.20
N VAL A 33 23.06 10.61 14.97
CA VAL A 33 23.70 9.86 16.05
C VAL A 33 25.20 10.09 15.97
N PRO A 34 25.99 9.71 16.98
CA PRO A 34 27.43 9.61 16.75
C PRO A 34 27.75 8.49 15.78
N SER A 35 28.70 8.75 14.87
CA SER A 35 29.03 7.75 13.86
C SER A 35 29.81 6.57 14.44
N SER A 36 30.43 6.75 15.60
CA SER A 36 31.14 5.67 16.28
C SER A 36 30.39 5.31 17.56
N VAL A 37 30.38 4.02 17.89
CA VAL A 37 29.69 3.54 19.07
C VAL A 37 30.44 3.98 20.31
N THR A 38 29.74 4.71 21.20
CA THR A 38 30.36 5.15 22.43
C THR A 38 30.52 3.99 23.42
N GLY A 39 29.46 3.20 23.60
CA GLY A 39 29.49 2.11 24.54
C GLY A 39 28.67 2.42 25.78
N GLU A 40 28.86 1.57 26.80
CA GLU A 40 28.17 1.74 28.07
C GLU A 40 28.96 2.74 28.92
N VAL A 41 28.78 4.01 28.60
CA VAL A 41 29.48 5.12 29.25
C VAL A 41 28.45 5.96 30.00
N ASP A 42 28.73 6.26 31.27
CA ASP A 42 27.88 7.10 32.08
C ASP A 42 28.62 8.43 32.32
N TYR A 43 28.18 9.48 31.62
CA TYR A 43 28.77 10.80 31.77
C TYR A 43 28.21 11.43 33.04
N ALA A 44 29.08 11.64 34.03
CA ALA A 44 28.65 12.25 35.27
C ALA A 44 28.46 13.75 35.11
N LEU A 45 27.37 14.27 35.66
CA LEU A 45 27.08 15.69 35.60
C LEU A 45 27.61 16.37 36.86
N ALA A 46 28.11 17.58 36.70
CA ALA A 46 28.69 18.31 37.82
C ALA A 46 27.59 18.89 38.70
N ASP A 47 28.01 19.48 39.82
CA ASP A 47 27.05 20.12 40.72
C ASP A 47 26.49 21.40 40.16
N ALA A 48 27.21 22.06 39.24
CA ALA A 48 26.67 23.23 38.57
C ALA A 48 25.80 22.86 37.38
N ASP A 49 25.88 21.62 36.90
CA ASP A 49 25.00 21.19 35.82
C ASP A 49 23.59 20.95 36.33
N LEU A 50 23.47 20.31 37.50
CA LEU A 50 22.17 19.98 38.06
C LEU A 50 21.49 21.17 38.72
N ALA A 51 22.16 22.31 38.82
CA ALA A 51 21.51 23.53 39.29
C ALA A 51 20.84 24.29 38.15
N PHE A 52 21.40 24.19 36.94
CA PHE A 52 20.86 24.86 35.77
C PHE A 52 19.97 23.94 34.95
N LYS A 53 19.49 22.84 35.54
CA LYS A 53 18.78 21.83 34.76
C LYS A 53 17.37 22.24 34.37
N LEU A 54 16.79 23.24 35.05
CA LEU A 54 15.43 23.65 34.77
C LEU A 54 15.33 24.66 33.63
N HIS A 55 16.45 25.14 33.10
CA HIS A 55 16.47 26.14 32.06
C HIS A 55 16.91 25.54 30.74
N TYR A 56 16.52 26.21 29.66
CA TYR A 56 16.77 25.72 28.31
C TYR A 56 17.10 26.90 27.41
N LEU A 57 18.06 26.70 26.51
CA LEU A 57 18.51 27.76 25.62
C LEU A 57 17.86 27.60 24.25
N ARG A 58 17.39 28.70 23.69
CA ARG A 58 16.84 28.74 22.34
C ARG A 58 17.65 29.74 21.54
N GLY A 59 18.44 29.26 20.59
CA GLY A 59 19.23 30.14 19.74
C GLY A 59 18.91 29.98 18.27
N VAL A 60 18.65 31.08 17.57
CA VAL A 60 18.31 31.05 16.16
C VAL A 60 19.43 31.75 15.38
N TYR A 61 19.88 31.12 14.30
CA TYR A 61 20.94 31.63 13.45
C TYR A 61 20.36 31.82 12.05
N TYR A 62 20.19 33.07 11.64
CA TYR A 62 19.55 33.37 10.36
C TYR A 62 20.60 33.51 9.26
N TYR A 63 20.26 33.01 8.08
CA TYR A 63 21.14 33.08 6.92
C TYR A 63 20.37 33.61 5.73
N ARG A 64 21.04 34.45 4.94
CA ARG A 64 20.35 35.11 3.82
C ARG A 64 20.08 34.15 2.68
N SER A 65 21.06 33.32 2.33
CA SER A 65 20.93 32.37 1.23
C SER A 65 21.09 30.96 1.79
N GLY A 66 20.04 30.15 1.66
CA GLY A 66 20.08 28.80 2.15
C GLY A 66 20.10 27.77 1.05
N ASP A 67 20.70 28.11 -0.09
CA ASP A 67 20.82 27.19 -1.20
C ASP A 67 22.18 26.51 -1.19
N GLY A 68 22.19 25.22 -1.55
CA GLY A 68 23.34 24.38 -1.34
C GLY A 68 23.42 23.76 0.04
N LEU A 69 22.66 24.26 1.00
CA LEU A 69 22.56 23.68 2.33
C LEU A 69 21.30 22.84 2.41
N ALA A 70 21.28 21.77 1.62
CA ALA A 70 20.19 20.80 1.72
C ALA A 70 20.33 20.00 3.00
N THR A 71 19.25 19.31 3.38
CA THR A 71 19.26 18.62 4.67
C THR A 71 19.76 17.16 4.51
N LYS A 72 20.89 17.05 3.82
CA LYS A 72 21.82 15.94 3.96
C LYS A 72 23.19 16.58 4.12
N VAL A 73 23.35 17.73 3.46
CA VAL A 73 24.56 18.53 3.60
C VAL A 73 24.67 19.09 5.01
N LEU A 74 23.55 19.48 5.61
CA LEU A 74 23.55 19.97 6.98
C LEU A 74 23.62 18.84 8.00
N LYS A 75 23.22 17.62 7.64
CA LYS A 75 23.14 16.53 8.59
C LYS A 75 24.35 15.61 8.59
N ASP A 76 25.09 15.51 7.49
CA ASP A 76 26.25 14.63 7.46
C ASP A 76 27.43 15.04 8.34
N PRO A 77 27.74 16.33 8.57
CA PRO A 77 28.75 16.63 9.60
C PRO A 77 28.26 16.48 11.02
N MET A 78 26.98 16.23 11.26
CA MET A 78 26.49 16.02 12.61
C MET A 78 26.88 14.67 13.18
N PHE A 79 27.26 13.73 12.32
CA PHE A 79 27.72 12.41 12.76
C PHE A 79 29.17 12.41 13.25
N PRO A 80 30.14 13.10 12.61
CA PRO A 80 31.45 13.25 13.28
C PRO A 80 31.46 14.27 14.41
N TRP A 81 30.53 15.21 14.43
CA TRP A 81 30.49 16.21 15.48
C TRP A 81 29.96 15.63 16.78
N LEU A 82 29.08 14.64 16.71
CA LEU A 82 28.58 13.96 17.89
C LEU A 82 29.51 12.85 18.37
N ASP A 83 30.52 12.50 17.59
CA ASP A 83 31.57 11.62 18.11
C ASP A 83 32.38 12.33 19.19
N ASP A 84 32.63 13.63 19.01
CA ASP A 84 33.37 14.40 19.99
C ASP A 84 32.49 14.87 21.13
N HIS A 85 31.20 15.08 20.87
CA HIS A 85 30.27 15.59 21.85
C HIS A 85 29.19 14.57 22.19
N PHE A 86 29.60 13.33 22.43
CA PHE A 86 28.66 12.25 22.73
C PHE A 86 27.77 12.37 23.98
N PRO A 87 28.06 13.18 25.02
CA PRO A 87 27.00 13.42 26.02
C PRO A 87 25.82 14.22 25.51
N VAL A 88 25.97 14.97 24.42
CA VAL A 88 24.83 15.70 23.86
C VAL A 88 23.86 14.74 23.20
N ALA A 89 24.33 13.60 22.71
CA ALA A 89 23.48 12.57 22.15
C ALA A 89 23.02 11.55 23.19
N GLY A 90 23.47 11.65 24.44
CA GLY A 90 23.05 10.75 25.48
C GLY A 90 21.68 11.12 26.03
N ARG A 91 21.29 10.38 27.06
CA ARG A 91 19.99 10.55 27.69
C ARG A 91 20.12 10.61 29.20
N VAL A 92 19.18 11.30 29.83
CA VAL A 92 19.19 11.48 31.28
C VAL A 92 18.67 10.20 31.93
N ARG A 93 19.46 9.63 32.82
CA ARG A 93 19.03 8.56 33.70
C ARG A 93 19.31 8.97 35.13
N ARG A 94 18.94 8.10 36.07
CA ARG A 94 19.23 8.33 37.48
C ARG A 94 19.97 7.15 38.05
N ALA A 95 20.83 7.41 39.03
CA ALA A 95 21.58 6.39 39.73
C ALA A 95 20.84 6.00 40.99
N GLU A 96 20.60 4.70 41.18
CA GLU A 96 19.83 4.25 42.32
C GLU A 96 20.65 4.30 43.60
N ALA A 97 20.00 4.68 44.69
CA ALA A 97 20.60 4.69 46.02
C ALA A 97 19.75 3.80 46.92
N GLU A 98 20.31 2.66 47.32
CA GLU A 98 19.59 1.69 48.13
C GLU A 98 19.75 1.91 49.63
N GLY A 99 20.22 3.09 50.03
CA GLY A 99 20.17 3.47 51.43
C GLY A 99 18.85 4.17 51.70
N ASP A 100 18.91 5.44 52.11
CA ASP A 100 17.70 6.25 52.15
C ASP A 100 17.39 6.72 50.73
N GLY A 101 16.10 6.92 50.46
CA GLY A 101 15.66 7.27 49.12
C GLY A 101 15.66 8.75 48.81
N ALA A 102 16.34 9.55 49.64
CA ALA A 102 16.39 10.98 49.43
C ALA A 102 17.36 11.42 48.33
N PRO A 103 18.60 10.90 48.20
CA PRO A 103 19.37 11.29 47.01
C PRO A 103 19.24 10.30 45.86
N ARG A 104 19.13 10.86 44.66
CA ARG A 104 19.22 10.10 43.42
C ARG A 104 19.79 11.05 42.36
N ARG A 105 21.10 11.00 42.20
CA ARG A 105 21.78 11.96 41.35
C ARG A 105 21.64 11.57 39.88
N PRO A 106 21.18 12.49 39.02
CA PRO A 106 21.10 12.17 37.60
C PRO A 106 22.46 12.16 36.93
N TYR A 107 22.53 11.41 35.84
CA TYR A 107 23.71 11.38 34.98
C TYR A 107 23.25 11.28 33.55
N ILE A 108 24.20 11.33 32.62
CA ILE A 108 23.91 11.20 31.19
C ILE A 108 24.42 9.82 30.76
N LYS A 109 23.51 8.88 30.60
CA LYS A 109 23.87 7.58 30.06
C LYS A 109 24.14 7.74 28.57
N CYS A 110 25.40 7.60 28.17
CA CYS A 110 25.82 7.91 26.80
C CYS A 110 25.48 6.78 25.84
N ASN A 111 24.19 6.51 25.71
CA ASN A 111 23.70 5.80 24.54
C ASN A 111 23.60 6.78 23.39
N ASP A 112 23.70 6.26 22.17
CA ASP A 112 23.70 7.12 21.00
C ASP A 112 22.27 7.36 20.50
N CYS A 113 21.43 7.87 21.40
CA CYS A 113 20.04 8.10 21.05
C CYS A 113 19.91 9.27 20.08
N GLY A 114 20.61 10.36 20.33
CA GLY A 114 20.92 11.32 19.30
C GLY A 114 20.27 12.67 19.51
N VAL A 115 20.28 13.45 18.44
CA VAL A 115 19.83 14.83 18.42
C VAL A 115 18.70 14.93 17.42
N ARG A 116 17.59 15.56 17.82
CA ARG A 116 16.47 15.72 16.90
C ARG A 116 16.77 16.74 15.82
N ILE A 117 16.42 16.40 14.59
CA ILE A 117 16.54 17.31 13.45
C ILE A 117 15.13 17.55 12.93
N VAL A 118 14.62 18.76 13.09
CA VAL A 118 13.26 19.12 12.73
C VAL A 118 13.33 19.95 11.45
N GLU A 119 13.07 19.33 10.31
CA GLU A 119 12.97 20.07 9.06
C GLU A 119 11.63 20.79 9.01
N ALA A 120 11.66 22.11 8.88
CA ALA A 120 10.45 22.90 8.78
C ALA A 120 10.62 23.92 7.67
N ARG A 121 9.52 24.58 7.31
CA ARG A 121 9.55 25.59 6.28
C ARG A 121 8.53 26.66 6.61
N CYS A 122 8.89 27.91 6.34
CA CYS A 122 8.02 29.05 6.59
C CYS A 122 7.94 29.87 5.31
N ASP A 123 6.73 30.19 4.88
CA ASP A 123 6.50 30.89 3.62
C ASP A 123 6.32 32.40 3.84
N ARG A 124 7.07 32.96 4.78
CA ARG A 124 7.18 34.39 4.97
C ARG A 124 8.56 34.85 4.51
N ASP A 125 8.76 36.16 4.48
CA ASP A 125 10.07 36.71 4.20
C ASP A 125 10.91 36.75 5.47
N MET A 126 12.18 36.38 5.34
CA MET A 126 13.04 36.30 6.52
C MET A 126 13.49 37.67 6.98
N ALA A 127 13.83 38.56 6.03
CA ALA A 127 14.28 39.89 6.40
C ALA A 127 13.13 40.74 6.93
N GLU A 128 11.90 40.47 6.50
CA GLU A 128 10.76 41.19 7.04
C GLU A 128 10.41 40.68 8.44
N TRP A 129 10.70 39.41 8.71
CA TRP A 129 10.48 38.85 10.04
C TRP A 129 11.58 39.22 11.03
N ILE A 130 12.80 39.47 10.55
CA ILE A 130 13.86 39.92 11.44
C ILE A 130 13.58 41.34 11.94
N ARG A 131 13.08 42.21 11.06
CA ARG A 131 12.70 43.57 11.42
C ARG A 131 11.26 43.67 11.90
N ASP A 132 10.66 42.57 12.37
CA ASP A 132 9.28 42.61 12.81
C ASP A 132 9.17 43.25 14.19
N ALA A 133 10.11 42.91 15.09
CA ALA A 133 10.15 43.36 16.49
C ALA A 133 8.86 43.02 17.24
N ALA A 134 8.26 41.90 16.91
CA ALA A 134 7.05 41.38 17.52
C ALA A 134 7.38 40.29 18.52
N PRO A 135 6.63 40.19 19.62
CA PRO A 135 6.90 39.14 20.61
C PRO A 135 6.62 37.74 20.10
N GLY A 136 7.66 36.98 19.72
CA GLY A 136 7.43 35.55 19.35
C GLY A 136 7.99 35.00 18.04
N ARG A 137 9.29 35.10 17.77
CA ARG A 137 9.90 34.47 16.57
C ARG A 137 10.92 33.39 16.97
N ILE A 138 11.32 33.28 18.23
CA ILE A 138 12.37 32.30 18.63
C ILE A 138 11.64 31.05 19.08
N ARG A 139 10.32 31.06 19.13
CA ARG A 139 9.54 29.89 19.60
C ARG A 139 9.04 29.16 18.37
N GLN A 140 8.73 29.90 17.34
CA GLN A 140 8.33 29.30 16.08
C GLN A 140 9.50 28.76 15.27
N LEU A 141 10.71 29.25 15.53
CA LEU A 141 11.89 28.81 14.80
C LEU A 141 12.77 27.87 15.60
N CYS A 142 12.44 27.61 16.86
CA CYS A 142 13.06 26.55 17.65
C CYS A 142 11.97 25.56 18.06
N TYR A 143 12.33 24.29 18.11
CA TYR A 143 11.40 23.26 18.55
C TYR A 143 11.20 23.39 20.05
N ASP A 144 10.02 23.85 20.47
CA ASP A 144 9.77 24.22 21.86
C ASP A 144 9.50 22.97 22.70
N LYS A 145 10.57 22.24 22.96
CA LYS A 145 10.52 21.07 23.81
C LYS A 145 11.48 21.22 24.97
N VAL A 146 11.36 20.29 25.93
CA VAL A 146 11.92 20.39 27.26
C VAL A 146 12.25 18.95 27.66
N LEU A 147 13.20 18.78 28.58
CA LEU A 147 13.44 17.45 29.16
C LEU A 147 12.19 17.10 29.95
N GLY A 148 11.25 16.44 29.28
CA GLY A 148 9.85 16.50 29.63
C GLY A 148 9.40 15.37 30.50
N PRO A 149 8.08 15.10 30.50
CA PRO A 149 7.51 14.12 31.44
C PRO A 149 7.95 12.69 31.20
N GLU A 150 8.42 12.37 30.00
CA GLU A 150 9.22 11.17 29.76
C GLU A 150 10.67 11.63 29.80
N LEU A 151 11.21 11.70 31.02
CA LEU A 151 12.55 12.28 31.22
C LEU A 151 13.63 11.39 30.64
N PHE A 152 13.45 10.09 30.73
CA PHE A 152 14.47 9.14 30.30
C PHE A 152 14.56 9.00 28.79
N PHE A 153 13.61 9.58 28.05
CA PHE A 153 13.56 9.44 26.60
C PHE A 153 13.39 10.79 25.93
N SER A 154 13.92 11.86 26.53
CA SER A 154 13.80 13.19 25.99
C SER A 154 15.15 13.69 25.50
N PRO A 155 15.25 14.18 24.27
CA PRO A 155 16.54 14.66 23.76
C PRO A 155 17.04 15.90 24.47
N LEU A 156 18.37 16.02 24.51
CA LEU A 156 19.02 17.16 25.13
C LEU A 156 19.24 18.32 24.17
N LEU A 157 19.19 18.06 22.86
CA LEU A 157 19.39 19.10 21.86
C LEU A 157 18.45 18.85 20.69
N TYR A 158 17.78 19.91 20.24
CA TYR A 158 16.92 19.89 19.07
C TYR A 158 17.44 20.93 18.10
N VAL A 159 17.59 20.56 16.84
CA VAL A 159 18.03 21.47 15.79
C VAL A 159 16.91 21.58 14.77
N GLN A 160 16.33 22.77 14.64
CA GLN A 160 15.29 23.01 13.65
C GLN A 160 15.87 23.78 12.48
N ILE A 161 15.64 23.27 11.27
CA ILE A 161 16.14 23.86 10.05
C ILE A 161 14.95 24.41 9.29
N THR A 162 14.77 25.74 9.33
CA THR A 162 13.63 26.39 8.71
C THR A 162 14.06 27.01 7.38
N ASN A 163 13.38 26.63 6.31
CA ASN A 163 13.64 27.19 4.99
C ASN A 163 12.57 28.23 4.66
N PHE A 164 13.01 29.41 4.25
CA PHE A 164 12.11 30.51 3.95
C PHE A 164 11.83 30.57 2.44
N LYS A 165 10.79 31.32 2.09
CA LYS A 165 10.41 31.44 0.68
C LYS A 165 11.29 32.41 -0.08
N CYS A 166 12.06 33.24 0.61
CA CYS A 166 13.01 34.14 -0.02
C CYS A 166 14.36 33.49 -0.25
N GLY A 167 14.51 32.22 0.10
CA GLY A 167 15.80 31.55 0.06
C GLY A 167 16.56 31.58 1.36
N GLY A 168 16.01 32.22 2.40
CA GLY A 168 16.70 32.31 3.66
C GLY A 168 16.68 31.00 4.43
N LEU A 169 17.53 30.93 5.45
CA LEU A 169 17.69 29.72 6.25
C LEU A 169 17.89 30.12 7.70
N ALA A 170 17.12 29.49 8.59
CA ALA A 170 17.23 29.74 10.02
C ALA A 170 17.47 28.42 10.73
N LEU A 171 18.58 28.33 11.46
CA LEU A 171 18.92 27.17 12.26
C LEU A 171 18.54 27.47 13.71
N GLY A 172 17.53 26.77 14.22
CA GLY A 172 17.09 26.98 15.57
C GLY A 172 17.53 25.88 16.51
N PHE A 173 18.36 26.21 17.50
CA PHE A 173 18.92 25.24 18.41
C PHE A 173 18.21 25.30 19.75
N SER A 174 17.70 24.16 20.20
CA SER A 174 17.02 24.05 21.50
C SER A 174 17.95 23.26 22.42
N TRP A 175 18.73 23.97 23.21
CA TRP A 175 19.81 23.38 24.00
C TRP A 175 19.40 23.32 25.46
N ALA A 176 19.55 22.16 26.07
CA ALA A 176 19.30 22.01 27.49
C ALA A 176 20.50 22.53 28.28
N HIS A 177 20.23 23.44 29.21
CA HIS A 177 21.28 24.04 30.04
C HIS A 177 21.92 23.06 31.02
N LEU A 178 21.33 21.87 31.19
CA LEU A 178 21.94 20.82 31.99
C LEU A 178 23.25 20.34 31.37
N ILE A 179 23.23 19.98 30.08
CA ILE A 179 24.39 19.36 29.47
C ILE A 179 25.49 20.38 29.18
N GLY A 180 25.17 21.66 29.07
CA GLY A 180 26.19 22.63 28.74
C GLY A 180 25.74 24.04 29.06
N ASP A 181 26.73 24.93 29.09
CA ASP A 181 26.52 26.34 29.35
C ASP A 181 26.02 27.03 28.09
N ILE A 182 26.00 28.37 28.10
CA ILE A 182 25.74 29.09 26.86
C ILE A 182 27.00 29.26 26.01
N PRO A 183 28.19 29.62 26.54
CA PRO A 183 29.38 29.55 25.68
C PRO A 183 29.74 28.12 25.29
N SER A 184 29.41 27.15 26.14
CA SER A 184 29.60 25.75 25.81
C SER A 184 28.69 25.33 24.66
N ALA A 185 27.45 25.82 24.67
CA ALA A 185 26.52 25.55 23.57
C ALA A 185 26.99 26.18 22.28
N ALA A 186 27.43 27.44 22.36
CA ALA A 186 27.86 28.15 21.15
C ALA A 186 29.13 27.56 20.57
N THR A 187 30.09 27.16 21.42
CA THR A 187 31.29 26.49 20.94
C THR A 187 30.96 25.12 20.37
N CYS A 188 29.97 24.43 20.96
CA CYS A 188 29.51 23.15 20.42
C CYS A 188 28.88 23.32 19.04
N PHE A 189 28.20 24.43 18.79
CA PHE A 189 27.61 24.63 17.47
C PHE A 189 28.66 25.06 16.45
N ASN A 190 29.59 25.93 16.88
CA ASN A 190 30.65 26.38 15.99
C ASN A 190 31.58 25.25 15.59
N LYS A 191 31.76 24.25 16.47
CA LYS A 191 32.54 23.08 16.09
C LYS A 191 31.81 22.19 15.11
N TRP A 192 30.49 22.32 14.96
CA TRP A 192 29.79 21.63 13.88
C TRP A 192 29.89 22.42 12.59
N ALA A 193 29.84 23.75 12.69
CA ALA A 193 30.01 24.61 11.52
C ALA A 193 31.41 24.49 10.94
N GLN A 194 32.42 24.25 11.78
CA GLN A 194 33.77 24.07 11.28
C GLN A 194 33.95 22.74 10.58
N ILE A 195 33.23 21.70 11.00
CA ILE A 195 33.28 20.42 10.29
C ILE A 195 32.52 20.53 8.97
N LEU A 196 31.42 21.28 8.96
CA LEU A 196 30.67 21.48 7.72
C LEU A 196 31.45 22.35 6.73
N SER A 197 32.22 23.32 7.21
CA SER A 197 33.03 24.15 6.34
C SER A 197 34.27 23.43 5.81
N GLY A 198 34.54 22.22 6.27
CA GLY A 198 35.74 21.50 5.89
C GLY A 198 36.93 21.73 6.78
N LYS A 199 36.83 22.66 7.73
CA LYS A 199 37.95 22.95 8.62
C LYS A 199 38.09 21.85 9.67
N LYS A 200 39.21 21.91 10.38
CA LYS A 200 39.44 21.01 11.49
C LYS A 200 39.00 21.70 12.78
N PRO A 201 38.06 21.12 13.52
CA PRO A 201 37.61 21.77 14.77
C PRO A 201 38.63 21.60 15.88
N GLU A 202 38.52 22.49 16.86
CA GLU A 202 39.32 22.39 18.07
C GLU A 202 38.89 21.16 18.85
N ALA A 203 39.86 20.52 19.52
CA ALA A 203 39.58 19.30 20.27
C ALA A 203 38.70 19.59 21.48
N THR A 204 37.79 18.66 21.76
CA THR A 204 36.83 18.79 22.84
C THR A 204 37.34 18.02 24.06
N VAL A 205 37.28 18.66 25.22
CA VAL A 205 37.85 18.11 26.44
C VAL A 205 36.69 17.70 27.34
N LEU A 206 36.38 16.40 27.35
CA LEU A 206 35.49 15.80 28.32
C LEU A 206 36.25 14.91 29.30
N THR A 207 37.57 15.12 29.41
CA THR A 207 38.44 14.09 30.00
C THR A 207 38.36 14.01 31.52
N PRO A 208 38.47 15.10 32.31
CA PRO A 208 38.35 14.92 33.77
C PRO A 208 36.90 14.79 34.18
N PRO A 209 36.51 13.66 34.77
CA PRO A 209 35.10 13.44 35.11
C PRO A 209 34.69 14.21 36.34
N ASN A 210 33.42 14.58 36.37
CA ASN A 210 32.89 15.39 37.48
C ASN A 210 32.51 14.51 38.66
N GLN A 211 32.79 15.01 39.86
CA GLN A 211 32.48 14.34 41.10
C GLN A 211 31.53 15.21 41.93
N PRO A 212 30.64 14.60 42.71
CA PRO A 212 29.77 15.39 43.58
C PRO A 212 30.55 15.98 44.75
N LEU A 213 29.95 17.00 45.36
CA LEU A 213 30.57 17.69 46.48
C LEU A 213 29.62 17.71 47.67
N GLN A 214 30.19 17.57 48.86
CA GLN A 214 29.48 17.75 50.11
C GLN A 214 29.94 19.08 50.71
N GLY A 215 29.40 19.44 51.87
CA GLY A 215 29.65 20.74 52.47
C GLY A 215 28.45 21.26 53.23
N GLN A 216 27.28 20.67 52.96
CA GLN A 216 26.05 20.86 53.73
C GLN A 216 25.60 22.32 53.76
N SER A 217 25.18 22.83 52.61
CA SER A 217 24.57 24.15 52.54
C SER A 217 23.05 24.00 52.49
N PRO A 218 22.33 24.26 53.59
CA PRO A 218 20.86 24.13 53.55
C PRO A 218 20.15 25.44 53.21
N ALA A 219 20.91 26.53 53.16
CA ALA A 219 20.36 27.85 52.91
C ALA A 219 20.64 28.27 51.48
N ALA A 220 19.57 28.47 50.71
CA ALA A 220 19.72 28.91 49.34
C ALA A 220 20.12 30.39 49.31
N PRO A 221 20.94 30.80 48.34
CA PRO A 221 21.26 32.22 48.20
C PRO A 221 20.05 33.02 47.73
N ARG A 222 20.16 34.34 47.88
CA ARG A 222 19.08 35.24 47.48
C ARG A 222 19.08 35.52 45.98
N SER A 223 19.98 34.91 45.22
CA SER A 223 20.02 35.01 43.77
C SER A 223 19.19 33.94 43.08
N VAL A 224 18.65 32.98 43.84
CA VAL A 224 17.92 31.84 43.30
C VAL A 224 16.64 31.66 44.10
N LYS A 225 15.75 30.82 43.57
CA LYS A 225 14.44 30.59 44.16
C LYS A 225 14.18 29.09 44.29
N GLN A 226 14.04 28.61 45.52
CA GLN A 226 13.78 27.19 45.79
C GLN A 226 12.38 26.83 45.33
N VAL A 227 12.30 26.17 44.17
CA VAL A 227 11.05 25.63 43.67
C VAL A 227 10.86 24.22 44.22
N GLY A 228 9.64 23.70 44.07
CA GLY A 228 9.25 22.43 44.65
C GLY A 228 9.99 21.24 44.10
N PRO A 229 10.13 20.18 44.92
CA PRO A 229 10.94 19.02 44.51
C PRO A 229 10.24 18.16 43.47
N MET A 230 10.29 18.59 42.21
CA MET A 230 9.75 17.83 41.11
C MET A 230 10.65 16.64 40.80
N GLU A 231 10.09 15.64 40.12
CA GLU A 231 10.80 14.39 39.94
C GLU A 231 11.07 14.02 38.49
N ASP A 232 10.14 14.26 37.57
CA ASP A 232 10.33 13.78 36.20
C ASP A 232 9.96 14.79 35.13
N LEU A 233 9.45 15.97 35.48
CA LEU A 233 9.24 17.04 34.52
C LEU A 233 10.15 18.20 34.94
N TRP A 234 11.18 18.45 34.15
CA TRP A 234 12.18 19.46 34.50
C TRP A 234 11.82 20.80 33.85
N LEU A 235 10.73 21.38 34.34
CA LEU A 235 10.23 22.66 33.89
C LEU A 235 9.30 23.23 34.94
N VAL A 236 9.41 24.53 35.19
CA VAL A 236 8.54 25.23 36.12
C VAL A 236 7.59 26.10 35.30
N PRO A 237 6.28 25.82 35.33
CA PRO A 237 5.34 26.72 34.64
C PRO A 237 5.14 28.00 35.43
N ALA A 238 5.20 29.12 34.73
CA ALA A 238 5.14 30.43 35.38
C ALA A 238 3.73 30.93 35.63
N GLY A 239 2.74 30.42 34.90
CA GLY A 239 1.38 30.92 34.98
C GLY A 239 1.09 32.02 33.99
N ARG A 240 2.06 32.90 33.77
CA ARG A 240 1.98 33.95 32.77
C ARG A 240 2.96 33.60 31.66
N ASP A 241 2.47 33.53 30.43
CA ASP A 241 3.28 33.05 29.32
C ASP A 241 4.33 34.07 28.92
N MET A 242 5.58 33.63 28.82
CA MET A 242 6.69 34.49 28.49
C MET A 242 6.69 34.82 27.00
N ALA A 243 7.47 35.83 26.63
CA ALA A 243 7.64 36.21 25.23
C ALA A 243 8.99 36.89 25.07
N CYS A 244 9.79 36.38 24.15
CA CYS A 244 11.15 36.88 23.93
C CYS A 244 11.09 38.06 22.96
N TYR A 245 11.00 39.27 23.50
CA TYR A 245 11.10 40.49 22.71
C TYR A 245 12.56 40.89 22.63
N SER A 246 13.14 40.83 21.44
CA SER A 246 14.58 41.04 21.23
C SER A 246 14.78 42.31 20.41
N PHE A 247 15.11 43.40 21.09
CA PHE A 247 15.40 44.66 20.44
C PHE A 247 16.90 44.84 20.26
N HIS A 248 17.26 45.91 19.57
CA HIS A 248 18.64 46.15 19.15
C HIS A 248 19.15 47.45 19.77
N VAL A 249 20.32 47.39 20.38
CA VAL A 249 20.99 48.56 20.95
C VAL A 249 22.06 48.99 19.97
N SER A 250 21.89 50.19 19.39
CA SER A 250 22.74 50.65 18.31
C SER A 250 24.03 51.27 18.85
N ASP A 251 24.94 51.57 17.92
CA ASP A 251 26.23 52.15 18.29
C ASP A 251 26.10 53.59 18.76
N ALA A 252 25.11 54.32 18.24
CA ALA A 252 24.92 55.71 18.63
C ALA A 252 24.38 55.82 20.04
N VAL A 253 23.47 54.93 20.43
CA VAL A 253 22.92 54.95 21.78
C VAL A 253 23.86 54.28 22.77
N LEU A 254 24.84 53.50 22.30
CA LEU A 254 25.83 52.93 23.21
C LEU A 254 26.75 54.00 23.76
N LYS A 255 27.37 54.79 22.87
CA LYS A 255 28.24 55.87 23.34
C LYS A 255 27.46 57.07 23.85
N LYS A 256 26.15 57.13 23.59
CA LYS A 256 25.31 58.11 24.28
C LYS A 256 25.17 57.74 25.75
N LEU A 257 25.20 56.45 26.07
CA LEU A 257 25.22 56.00 27.45
C LEU A 257 26.57 56.22 28.13
N HIS A 258 27.61 56.61 27.37
CA HIS A 258 28.89 56.99 27.93
C HIS A 258 28.97 58.50 28.20
N GLN A 259 27.84 59.20 28.22
CA GLN A 259 27.80 60.63 28.46
C GLN A 259 27.22 60.97 29.84
N GLN A 260 27.19 60.01 30.76
CA GLN A 260 26.69 60.24 32.10
C GLN A 260 27.72 59.95 33.18
N GLN A 261 28.97 59.70 32.80
CA GLN A 261 30.04 59.39 33.73
C GLN A 261 31.10 60.47 33.74
N ASN A 262 30.67 61.73 33.62
CA ASN A 262 31.60 62.84 33.53
C ASN A 262 32.16 63.20 34.90
N GLY A 263 33.47 63.41 34.94
CA GLY A 263 34.15 63.77 36.18
C GLY A 263 34.52 62.61 37.07
N ARG A 264 34.24 61.38 36.68
CA ARG A 264 34.57 60.21 37.48
C ARG A 264 35.11 59.12 36.58
N GLN A 265 35.97 58.28 37.15
CA GLN A 265 36.43 57.06 36.50
C GLN A 265 35.76 55.87 37.17
N ASP A 266 35.38 54.88 36.37
CA ASP A 266 34.60 53.75 36.86
C ASP A 266 34.93 52.51 36.04
N ALA A 267 34.86 51.36 36.70
CA ALA A 267 35.16 50.08 36.09
C ALA A 267 33.95 49.43 35.42
N ALA A 268 32.90 50.21 35.15
CA ALA A 268 31.73 49.67 34.47
C ALA A 268 32.03 49.47 33.00
N ALA A 269 31.95 48.22 32.55
CA ALA A 269 32.06 47.93 31.13
C ALA A 269 30.88 48.53 30.40
N GLY A 270 31.17 49.42 29.45
CA GLY A 270 30.16 50.26 28.84
C GLY A 270 29.20 49.54 27.92
N THR A 271 29.41 48.26 27.66
CA THR A 271 28.57 47.50 26.75
C THR A 271 27.76 46.42 27.43
N PHE A 272 27.95 46.19 28.74
CA PHE A 272 27.09 45.27 29.47
C PHE A 272 26.38 45.93 30.64
N GLU A 273 27.10 46.68 31.48
CA GLU A 273 26.49 47.27 32.67
C GLU A 273 25.53 48.39 32.30
N LEU A 274 25.87 49.18 31.28
CA LEU A 274 24.99 50.26 30.84
C LEU A 274 23.72 49.73 30.18
N VAL A 275 23.85 48.70 29.35
CA VAL A 275 22.72 48.13 28.62
C VAL A 275 21.75 47.43 29.56
N SER A 276 22.28 46.55 30.42
CA SER A 276 21.46 45.87 31.40
C SER A 276 20.92 46.83 32.46
N ALA A 277 21.65 47.91 32.74
CA ALA A 277 21.12 48.93 33.64
C ALA A 277 19.97 49.69 33.01
N LEU A 278 20.03 49.91 31.69
CA LEU A 278 18.91 50.54 30.98
C LEU A 278 17.68 49.64 30.97
N VAL A 279 17.86 48.34 30.74
CA VAL A 279 16.72 47.43 30.81
C VAL A 279 16.20 47.26 32.24
N TRP A 280 17.08 47.31 33.24
CA TRP A 280 16.67 47.29 34.64
C TRP A 280 15.86 48.53 35.00
N GLN A 281 16.29 49.69 34.49
CA GLN A 281 15.54 50.93 34.67
C GLN A 281 14.16 50.85 34.03
N ALA A 282 14.09 50.27 32.83
CA ALA A 282 12.81 50.16 32.14
C ALA A 282 11.87 49.18 32.84
N VAL A 283 12.41 48.12 33.42
CA VAL A 283 11.57 47.15 34.13
C VAL A 283 11.10 47.72 35.46
N ALA A 284 11.99 48.42 36.18
CA ALA A 284 11.63 48.99 37.47
C ALA A 284 10.75 50.23 37.35
N LYS A 285 10.72 50.87 36.19
CA LYS A 285 9.75 51.94 35.97
C LYS A 285 8.33 51.42 35.88
N ILE A 286 8.14 50.16 35.52
CA ILE A 286 6.83 49.57 35.30
C ILE A 286 6.39 48.73 36.49
N ARG A 287 7.29 47.91 37.03
CA ARG A 287 7.01 47.19 38.26
C ARG A 287 7.15 48.13 39.45
N GLY A 288 6.74 47.66 40.63
CA GLY A 288 6.79 48.49 41.82
C GLY A 288 8.21 48.73 42.30
N ASP A 289 8.85 47.69 42.82
CA ASP A 289 10.22 47.79 43.31
C ASP A 289 10.97 46.54 42.85
N VAL A 290 11.83 46.68 41.85
CA VAL A 290 12.79 45.65 41.50
C VAL A 290 14.09 46.06 42.16
N ASP A 291 14.26 45.65 43.42
CA ASP A 291 15.40 46.10 44.20
C ASP A 291 16.62 45.23 43.94
N THR A 292 16.46 43.92 44.06
CA THR A 292 17.56 42.98 43.85
C THR A 292 17.49 42.40 42.45
N VAL A 293 18.64 42.36 41.78
CA VAL A 293 18.74 41.71 40.47
C VAL A 293 19.78 40.60 40.55
N THR A 294 19.98 39.92 39.43
CA THR A 294 20.94 38.83 39.33
C THR A 294 21.79 39.06 38.09
N VAL A 295 23.10 38.88 38.21
CA VAL A 295 24.01 38.96 37.08
C VAL A 295 24.62 37.57 36.84
N VAL A 296 24.35 37.01 35.67
CA VAL A 296 24.88 35.70 35.32
C VAL A 296 25.89 35.87 34.22
N ARG A 297 27.15 36.04 34.58
CA ARG A 297 28.18 36.42 33.62
C ARG A 297 28.73 35.20 32.90
N ALA A 298 28.84 35.29 31.58
CA ALA A 298 29.54 34.29 30.78
C ALA A 298 30.99 34.71 30.62
N ASP A 299 31.71 34.68 31.73
CA ASP A 299 33.10 35.10 31.75
C ASP A 299 33.98 34.07 31.06
N ALA A 300 35.18 34.51 30.68
CA ALA A 300 36.14 33.64 29.99
C ALA A 300 37.31 33.23 30.86
N ALA A 301 37.72 34.07 31.81
CA ALA A 301 38.80 33.71 32.70
C ALA A 301 38.38 32.68 33.74
N ALA A 302 37.08 32.55 34.00
CA ALA A 302 36.56 31.55 34.91
C ALA A 302 36.32 30.20 34.26
N ARG A 303 36.52 30.09 32.95
CA ARG A 303 36.32 28.83 32.26
C ARG A 303 37.51 27.91 32.46
N SER A 304 37.24 26.62 32.52
CA SER A 304 38.26 25.59 32.46
C SER A 304 38.45 25.19 30.99
N GLY A 305 39.18 24.13 30.75
CA GLY A 305 39.31 23.63 29.40
C GLY A 305 38.17 22.76 28.91
N LYS A 306 37.19 22.48 29.76
CA LYS A 306 36.13 21.56 29.42
C LYS A 306 35.16 22.20 28.43
N SER A 307 34.62 21.37 27.54
CA SER A 307 33.76 21.85 26.47
C SER A 307 32.28 21.86 26.84
N LEU A 308 31.88 21.11 27.85
CA LEU A 308 30.49 21.05 28.31
C LEU A 308 30.50 21.21 29.83
N ALA A 309 30.41 22.45 30.29
CA ALA A 309 30.48 22.72 31.72
C ALA A 309 29.73 24.00 32.03
N ASN A 310 28.94 23.98 33.10
CA ASN A 310 28.11 25.13 33.49
C ASN A 310 28.91 26.05 34.41
N GLU A 311 29.92 26.68 33.83
CA GLU A 311 30.79 27.59 34.58
C GLU A 311 30.40 29.06 34.33
N MET A 312 29.20 29.43 34.79
CA MET A 312 28.83 30.84 34.79
C MET A 312 29.33 31.52 36.06
N LYS A 313 28.92 32.77 36.25
CA LYS A 313 29.26 33.54 37.44
C LYS A 313 27.96 34.16 37.95
N VAL A 314 27.27 33.44 38.83
CA VAL A 314 25.98 33.87 39.34
C VAL A 314 26.20 34.73 40.58
N GLY A 315 25.49 35.84 40.67
CA GLY A 315 25.58 36.70 41.83
C GLY A 315 24.44 37.69 41.82
N TYR A 316 24.15 38.23 43.01
CA TYR A 316 23.06 39.17 43.18
C TYR A 316 23.59 40.58 43.42
N VAL A 317 22.90 41.56 42.86
CA VAL A 317 23.21 42.97 43.07
C VAL A 317 21.94 43.65 43.57
N GLU A 318 22.05 44.42 44.65
CA GLU A 318 20.94 45.21 45.13
C GLU A 318 21.30 46.69 45.16
N SER A 319 20.28 47.53 45.28
CA SER A 319 20.49 48.97 45.28
C SER A 319 21.06 49.45 46.61
N ALA A 320 20.52 48.91 47.72
CA ALA A 320 20.92 49.23 49.10
C ALA A 320 20.82 50.74 49.38
N GLY A 321 19.61 51.27 49.20
CA GLY A 321 19.40 52.70 49.32
C GLY A 321 18.17 53.16 48.58
N SER A 322 18.33 54.16 47.71
CA SER A 322 17.23 54.67 46.92
C SER A 322 16.81 53.65 45.86
N SER A 323 15.55 53.76 45.43
CA SER A 323 14.98 52.82 44.48
C SER A 323 15.54 53.07 43.07
N PRO A 324 15.78 52.00 42.30
CA PRO A 324 16.28 52.16 40.94
C PRO A 324 15.22 52.53 39.90
N ALA A 325 14.04 53.00 40.32
CA ALA A 325 12.97 53.27 39.37
C ALA A 325 13.19 54.56 38.60
N LYS A 326 13.83 55.57 39.20
CA LYS A 326 14.03 56.84 38.50
C LYS A 326 15.42 57.43 38.68
N THR A 327 16.36 56.72 39.30
CA THR A 327 17.75 57.15 39.26
C THR A 327 18.33 56.92 37.87
N ASP A 328 19.43 57.62 37.57
CA ASP A 328 20.03 57.51 36.25
C ASP A 328 20.85 56.24 36.10
N VAL A 329 20.97 55.77 34.86
CA VAL A 329 21.55 54.45 34.59
C VAL A 329 23.05 54.38 34.80
N ALA A 330 23.74 55.53 34.92
CA ALA A 330 25.16 55.50 35.25
C ALA A 330 25.38 55.04 36.68
N GLU A 331 24.52 55.48 37.60
CA GLU A 331 24.59 55.02 38.98
C GLU A 331 24.30 53.53 39.08
N LEU A 332 23.33 53.03 38.32
CA LEU A 332 23.05 51.60 38.31
C LEU A 332 24.15 50.80 37.63
N ALA A 333 24.84 51.37 36.65
CA ALA A 333 25.95 50.67 36.02
C ALA A 333 27.15 50.57 36.95
N ALA A 334 27.49 51.66 37.63
CA ALA A 334 28.59 51.62 38.60
C ALA A 334 28.21 50.81 39.82
N LEU A 335 26.91 50.68 40.11
CA LEU A 335 26.42 49.82 41.17
C LEU A 335 26.46 48.34 40.78
N LEU A 336 26.21 48.04 39.51
CA LEU A 336 26.21 46.65 39.05
C LEU A 336 27.62 46.14 38.83
N ALA A 337 28.55 47.00 38.45
CA ALA A 337 29.92 46.54 38.20
C ALA A 337 30.76 46.45 39.47
N LYS A 338 30.29 46.98 40.59
CA LYS A 338 31.08 47.04 41.82
C LYS A 338 30.45 46.28 42.96
N ASN A 339 29.14 46.43 43.18
CA ASN A 339 28.47 45.87 44.35
C ASN A 339 27.93 44.47 44.12
N VAL A 340 28.50 43.72 43.17
CA VAL A 340 28.05 42.35 42.96
C VAL A 340 28.60 41.45 44.06
N VAL A 341 27.71 40.72 44.71
CA VAL A 341 28.07 39.70 45.70
C VAL A 341 27.94 38.35 45.00
N ASP A 342 29.08 37.74 44.69
CA ASP A 342 29.10 36.54 43.87
C ASP A 342 28.66 35.33 44.67
N GLU A 343 27.80 34.51 44.05
CA GLU A 343 27.21 33.35 44.71
C GLU A 343 27.24 32.11 43.82
N THR A 344 28.21 32.00 42.91
CA THR A 344 28.18 30.92 41.95
C THR A 344 28.57 29.57 42.54
N ALA A 345 29.18 29.55 43.73
CA ALA A 345 29.57 28.30 44.36
C ALA A 345 28.49 27.74 45.27
N ALA A 346 27.74 28.61 45.94
CA ALA A 346 26.63 28.15 46.79
C ALA A 346 25.43 27.71 45.95
N VAL A 347 25.30 28.19 44.72
CA VAL A 347 24.27 27.67 43.82
C VAL A 347 24.58 26.23 43.44
N ALA A 348 25.84 25.93 43.17
CA ALA A 348 26.24 24.56 42.84
C ALA A 348 26.26 23.66 44.07
N ALA A 349 26.60 24.20 45.24
CA ALA A 349 26.67 23.42 46.45
C ALA A 349 25.30 23.12 47.07
N PHE A 350 24.23 23.72 46.54
CA PHE A 350 22.90 23.45 47.05
C PHE A 350 22.40 22.09 46.57
N GLN A 351 21.36 21.59 47.23
CA GLN A 351 20.87 20.23 46.99
C GLN A 351 19.56 20.16 46.22
N GLY A 352 18.71 21.20 46.30
CA GLY A 352 17.41 21.17 45.66
C GLY A 352 17.39 21.87 44.32
N ASP A 353 16.20 21.89 43.72
CA ASP A 353 15.98 22.60 42.48
C ASP A 353 15.98 24.11 42.75
N VAL A 354 16.65 24.87 41.89
CA VAL A 354 17.13 26.15 42.36
C VAL A 354 16.67 27.34 41.51
N LEU A 355 16.36 27.09 40.23
CA LEU A 355 15.70 28.05 39.29
C LEU A 355 16.37 29.43 39.26
N VAL A 356 17.60 29.45 38.72
CA VAL A 356 18.41 30.67 38.78
C VAL A 356 17.88 31.74 37.82
N TYR A 357 17.58 31.36 36.58
CA TYR A 357 17.26 32.33 35.53
C TYR A 357 15.84 32.86 35.73
N GLY A 358 15.74 34.00 36.39
CA GLY A 358 14.47 34.67 36.58
C GLY A 358 13.64 34.14 37.72
N GLY A 359 14.20 33.28 38.57
CA GLY A 359 13.44 32.72 39.66
C GLY A 359 13.20 33.71 40.78
N ALA A 360 14.27 34.14 41.44
CA ALA A 360 14.12 35.10 42.53
C ALA A 360 14.15 36.53 42.02
N ASN A 361 15.03 36.84 41.07
CA ASN A 361 15.27 38.20 40.66
C ASN A 361 15.39 38.27 39.14
N LEU A 362 15.33 39.49 38.61
CA LEU A 362 15.53 39.73 37.19
C LEU A 362 17.00 39.48 36.85
N THR A 363 17.26 38.44 36.05
CA THR A 363 18.63 38.14 35.67
C THR A 363 19.09 39.02 34.53
N LEU A 364 20.39 39.32 34.53
CA LEU A 364 21.05 40.13 33.52
C LEU A 364 22.24 39.31 33.04
N VAL A 365 22.15 38.75 31.84
CA VAL A 365 23.13 37.77 31.37
C VAL A 365 24.16 38.48 30.49
N ASP A 366 25.39 37.98 30.52
CA ASP A 366 26.55 38.62 29.88
C ASP A 366 27.04 37.77 28.73
N MET A 367 26.13 37.38 27.84
CA MET A 367 26.46 36.67 26.61
C MET A 367 26.94 37.67 25.55
N GLU A 368 27.98 38.46 25.85
CA GLU A 368 28.45 39.44 24.89
C GLU A 368 29.85 39.14 24.36
N GLN A 369 30.66 38.36 25.08
CA GLN A 369 31.92 37.86 24.59
C GLN A 369 31.78 36.47 24.00
N VAL A 370 30.55 36.02 23.76
CA VAL A 370 30.29 34.71 23.20
C VAL A 370 30.25 34.83 21.69
N ASP A 371 31.00 33.97 21.00
CA ASP A 371 31.16 34.07 19.55
C ASP A 371 29.90 33.53 18.87
N LEU A 372 28.89 34.40 18.83
CA LEU A 372 27.61 34.02 18.22
C LEU A 372 27.71 33.92 16.71
N TYR A 373 28.40 34.88 16.09
CA TYR A 373 28.45 34.95 14.64
C TYR A 373 29.59 34.13 14.04
N GLY A 374 30.19 33.24 14.83
CA GLY A 374 31.16 32.30 14.33
C GLY A 374 30.56 31.03 13.76
N LEU A 375 29.26 31.01 13.49
CA LEU A 375 28.62 29.87 12.83
C LEU A 375 28.67 30.06 11.32
N GLU A 376 29.90 30.22 10.82
CA GLU A 376 30.15 30.34 9.39
C GLU A 376 30.00 28.96 8.77
N ILE A 377 28.95 28.78 7.97
CA ILE A 377 28.57 27.45 7.49
C ILE A 377 29.55 26.95 6.45
N LYS A 378 29.66 27.65 5.32
CA LYS A 378 30.69 27.38 4.34
C LYS A 378 31.63 28.57 4.21
N GLY A 379 31.08 29.72 3.86
CA GLY A 379 31.80 30.98 3.95
C GLY A 379 30.79 32.03 4.34
N GLN A 380 29.63 31.57 4.82
CA GLN A 380 28.46 32.40 5.02
C GLN A 380 28.29 32.71 6.51
N ARG A 381 28.76 33.87 6.91
CA ARG A 381 28.52 34.35 8.27
C ARG A 381 27.04 34.68 8.41
N PRO A 382 26.44 34.46 9.58
CA PRO A 382 25.00 34.72 9.72
C PRO A 382 24.66 36.20 9.65
N VAL A 383 23.44 36.47 9.19
CA VAL A 383 22.95 37.84 9.08
C VAL A 383 22.50 38.37 10.44
N TYR A 384 21.90 37.50 11.25
CA TYR A 384 21.30 37.88 12.52
C TYR A 384 21.25 36.64 13.39
N VAL A 385 21.71 36.78 14.64
CA VAL A 385 21.71 35.68 15.60
C VAL A 385 21.02 36.17 16.86
N GLU A 386 19.90 35.55 17.22
CA GLU A 386 19.20 35.87 18.45
C GLU A 386 19.15 34.64 19.34
N TYR A 387 19.26 34.87 20.65
CA TYR A 387 19.22 33.83 21.64
C TYR A 387 18.09 34.10 22.63
N GLY A 388 17.16 33.16 22.75
CA GLY A 388 16.14 33.21 23.75
C GLY A 388 16.36 32.16 24.83
N MET A 389 15.36 32.01 25.69
CA MET A 389 15.43 31.02 26.76
C MET A 389 14.06 30.39 26.98
N ASP A 390 14.06 29.37 27.82
CA ASP A 390 12.85 28.71 28.27
C ASP A 390 12.99 28.39 29.74
N GLY A 391 11.86 28.19 30.41
CA GLY A 391 11.89 27.89 31.83
C GLY A 391 12.24 29.07 32.71
N VAL A 392 12.14 30.29 32.19
CA VAL A 392 12.44 31.47 32.98
C VAL A 392 11.30 31.71 33.97
N GLY A 393 11.65 31.92 35.24
CA GLY A 393 10.64 32.25 36.24
C GLY A 393 10.05 33.63 36.03
N ASP A 394 9.02 33.92 36.82
CA ASP A 394 8.25 35.14 36.62
C ASP A 394 8.87 36.36 37.28
N GLU A 395 10.15 36.61 37.01
CA GLU A 395 10.79 37.87 37.38
C GLU A 395 11.45 38.46 36.15
N GLY A 396 11.87 37.59 35.23
CA GLY A 396 12.40 38.05 33.96
C GLY A 396 13.85 37.71 33.73
N ALA A 397 14.25 37.64 32.46
CA ALA A 397 15.62 37.39 32.06
C ALA A 397 16.00 38.36 30.95
N VAL A 398 17.22 38.87 31.02
CA VAL A 398 17.75 39.82 30.05
C VAL A 398 19.03 39.26 29.47
N LEU A 399 19.07 39.11 28.15
CA LEU A 399 20.17 38.47 27.45
C LEU A 399 20.82 39.48 26.51
N VAL A 400 21.98 40.01 26.90
CA VAL A 400 22.68 41.01 26.11
C VAL A 400 23.67 40.29 25.20
N GLN A 401 23.44 40.35 23.88
CA GLN A 401 24.14 39.59 22.87
C GLN A 401 24.94 40.51 21.97
N PRO A 402 25.91 40.01 21.21
CA PRO A 402 26.63 40.86 20.25
C PRO A 402 25.84 41.04 18.96
N ASP A 403 26.33 41.98 18.15
CA ASP A 403 25.71 42.36 16.89
C ASP A 403 26.50 41.76 15.72
N ALA A 404 25.93 41.87 14.52
CA ALA A 404 26.55 41.31 13.32
C ALA A 404 27.82 42.05 12.94
N ASP A 405 27.81 43.38 13.01
CA ASP A 405 29.02 44.14 12.71
C ASP A 405 30.05 44.00 13.82
N GLY A 406 29.61 43.71 15.03
CA GLY A 406 30.50 43.50 16.15
C GLY A 406 30.65 44.65 17.12
N ARG A 407 29.78 45.65 17.05
CA ARG A 407 29.89 46.81 17.93
C ARG A 407 28.63 47.08 18.73
N GLY A 408 27.45 46.91 18.12
CA GLY A 408 26.20 47.09 18.84
C GLY A 408 25.83 45.90 19.69
N ARG A 409 24.68 45.99 20.32
CA ARG A 409 24.20 44.93 21.19
C ARG A 409 22.78 44.54 20.83
N LEU A 410 22.49 43.24 20.99
CA LEU A 410 21.15 42.69 20.82
C LEU A 410 20.66 42.22 22.17
N VAL A 411 19.50 42.72 22.61
CA VAL A 411 18.99 42.46 23.94
C VAL A 411 17.68 41.70 23.82
N THR A 412 17.72 40.40 24.06
CA THR A 412 16.50 39.60 24.18
C THR A 412 16.02 39.66 25.61
N VAL A 413 14.75 40.02 25.80
CA VAL A 413 14.17 40.21 27.12
C VAL A 413 13.02 39.22 27.26
N VAL A 414 13.13 38.32 28.24
CA VAL A 414 12.10 37.32 28.51
C VAL A 414 11.24 37.84 29.64
N LEU A 415 9.98 38.11 29.35
CA LEU A 415 9.09 38.80 30.29
C LEU A 415 7.69 38.23 30.13
N PRO A 416 6.82 38.34 31.18
CA PRO A 416 5.52 37.63 31.13
C PRO A 416 4.48 38.15 30.14
N GLY A 417 4.83 39.10 29.27
CA GLY A 417 3.94 39.53 28.21
C GLY A 417 3.12 40.76 28.54
N ASP A 418 2.80 40.98 29.82
CA ASP A 418 2.07 42.17 30.24
C ASP A 418 2.96 43.40 30.34
N GLU A 419 4.27 43.26 30.12
CA GLU A 419 5.21 44.36 30.26
C GLU A 419 5.90 44.75 28.98
N ILE A 420 5.98 43.86 27.99
CA ILE A 420 6.69 44.15 26.74
C ILE A 420 5.95 45.18 25.91
N ASP A 421 4.65 45.34 26.13
CA ASP A 421 3.91 46.44 25.54
C ASP A 421 4.33 47.79 26.11
N SER A 422 4.88 47.80 27.33
CA SER A 422 5.30 49.03 27.98
C SER A 422 6.82 49.18 28.09
N LEU A 423 7.59 48.10 27.95
CA LEU A 423 9.03 48.27 27.76
C LEU A 423 9.36 48.89 26.42
N ARG A 424 8.54 48.64 25.40
CA ARG A 424 8.75 49.31 24.12
C ARG A 424 8.37 50.78 24.20
N ALA A 425 7.54 51.17 25.16
CA ALA A 425 7.21 52.57 25.38
C ALA A 425 8.27 53.28 26.21
N ALA A 426 8.93 52.57 27.11
CA ALA A 426 9.93 53.18 27.99
C ALA A 426 11.33 53.18 27.39
N LEU A 427 11.70 52.11 26.69
CA LEU A 427 13.04 52.04 26.11
C LEU A 427 13.16 52.89 24.86
N GLY A 428 12.05 53.11 24.15
CA GLY A 428 12.07 53.89 22.93
C GLY A 428 12.36 55.36 23.12
N SER A 429 12.14 55.88 24.34
CA SER A 429 12.49 57.26 24.64
C SER A 429 13.99 57.47 24.69
N ALA A 430 14.77 56.42 24.97
CA ALA A 430 16.22 56.49 25.02
C ALA A 430 16.90 55.94 23.79
N LEU A 431 16.37 54.85 23.22
CA LEU A 431 16.97 54.23 22.05
C LEU A 431 16.69 54.97 20.75
N HIS A 432 15.79 55.96 20.77
CA HIS A 432 15.34 56.75 19.62
C HIS A 432 14.81 55.88 18.47
N GLY B 22 -30.20 2.72 16.50
CA GLY B 22 -30.48 1.55 15.70
C GLY B 22 -30.77 1.88 14.25
N ALA B 23 -29.88 2.63 13.62
CA ALA B 23 -30.03 3.04 12.24
C ALA B 23 -29.28 2.09 11.31
N VAL B 24 -29.57 2.23 10.02
CA VAL B 24 -28.95 1.40 8.98
C VAL B 24 -27.62 2.03 8.60
N HIS B 25 -26.57 1.22 8.54
CA HIS B 25 -25.24 1.73 8.28
C HIS B 25 -24.43 0.68 7.54
N GLY B 26 -23.23 1.09 7.11
CA GLY B 26 -22.31 0.18 6.45
C GLY B 26 -22.71 -0.20 5.04
N HIS B 27 -23.11 0.77 4.23
CA HIS B 27 -23.56 0.51 2.87
C HIS B 27 -22.37 0.15 1.98
N ARG B 28 -22.43 -1.01 1.34
CA ARG B 28 -21.45 -1.43 0.35
C ARG B 28 -22.17 -1.63 -0.98
N LEU B 29 -21.73 -0.93 -2.01
CA LEU B 29 -22.41 -0.94 -3.30
C LEU B 29 -21.73 -1.93 -4.24
N SER B 30 -22.53 -2.58 -5.07
CA SER B 30 -22.05 -3.60 -5.99
C SER B 30 -23.09 -3.77 -7.09
N THR B 31 -22.66 -4.36 -8.21
CA THR B 31 -23.54 -4.55 -9.36
C THR B 31 -23.58 -6.01 -9.78
N VAL B 32 -24.73 -6.40 -10.35
CA VAL B 32 -24.92 -7.70 -10.98
C VAL B 32 -25.39 -7.46 -12.40
N VAL B 33 -24.67 -8.01 -13.36
CA VAL B 33 -24.98 -7.82 -14.78
C VAL B 33 -25.67 -9.09 -15.29
N PRO B 34 -26.26 -9.09 -16.48
CA PRO B 34 -26.67 -10.38 -17.07
C PRO B 34 -25.46 -11.23 -17.41
N SER B 35 -25.65 -12.55 -17.36
CA SER B 35 -24.54 -13.45 -17.61
C SER B 35 -24.23 -13.56 -19.10
N SER B 36 -25.22 -13.44 -19.96
CA SER B 36 -25.03 -13.48 -21.40
C SER B 36 -25.09 -12.07 -21.96
N VAL B 37 -24.22 -11.79 -22.93
CA VAL B 37 -24.17 -10.47 -23.54
C VAL B 37 -25.40 -10.26 -24.40
N THR B 38 -26.11 -9.16 -24.14
CA THR B 38 -27.33 -8.88 -24.88
C THR B 38 -27.04 -8.38 -26.29
N GLY B 39 -26.02 -7.56 -26.45
CA GLY B 39 -25.74 -6.94 -27.72
C GLY B 39 -26.33 -5.55 -27.81
N GLU B 40 -26.42 -5.06 -29.05
CA GLU B 40 -26.97 -3.73 -29.29
C GLU B 40 -28.48 -3.89 -29.51
N VAL B 41 -29.19 -4.07 -28.41
CA VAL B 41 -30.64 -4.15 -28.39
C VAL B 41 -31.15 -2.87 -27.76
N ASP B 42 -32.22 -2.31 -28.34
CA ASP B 42 -32.86 -1.11 -27.81
C ASP B 42 -34.29 -1.47 -27.43
N TYR B 43 -34.58 -1.47 -26.13
CA TYR B 43 -35.91 -1.80 -25.66
C TYR B 43 -36.81 -0.58 -25.80
N ALA B 44 -37.75 -0.64 -26.74
CA ALA B 44 -38.66 0.47 -26.95
C ALA B 44 -39.68 0.54 -25.82
N LEU B 45 -39.86 1.72 -25.25
CA LEU B 45 -40.81 1.93 -24.18
C LEU B 45 -42.19 2.21 -24.76
N ALA B 46 -43.21 1.88 -23.98
CA ALA B 46 -44.58 2.11 -24.40
C ALA B 46 -45.02 3.52 -24.04
N ASP B 47 -46.20 3.90 -24.51
CA ASP B 47 -46.78 5.19 -24.13
C ASP B 47 -47.30 5.17 -22.71
N ALA B 48 -47.52 3.99 -22.13
CA ALA B 48 -47.87 3.87 -20.73
C ALA B 48 -46.64 3.83 -19.82
N ASP B 49 -45.50 3.37 -20.34
CA ASP B 49 -44.28 3.36 -19.53
C ASP B 49 -43.75 4.77 -19.32
N LEU B 50 -43.93 5.66 -20.28
CA LEU B 50 -43.46 7.03 -20.18
C LEU B 50 -44.45 7.94 -19.44
N ALA B 51 -45.63 7.44 -19.11
CA ALA B 51 -46.57 8.17 -18.26
C ALA B 51 -46.30 7.97 -16.79
N PHE B 52 -45.55 6.92 -16.44
CA PHE B 52 -45.25 6.59 -15.05
C PHE B 52 -43.77 6.74 -14.74
N LYS B 53 -43.04 7.53 -15.53
CA LYS B 53 -41.59 7.60 -15.38
C LYS B 53 -41.15 8.43 -14.20
N LEU B 54 -42.03 9.26 -13.64
CA LEU B 54 -41.66 10.12 -12.53
C LEU B 54 -41.81 9.44 -11.17
N HIS B 55 -42.53 8.33 -11.12
CA HIS B 55 -42.75 7.61 -9.87
C HIS B 55 -41.78 6.45 -9.75
N TYR B 56 -41.68 5.92 -8.52
CA TYR B 56 -40.78 4.82 -8.21
C TYR B 56 -41.47 3.91 -7.22
N LEU B 57 -40.87 2.75 -6.99
CA LEU B 57 -41.43 1.77 -6.07
C LEU B 57 -40.40 1.41 -5.01
N ARG B 58 -40.85 1.31 -3.76
CA ARG B 58 -40.02 0.96 -2.62
C ARG B 58 -40.66 -0.23 -1.92
N GLY B 59 -40.21 -1.44 -2.28
CA GLY B 59 -40.75 -2.62 -1.65
C GLY B 59 -39.77 -3.32 -0.73
N VAL B 60 -40.15 -3.55 0.52
CA VAL B 60 -39.29 -4.21 1.51
C VAL B 60 -39.91 -5.55 1.85
N TYR B 61 -39.09 -6.60 1.84
CA TYR B 61 -39.50 -7.96 2.16
C TYR B 61 -38.72 -8.41 3.39
N TYR B 62 -39.41 -8.58 4.51
CA TYR B 62 -38.76 -8.94 5.76
C TYR B 62 -38.74 -10.45 5.94
N TYR B 63 -37.60 -10.96 6.38
CA TYR B 63 -37.40 -12.39 6.61
C TYR B 63 -36.93 -12.62 8.03
N ARG B 64 -37.38 -13.72 8.63
CA ARG B 64 -37.05 -14.01 10.02
C ARG B 64 -35.60 -14.48 10.17
N SER B 65 -35.19 -15.42 9.33
CA SER B 65 -33.90 -16.09 9.49
C SER B 65 -33.13 -16.04 8.17
N GLY B 66 -32.10 -15.19 8.13
CA GLY B 66 -31.22 -15.16 6.99
C GLY B 66 -29.97 -16.01 7.16
N ASP B 67 -30.16 -17.29 7.51
CA ASP B 67 -29.03 -18.20 7.67
C ASP B 67 -28.69 -18.88 6.35
N GLY B 68 -27.40 -18.92 6.03
CA GLY B 68 -26.94 -19.42 4.75
C GLY B 68 -27.14 -18.48 3.59
N LEU B 69 -27.81 -17.34 3.80
CA LEU B 69 -28.12 -16.38 2.74
C LEU B 69 -27.12 -15.22 2.78
N ALA B 70 -25.86 -15.55 2.53
CA ALA B 70 -24.85 -14.52 2.44
C ALA B 70 -25.00 -13.75 1.13
N THR B 71 -24.28 -12.64 1.02
CA THR B 71 -24.39 -11.80 -0.17
C THR B 71 -23.43 -12.24 -1.27
N LYS B 72 -23.42 -13.53 -1.50
CA LYS B 72 -22.97 -14.27 -2.68
C LYS B 72 -24.04 -15.27 -3.10
N VAL B 73 -24.69 -15.91 -2.13
CA VAL B 73 -25.81 -16.82 -2.40
C VAL B 73 -27.00 -16.03 -2.91
N LEU B 74 -27.18 -14.79 -2.45
CA LEU B 74 -28.28 -13.97 -2.94
C LEU B 74 -27.95 -13.33 -4.29
N LYS B 75 -26.68 -13.04 -4.55
CA LYS B 75 -26.29 -12.35 -5.77
C LYS B 75 -26.06 -13.26 -6.96
N ASP B 76 -25.72 -14.53 -6.73
CA ASP B 76 -25.47 -15.44 -7.84
C ASP B 76 -26.68 -15.78 -8.71
N PRO B 77 -27.92 -15.94 -8.23
CA PRO B 77 -29.04 -16.12 -9.17
C PRO B 77 -29.47 -14.88 -9.91
N MET B 78 -28.94 -13.70 -9.58
CA MET B 78 -29.28 -12.49 -10.31
C MET B 78 -28.65 -12.44 -11.69
N PHE B 79 -27.62 -13.25 -11.94
CA PHE B 79 -27.00 -13.35 -13.25
C PHE B 79 -27.83 -14.18 -14.23
N PRO B 80 -28.46 -15.32 -13.86
CA PRO B 80 -29.47 -15.89 -14.78
C PRO B 80 -30.79 -15.15 -14.79
N TRP B 81 -31.11 -14.39 -13.75
CA TRP B 81 -32.39 -13.70 -13.68
C TRP B 81 -32.44 -12.51 -14.63
N LEU B 82 -31.31 -11.85 -14.85
CA LEU B 82 -31.26 -10.70 -15.73
C LEU B 82 -30.99 -11.08 -17.18
N ASP B 83 -30.75 -12.35 -17.47
CA ASP B 83 -30.73 -12.80 -18.86
C ASP B 83 -32.12 -12.77 -19.46
N ASP B 84 -33.14 -13.05 -18.66
CA ASP B 84 -34.53 -12.96 -19.10
C ASP B 84 -35.08 -11.55 -18.97
N HIS B 85 -34.61 -10.77 -18.00
CA HIS B 85 -35.10 -9.44 -17.70
C HIS B 85 -34.06 -8.37 -18.01
N PHE B 86 -33.39 -8.50 -19.15
CA PHE B 86 -32.36 -7.57 -19.60
C PHE B 86 -32.73 -6.10 -19.80
N PRO B 87 -34.01 -5.68 -20.00
CA PRO B 87 -34.27 -4.23 -19.92
C PRO B 87 -34.11 -3.64 -18.54
N VAL B 88 -34.21 -4.44 -17.47
CA VAL B 88 -34.03 -3.92 -16.13
C VAL B 88 -32.56 -3.61 -15.86
N ALA B 89 -31.65 -4.32 -16.53
CA ALA B 89 -30.22 -4.07 -16.39
C ALA B 89 -29.70 -3.04 -17.38
N GLY B 90 -30.57 -2.42 -18.18
CA GLY B 90 -30.16 -1.40 -19.12
C GLY B 90 -30.25 -0.01 -18.54
N ARG B 91 -29.94 0.97 -19.37
CA ARG B 91 -30.01 2.37 -19.00
C ARG B 91 -30.93 3.09 -19.98
N VAL B 92 -31.41 4.27 -19.58
CA VAL B 92 -32.37 5.03 -20.37
C VAL B 92 -31.62 6.08 -21.19
N ARG B 93 -31.96 6.16 -22.48
CA ARG B 93 -31.35 7.11 -23.40
C ARG B 93 -32.42 7.94 -24.07
N ARG B 94 -32.06 8.71 -25.10
CA ARG B 94 -33.03 9.54 -25.82
C ARG B 94 -32.72 9.53 -27.30
N ALA B 95 -33.76 9.38 -28.11
CA ALA B 95 -33.62 9.41 -29.56
C ALA B 95 -33.91 10.81 -30.08
N GLU B 96 -33.30 11.15 -31.21
CA GLU B 96 -33.42 12.48 -31.78
C GLU B 96 -34.54 12.53 -32.81
N ALA B 97 -35.13 13.72 -32.96
CA ALA B 97 -36.28 13.89 -33.82
C ALA B 97 -35.87 13.89 -35.29
N GLU B 98 -36.87 13.62 -36.15
CA GLU B 98 -36.63 13.57 -37.59
C GLU B 98 -36.77 14.92 -38.26
N GLY B 99 -37.53 15.85 -37.67
CA GLY B 99 -37.65 17.20 -38.19
C GLY B 99 -37.14 18.22 -37.20
N ASP B 100 -38.05 19.06 -36.70
CA ASP B 100 -37.72 19.96 -35.61
C ASP B 100 -37.69 19.17 -34.30
N GLY B 101 -36.76 19.55 -33.43
CA GLY B 101 -36.51 18.77 -32.24
C GLY B 101 -37.37 19.11 -31.04
N ALA B 102 -38.69 19.17 -31.24
CA ALA B 102 -39.59 19.43 -30.12
C ALA B 102 -39.87 18.16 -29.28
N PRO B 103 -40.16 16.94 -29.87
CA PRO B 103 -40.19 15.76 -29.01
C PRO B 103 -38.87 14.99 -28.99
N ARG B 104 -38.61 14.29 -27.88
CA ARG B 104 -37.47 13.36 -27.78
C ARG B 104 -37.94 12.18 -26.93
N ARG B 105 -38.44 11.14 -27.59
CA ARG B 105 -39.01 10.00 -26.89
C ARG B 105 -37.89 9.09 -26.37
N PRO B 106 -37.85 8.80 -25.08
CA PRO B 106 -36.76 7.97 -24.55
C PRO B 106 -36.95 6.49 -24.90
N TYR B 107 -35.89 5.73 -24.62
CA TYR B 107 -35.91 4.29 -24.77
C TYR B 107 -34.87 3.72 -23.82
N ILE B 108 -35.00 2.42 -23.55
CA ILE B 108 -34.07 1.71 -22.66
C ILE B 108 -33.04 1.03 -23.55
N LYS B 109 -31.85 1.60 -23.61
CA LYS B 109 -30.76 0.96 -24.33
C LYS B 109 -30.24 -0.20 -23.51
N CYS B 110 -30.33 -1.41 -24.04
CA CYS B 110 -30.01 -2.62 -23.29
C CYS B 110 -28.51 -2.90 -23.30
N ASN B 111 -27.74 -1.95 -22.79
CA ASN B 111 -26.38 -2.24 -22.38
C ASN B 111 -26.43 -2.87 -21.00
N ASP B 112 -25.61 -3.89 -20.78
CA ASP B 112 -25.70 -4.66 -19.53
C ASP B 112 -24.97 -3.93 -18.41
N CYS B 113 -25.53 -2.78 -18.02
CA CYS B 113 -24.88 -1.96 -17.03
C CYS B 113 -25.08 -2.53 -15.63
N GLY B 114 -26.27 -3.05 -15.34
CA GLY B 114 -26.47 -3.90 -14.19
C GLY B 114 -27.49 -3.34 -13.23
N VAL B 115 -27.64 -4.04 -12.11
CA VAL B 115 -28.56 -3.71 -11.03
C VAL B 115 -27.72 -3.49 -9.78
N ARG B 116 -27.95 -2.39 -9.08
CA ARG B 116 -27.17 -2.11 -7.88
C ARG B 116 -27.56 -3.03 -6.73
N ILE B 117 -26.54 -3.52 -6.02
CA ILE B 117 -26.71 -4.30 -4.81
C ILE B 117 -26.07 -3.51 -3.68
N VAL B 118 -26.85 -3.22 -2.64
CA VAL B 118 -26.39 -2.42 -1.51
C VAL B 118 -26.42 -3.31 -0.27
N GLU B 119 -25.27 -3.78 0.16
CA GLU B 119 -25.17 -4.61 1.36
C GLU B 119 -25.04 -3.71 2.57
N ALA B 120 -26.09 -3.66 3.38
CA ALA B 120 -26.12 -2.84 4.59
C ALA B 120 -26.37 -3.70 5.80
N ARG B 121 -26.22 -3.10 6.98
CA ARG B 121 -26.49 -3.77 8.23
C ARG B 121 -27.21 -2.83 9.17
N CYS B 122 -27.96 -3.40 10.10
CA CYS B 122 -28.69 -2.63 11.10
C CYS B 122 -28.58 -3.36 12.43
N ASP B 123 -28.05 -2.68 13.44
CA ASP B 123 -27.88 -3.31 14.74
C ASP B 123 -29.17 -3.39 15.55
N ARG B 124 -30.23 -2.73 15.11
CA ARG B 124 -31.52 -2.89 15.74
C ARG B 124 -32.10 -4.26 15.39
N ASP B 125 -32.87 -4.81 16.32
CA ASP B 125 -33.56 -6.08 16.06
C ASP B 125 -34.81 -5.86 15.23
N MET B 126 -35.06 -6.78 14.29
CA MET B 126 -36.05 -6.56 13.25
C MET B 126 -37.48 -6.67 13.76
N ALA B 127 -37.72 -7.55 14.74
CA ALA B 127 -39.07 -7.74 15.25
C ALA B 127 -39.57 -6.53 16.02
N GLU B 128 -38.66 -5.75 16.61
CA GLU B 128 -39.06 -4.50 17.22
C GLU B 128 -39.36 -3.44 16.15
N TRP B 129 -38.58 -3.42 15.08
CA TRP B 129 -38.73 -2.39 14.06
C TRP B 129 -39.94 -2.61 13.17
N ILE B 130 -40.39 -3.86 13.00
CA ILE B 130 -41.59 -4.12 12.21
C ILE B 130 -42.82 -3.56 12.94
N ARG B 131 -42.95 -3.85 14.23
CA ARG B 131 -44.05 -3.32 15.03
C ARG B 131 -43.56 -2.09 15.78
N ASP B 132 -43.40 -0.99 15.03
CA ASP B 132 -42.98 0.28 15.63
C ASP B 132 -43.90 1.41 15.20
N ALA B 133 -44.47 1.30 13.99
CA ALA B 133 -45.44 2.23 13.40
C ALA B 133 -44.89 3.65 13.25
N ALA B 134 -43.57 3.82 13.21
CA ALA B 134 -42.99 5.14 13.01
C ALA B 134 -42.70 5.37 11.53
N PRO B 135 -42.95 6.58 11.03
CA PRO B 135 -42.69 6.85 9.60
C PRO B 135 -41.21 6.95 9.32
N GLY B 136 -40.83 6.47 8.14
CA GLY B 136 -39.44 6.46 7.73
C GLY B 136 -38.75 5.11 7.81
N ARG B 137 -39.50 4.01 7.72
CA ARG B 137 -38.90 2.68 7.73
C ARG B 137 -38.58 2.18 6.33
N ILE B 138 -39.46 2.48 5.37
CA ILE B 138 -39.23 2.07 3.99
C ILE B 138 -38.11 2.89 3.36
N ARG B 139 -37.88 4.09 3.87
CA ARG B 139 -36.83 4.95 3.31
C ARG B 139 -35.44 4.47 3.72
N GLN B 140 -35.33 3.80 4.86
CA GLN B 140 -34.03 3.36 5.35
C GLN B 140 -33.61 2.01 4.82
N LEU B 141 -34.55 1.18 4.38
CA LEU B 141 -34.25 -0.17 3.92
C LEU B 141 -34.25 -0.31 2.41
N CYS B 142 -34.71 0.72 1.69
CA CYS B 142 -34.54 0.81 0.25
C CYS B 142 -33.56 1.92 -0.05
N TYR B 143 -32.63 1.66 -0.97
CA TYR B 143 -31.66 2.68 -1.37
C TYR B 143 -32.39 3.77 -2.14
N ASP B 144 -32.58 4.92 -1.50
CA ASP B 144 -33.42 5.98 -2.05
C ASP B 144 -32.62 6.72 -3.12
N LYS B 145 -32.64 6.18 -4.32
CA LYS B 145 -32.13 6.85 -5.49
C LYS B 145 -33.23 6.92 -6.55
N VAL B 146 -32.91 7.57 -7.66
CA VAL B 146 -33.89 8.11 -8.60
C VAL B 146 -33.20 8.12 -9.97
N LEU B 147 -34.00 7.98 -11.04
CA LEU B 147 -33.46 8.27 -12.37
C LEU B 147 -33.21 9.77 -12.44
N GLY B 148 -32.04 10.21 -11.97
CA GLY B 148 -31.86 11.56 -11.51
C GLY B 148 -30.92 12.40 -12.35
N PRO B 149 -30.01 13.12 -11.68
CA PRO B 149 -29.25 14.18 -12.36
C PRO B 149 -28.26 13.68 -13.39
N GLU B 150 -27.85 12.43 -13.32
CA GLU B 150 -27.17 11.74 -14.42
C GLU B 150 -28.14 10.69 -14.92
N LEU B 151 -29.03 11.11 -15.82
CA LEU B 151 -30.12 10.25 -16.26
C LEU B 151 -29.62 9.08 -17.11
N PHE B 152 -28.56 9.31 -17.89
CA PHE B 152 -28.03 8.27 -18.76
C PHE B 152 -27.24 7.21 -17.99
N PHE B 153 -26.92 7.46 -16.72
CA PHE B 153 -26.04 6.61 -15.92
C PHE B 153 -26.67 6.31 -14.57
N SER B 154 -27.99 6.15 -14.53
CA SER B 154 -28.68 5.85 -13.29
C SER B 154 -29.39 4.51 -13.42
N PRO B 155 -29.22 3.59 -12.46
CA PRO B 155 -29.87 2.29 -12.54
C PRO B 155 -31.38 2.37 -12.40
N LEU B 156 -32.05 1.37 -12.99
CA LEU B 156 -33.49 1.24 -12.89
C LEU B 156 -33.92 0.37 -11.72
N LEU B 157 -32.98 -0.32 -11.07
CA LEU B 157 -33.33 -1.18 -9.94
C LEU B 157 -32.19 -1.18 -8.94
N TYR B 158 -32.54 -0.98 -7.67
CA TYR B 158 -31.62 -1.07 -6.55
C TYR B 158 -32.14 -2.13 -5.59
N VAL B 159 -31.28 -3.04 -5.16
CA VAL B 159 -31.65 -4.08 -4.20
C VAL B 159 -30.77 -3.89 -2.98
N GLN B 160 -31.38 -3.55 -1.85
CA GLN B 160 -30.65 -3.39 -0.60
C GLN B 160 -30.89 -4.61 0.29
N ILE B 161 -29.80 -5.19 0.78
CA ILE B 161 -29.84 -6.35 1.65
C ILE B 161 -29.36 -5.91 3.02
N THR B 162 -30.29 -5.80 3.97
CA THR B 162 -29.99 -5.30 5.30
C THR B 162 -29.97 -6.48 6.29
N ASN B 163 -28.82 -6.69 6.92
CA ASN B 163 -28.68 -7.71 7.94
C ASN B 163 -28.99 -7.13 9.30
N PHE B 164 -29.79 -7.84 10.08
CA PHE B 164 -30.29 -7.36 11.36
C PHE B 164 -29.60 -8.09 12.50
N LYS B 165 -29.93 -7.66 13.72
CA LYS B 165 -29.34 -8.26 14.92
C LYS B 165 -29.91 -9.65 15.18
N CYS B 166 -31.14 -9.92 14.73
CA CYS B 166 -31.73 -11.23 14.86
C CYS B 166 -31.15 -12.26 13.90
N GLY B 167 -30.33 -11.82 12.95
CA GLY B 167 -30.10 -12.60 11.75
C GLY B 167 -31.17 -12.44 10.71
N GLY B 168 -32.13 -11.55 10.95
CA GLY B 168 -33.20 -11.34 9.99
C GLY B 168 -32.74 -10.57 8.77
N LEU B 169 -33.36 -10.89 7.65
CA LEU B 169 -33.00 -10.32 6.36
C LEU B 169 -34.13 -9.45 5.85
N ALA B 170 -33.77 -8.29 5.32
CA ALA B 170 -34.73 -7.41 4.65
C ALA B 170 -34.20 -7.12 3.25
N LEU B 171 -34.98 -7.51 2.25
CA LEU B 171 -34.66 -7.20 0.86
C LEU B 171 -35.45 -5.96 0.48
N GLY B 172 -34.73 -4.86 0.24
CA GLY B 172 -35.37 -3.62 -0.15
C GLY B 172 -35.19 -3.34 -1.63
N PHE B 173 -36.27 -3.43 -2.39
CA PHE B 173 -36.22 -3.30 -3.84
C PHE B 173 -36.67 -1.89 -4.23
N SER B 174 -35.72 -1.10 -4.72
CA SER B 174 -36.01 0.23 -5.26
C SER B 174 -36.17 0.10 -6.77
N TRP B 175 -37.42 0.07 -7.22
CA TRP B 175 -37.77 -0.24 -8.60
C TRP B 175 -38.25 1.03 -9.28
N ALA B 176 -37.65 1.36 -10.41
CA ALA B 176 -38.11 2.50 -11.20
C ALA B 176 -39.41 2.11 -11.91
N HIS B 177 -40.45 2.92 -11.75
CA HIS B 177 -41.76 2.58 -12.27
C HIS B 177 -41.86 2.78 -13.79
N LEU B 178 -40.81 3.33 -14.40
CA LEU B 178 -40.72 3.44 -15.85
C LEU B 178 -40.65 2.07 -16.51
N ILE B 179 -39.78 1.20 -16.01
CA ILE B 179 -39.48 -0.05 -16.70
C ILE B 179 -40.58 -1.09 -16.50
N GLY B 180 -41.38 -0.97 -15.45
CA GLY B 180 -42.44 -1.94 -15.25
C GLY B 180 -43.44 -1.45 -14.23
N ASP B 181 -44.55 -2.18 -14.15
CA ASP B 181 -45.63 -1.90 -13.23
C ASP B 181 -45.29 -2.46 -11.84
N ILE B 182 -46.24 -2.42 -10.92
CA ILE B 182 -46.02 -3.04 -9.61
C ILE B 182 -46.22 -4.56 -9.66
N PRO B 183 -47.26 -5.14 -10.31
CA PRO B 183 -47.23 -6.60 -10.50
C PRO B 183 -46.09 -7.06 -11.38
N SER B 184 -45.66 -6.24 -12.34
CA SER B 184 -44.49 -6.59 -13.14
C SER B 184 -43.23 -6.61 -12.28
N ALA B 185 -43.10 -5.65 -11.37
CA ALA B 185 -41.98 -5.64 -10.42
C ALA B 185 -42.03 -6.85 -9.51
N ALA B 186 -43.22 -7.20 -9.00
CA ALA B 186 -43.33 -8.30 -8.05
C ALA B 186 -43.05 -9.65 -8.71
N THR B 187 -43.59 -9.88 -9.92
CA THR B 187 -43.27 -11.13 -10.62
C THR B 187 -41.82 -11.15 -11.08
N CYS B 188 -41.23 -9.99 -11.37
CA CYS B 188 -39.81 -9.94 -11.70
C CYS B 188 -38.93 -10.29 -10.51
N PHE B 189 -39.38 -9.97 -9.29
CA PHE B 189 -38.61 -10.37 -8.12
C PHE B 189 -38.84 -11.84 -7.79
N ASN B 190 -40.09 -12.31 -7.95
CA ASN B 190 -40.43 -13.70 -7.67
C ASN B 190 -39.72 -14.66 -8.63
N LYS B 191 -39.50 -14.23 -9.88
CA LYS B 191 -38.73 -15.07 -10.80
C LYS B 191 -37.25 -15.10 -10.45
N TRP B 192 -36.76 -14.19 -9.62
CA TRP B 192 -35.41 -14.31 -9.09
C TRP B 192 -35.39 -15.24 -7.88
N ALA B 193 -36.41 -15.13 -7.03
CA ALA B 193 -36.49 -16.02 -5.86
C ALA B 193 -36.73 -17.47 -6.27
N GLN B 194 -37.37 -17.71 -7.41
CA GLN B 194 -37.54 -19.07 -7.89
C GLN B 194 -36.23 -19.66 -8.38
N ILE B 195 -35.38 -18.86 -9.02
CA ILE B 195 -34.05 -19.33 -9.38
C ILE B 195 -33.20 -19.55 -8.13
N LEU B 196 -33.37 -18.69 -7.12
CA LEU B 196 -32.61 -18.83 -5.88
C LEU B 196 -33.02 -20.08 -5.11
N SER B 197 -34.31 -20.42 -5.13
CA SER B 197 -34.81 -21.58 -4.40
C SER B 197 -34.56 -22.91 -5.13
N GLY B 198 -33.97 -22.87 -6.31
CA GLY B 198 -33.75 -24.07 -7.09
C GLY B 198 -34.84 -24.40 -8.08
N LYS B 199 -35.93 -23.65 -8.10
CA LYS B 199 -37.05 -23.92 -8.99
C LYS B 199 -36.72 -23.41 -10.40
N LYS B 200 -37.70 -23.50 -11.28
CA LYS B 200 -37.58 -23.03 -12.65
C LYS B 200 -38.61 -21.93 -12.88
N PRO B 201 -38.21 -20.72 -13.22
CA PRO B 201 -39.19 -19.65 -13.44
C PRO B 201 -39.88 -19.79 -14.78
N GLU B 202 -41.06 -19.17 -14.87
CA GLU B 202 -41.85 -19.25 -16.09
C GLU B 202 -41.28 -18.32 -17.16
N ALA B 203 -41.97 -18.23 -18.29
CA ALA B 203 -41.45 -17.52 -19.45
C ALA B 203 -41.54 -16.02 -19.25
N THR B 204 -40.44 -15.32 -19.55
CA THR B 204 -40.42 -13.87 -19.56
C THR B 204 -40.72 -13.39 -20.97
N VAL B 205 -41.87 -12.75 -21.15
CA VAL B 205 -42.38 -12.38 -22.46
C VAL B 205 -42.06 -10.92 -22.70
N LEU B 206 -41.11 -10.67 -23.61
CA LEU B 206 -40.87 -9.35 -24.17
C LEU B 206 -41.09 -9.34 -25.67
N THR B 207 -41.81 -10.33 -26.19
CA THR B 207 -41.82 -10.60 -27.62
C THR B 207 -42.54 -9.56 -28.48
N PRO B 208 -43.74 -9.04 -28.14
CA PRO B 208 -44.27 -7.93 -28.93
C PRO B 208 -43.63 -6.62 -28.50
N PRO B 209 -42.94 -5.93 -29.39
CA PRO B 209 -42.27 -4.67 -29.01
C PRO B 209 -43.27 -3.53 -28.89
N ASN B 210 -42.99 -2.64 -27.94
CA ASN B 210 -43.86 -1.49 -27.73
C ASN B 210 -43.69 -0.46 -28.82
N GLN B 211 -44.78 0.20 -29.17
CA GLN B 211 -44.83 1.17 -30.25
C GLN B 211 -45.64 2.37 -29.81
N PRO B 212 -45.33 3.57 -30.31
CA PRO B 212 -46.16 4.74 -30.02
C PRO B 212 -47.49 4.66 -30.75
N LEU B 213 -48.42 5.49 -30.29
CA LEU B 213 -49.77 5.53 -30.83
C LEU B 213 -50.09 6.96 -31.28
N GLN B 214 -51.20 7.10 -31.99
CA GLN B 214 -51.70 8.39 -32.43
C GLN B 214 -53.15 8.52 -32.01
N GLY B 215 -53.46 9.51 -31.17
CA GLY B 215 -54.83 9.71 -30.75
C GLY B 215 -55.29 11.15 -30.67
N GLN B 216 -54.38 12.09 -30.93
CA GLN B 216 -54.64 13.55 -30.93
C GLN B 216 -55.23 13.99 -29.58
N SER B 217 -54.41 13.93 -28.53
CA SER B 217 -54.88 14.28 -27.19
C SER B 217 -54.12 15.48 -26.64
N PRO B 218 -54.62 16.70 -26.85
CA PRO B 218 -53.95 17.89 -26.30
C PRO B 218 -54.42 18.32 -24.93
N ALA B 219 -55.44 17.66 -24.37
CA ALA B 219 -55.99 18.02 -23.07
C ALA B 219 -55.68 16.92 -22.07
N ALA B 220 -55.11 17.31 -20.94
CA ALA B 220 -54.77 16.37 -19.89
C ALA B 220 -56.02 15.92 -19.14
N PRO B 221 -56.08 14.67 -18.70
CA PRO B 221 -57.21 14.21 -17.89
C PRO B 221 -57.17 14.82 -16.50
N ARG B 222 -58.31 14.70 -15.81
CA ARG B 222 -58.45 15.19 -14.45
C ARG B 222 -58.03 14.16 -13.40
N SER B 223 -57.31 13.12 -13.82
CA SER B 223 -56.75 12.14 -12.91
C SER B 223 -55.25 12.27 -12.74
N VAL B 224 -54.61 13.16 -13.50
CA VAL B 224 -53.17 13.38 -13.43
C VAL B 224 -52.92 14.88 -13.30
N LYS B 225 -51.66 15.23 -13.09
CA LYS B 225 -51.23 16.63 -12.99
C LYS B 225 -50.09 16.84 -13.97
N GLN B 226 -50.32 17.67 -14.98
CA GLN B 226 -49.30 17.96 -15.99
C GLN B 226 -48.22 18.85 -15.38
N VAL B 227 -47.08 18.26 -15.06
CA VAL B 227 -45.94 19.03 -14.55
C VAL B 227 -45.20 19.62 -15.74
N GLY B 228 -44.27 20.53 -15.46
CA GLY B 228 -43.56 21.25 -16.51
C GLY B 228 -42.52 20.42 -17.23
N PRO B 229 -41.70 21.09 -18.05
CA PRO B 229 -40.69 20.38 -18.84
C PRO B 229 -39.53 19.92 -17.95
N MET B 230 -39.34 18.61 -17.87
CA MET B 230 -38.22 18.00 -17.16
C MET B 230 -37.33 17.33 -18.18
N GLU B 231 -36.02 17.60 -18.08
CA GLU B 231 -35.07 17.14 -19.09
C GLU B 231 -34.16 16.04 -18.57
N ASP B 232 -33.44 16.28 -17.48
CA ASP B 232 -32.45 15.32 -17.01
C ASP B 232 -32.60 15.06 -15.53
N LEU B 233 -33.83 15.07 -15.03
CA LEU B 233 -34.15 14.71 -13.65
C LEU B 233 -35.61 14.28 -13.64
N TRP B 234 -35.85 12.99 -13.50
CA TRP B 234 -37.20 12.45 -13.58
C TRP B 234 -37.77 12.25 -12.17
N LEU B 235 -37.95 13.38 -11.48
CA LEU B 235 -38.51 13.39 -10.13
C LEU B 235 -39.07 14.78 -9.85
N VAL B 236 -40.36 14.86 -9.59
CA VAL B 236 -41.01 16.12 -9.22
C VAL B 236 -40.83 16.29 -7.71
N PRO B 237 -40.18 17.36 -7.26
CA PRO B 237 -40.01 17.56 -5.82
C PRO B 237 -41.31 18.02 -5.17
N ALA B 238 -41.46 17.67 -3.89
CA ALA B 238 -42.65 18.03 -3.14
C ALA B 238 -42.48 19.33 -2.37
N GLY B 239 -41.35 19.49 -1.67
CA GLY B 239 -41.11 20.64 -0.83
C GLY B 239 -41.38 20.41 0.64
N ARG B 240 -42.30 19.50 0.96
CA ARG B 240 -42.58 19.12 2.34
C ARG B 240 -41.87 17.83 2.67
N ASP B 241 -41.96 17.44 3.94
CA ASP B 241 -41.40 16.18 4.40
C ASP B 241 -42.43 15.08 4.18
N MET B 242 -42.19 14.23 3.18
CA MET B 242 -43.07 13.11 2.93
C MET B 242 -42.81 11.99 3.92
N ALA B 243 -43.84 11.22 4.22
CA ALA B 243 -43.74 10.17 5.23
C ALA B 243 -44.69 9.04 4.86
N CYS B 244 -44.15 7.83 4.73
CA CYS B 244 -44.93 6.65 4.42
C CYS B 244 -45.23 5.89 5.71
N TYR B 245 -46.50 5.86 6.09
CA TYR B 245 -46.95 5.27 7.34
C TYR B 245 -47.73 4.00 7.04
N SER B 246 -47.15 2.86 7.38
CA SER B 246 -47.71 1.56 7.05
C SER B 246 -48.45 1.02 8.29
N PHE B 247 -49.76 1.16 8.29
CA PHE B 247 -50.58 0.59 9.36
C PHE B 247 -51.31 -0.65 8.86
N HIS B 248 -51.55 -1.58 9.77
CA HIS B 248 -52.15 -2.87 9.43
C HIS B 248 -53.63 -2.85 9.75
N VAL B 249 -54.44 -3.24 8.77
CA VAL B 249 -55.89 -3.38 8.92
C VAL B 249 -56.23 -4.87 8.98
N SER B 250 -56.84 -5.29 10.09
CA SER B 250 -56.95 -6.69 10.43
C SER B 250 -58.23 -7.31 9.88
N ASP B 251 -58.42 -8.59 10.17
CA ASP B 251 -59.58 -9.34 9.70
C ASP B 251 -60.85 -8.90 10.44
N ALA B 252 -60.75 -8.69 11.75
CA ALA B 252 -61.93 -8.38 12.56
C ALA B 252 -62.53 -7.03 12.20
N VAL B 253 -61.67 -6.05 11.85
CA VAL B 253 -62.17 -4.76 11.43
C VAL B 253 -62.65 -4.80 9.97
N LEU B 254 -62.24 -5.82 9.21
CA LEU B 254 -62.80 -5.99 7.86
C LEU B 254 -64.23 -6.50 7.93
N LYS B 255 -64.53 -7.41 8.84
CA LYS B 255 -65.89 -7.90 9.00
C LYS B 255 -66.80 -6.85 9.66
N LYS B 256 -66.22 -5.91 10.43
CA LYS B 256 -67.00 -4.79 10.92
C LYS B 256 -67.36 -3.80 9.82
N LEU B 257 -66.65 -3.85 8.69
CA LEU B 257 -66.98 -3.00 7.54
C LEU B 257 -68.10 -3.60 6.69
N HIS B 258 -68.43 -4.87 6.88
CA HIS B 258 -69.43 -5.57 6.08
C HIS B 258 -70.81 -5.57 6.73
N GLN B 259 -71.01 -4.75 7.77
CA GLN B 259 -72.29 -4.67 8.46
C GLN B 259 -73.07 -3.42 8.07
N GLN B 260 -72.64 -2.72 7.02
CA GLN B 260 -73.24 -1.44 6.64
C GLN B 260 -73.87 -1.51 5.24
N GLN B 261 -74.22 -2.70 4.79
CA GLN B 261 -75.00 -2.89 3.56
C GLN B 261 -76.20 -3.78 3.84
N ASN B 262 -76.88 -3.54 4.97
CA ASN B 262 -78.03 -4.34 5.36
C ASN B 262 -79.24 -3.96 4.50
N GLY B 263 -79.67 -4.88 3.64
CA GLY B 263 -80.74 -4.60 2.71
C GLY B 263 -80.34 -3.83 1.48
N ARG B 264 -79.04 -3.63 1.27
CA ARG B 264 -78.52 -2.85 0.15
C ARG B 264 -77.62 -3.72 -0.70
N GLN B 265 -77.92 -3.78 -2.00
CA GLN B 265 -77.10 -4.56 -2.92
C GLN B 265 -75.82 -3.77 -3.25
N ASP B 266 -74.68 -4.45 -3.14
CA ASP B 266 -73.39 -3.82 -3.34
C ASP B 266 -72.56 -4.59 -4.35
N ALA B 267 -71.81 -3.85 -5.16
CA ALA B 267 -70.85 -4.43 -6.09
C ALA B 267 -69.42 -4.05 -5.73
N ALA B 268 -69.22 -3.45 -4.55
CA ALA B 268 -67.89 -3.10 -4.07
C ALA B 268 -67.18 -4.35 -3.57
N ALA B 269 -65.94 -4.54 -4.01
CA ALA B 269 -65.10 -5.60 -3.47
C ALA B 269 -64.84 -5.31 -2.00
N GLY B 270 -65.23 -6.23 -1.13
CA GLY B 270 -65.28 -5.98 0.30
C GLY B 270 -63.96 -5.93 1.04
N THR B 271 -62.84 -5.82 0.31
CA THR B 271 -61.54 -5.71 0.93
C THR B 271 -60.71 -4.55 0.42
N PHE B 272 -61.15 -3.83 -0.62
CA PHE B 272 -60.42 -2.67 -1.11
C PHE B 272 -61.21 -1.38 -0.98
N GLU B 273 -62.44 -1.32 -1.49
CA GLU B 273 -63.20 -0.08 -1.49
C GLU B 273 -63.65 0.35 -0.11
N LEU B 274 -63.90 -0.61 0.79
CA LEU B 274 -64.19 -0.26 2.18
C LEU B 274 -62.96 0.33 2.86
N VAL B 275 -61.79 -0.28 2.63
CA VAL B 275 -60.57 0.18 3.30
C VAL B 275 -60.09 1.49 2.71
N SER B 276 -60.06 1.60 1.39
CA SER B 276 -59.67 2.85 0.75
C SER B 276 -60.70 3.95 0.98
N ALA B 277 -61.98 3.58 1.15
CA ALA B 277 -63.00 4.56 1.53
C ALA B 277 -62.78 5.04 2.97
N LEU B 278 -62.32 4.14 3.84
CA LEU B 278 -61.99 4.50 5.22
C LEU B 278 -60.84 5.49 5.26
N VAL B 279 -59.77 5.21 4.51
CA VAL B 279 -58.63 6.14 4.45
C VAL B 279 -59.01 7.44 3.76
N TRP B 280 -59.93 7.37 2.78
CA TRP B 280 -60.40 8.57 2.10
C TRP B 280 -61.16 9.50 3.04
N GLN B 281 -62.11 8.97 3.81
CA GLN B 281 -62.82 9.84 4.73
C GLN B 281 -61.95 10.24 5.92
N ALA B 282 -60.95 9.42 6.26
CA ALA B 282 -60.03 9.76 7.34
C ALA B 282 -59.15 10.95 6.97
N VAL B 283 -58.68 10.99 5.71
CA VAL B 283 -57.93 12.17 5.29
C VAL B 283 -58.84 13.32 4.85
N ALA B 284 -60.12 13.04 4.58
CA ALA B 284 -61.07 14.10 4.29
C ALA B 284 -61.50 14.83 5.55
N LYS B 285 -61.42 14.17 6.71
CA LYS B 285 -61.63 14.88 7.96
C LYS B 285 -60.42 15.74 8.34
N ILE B 286 -59.27 15.51 7.74
CA ILE B 286 -58.09 16.32 8.01
C ILE B 286 -57.93 17.46 7.01
N ARG B 287 -57.84 17.14 5.72
CA ARG B 287 -57.78 18.16 4.68
C ARG B 287 -59.18 18.74 4.46
N GLY B 288 -59.24 19.88 3.78
CA GLY B 288 -60.48 20.60 3.58
C GLY B 288 -61.51 19.91 2.71
N ASP B 289 -61.24 19.79 1.41
CA ASP B 289 -62.22 19.25 0.47
C ASP B 289 -61.49 18.43 -0.60
N VAL B 290 -61.38 17.13 -0.36
CA VAL B 290 -60.89 16.19 -1.37
C VAL B 290 -62.13 15.55 -2.01
N ASP B 291 -62.65 16.23 -3.04
CA ASP B 291 -63.93 15.85 -3.61
C ASP B 291 -63.81 14.63 -4.53
N THR B 292 -62.71 14.53 -5.28
CA THR B 292 -62.49 13.41 -6.17
C THR B 292 -61.18 12.73 -5.82
N VAL B 293 -61.10 11.44 -6.17
CA VAL B 293 -59.91 10.64 -5.90
C VAL B 293 -59.59 9.80 -7.12
N THR B 294 -58.36 9.30 -7.16
CA THR B 294 -57.85 8.44 -8.21
C THR B 294 -57.81 7.02 -7.70
N VAL B 295 -58.15 6.05 -8.55
CA VAL B 295 -58.00 4.65 -8.21
C VAL B 295 -57.09 4.01 -9.25
N VAL B 296 -55.94 3.53 -8.80
CA VAL B 296 -54.97 2.87 -9.67
C VAL B 296 -55.12 1.37 -9.42
N ARG B 297 -55.98 0.73 -10.18
CA ARG B 297 -56.28 -0.68 -10.00
C ARG B 297 -55.25 -1.53 -10.73
N ALA B 298 -54.69 -2.52 -10.03
CA ALA B 298 -53.84 -3.52 -10.66
C ALA B 298 -54.72 -4.67 -11.13
N ASP B 299 -55.51 -4.38 -12.17
CA ASP B 299 -56.52 -5.30 -12.66
C ASP B 299 -55.86 -6.48 -13.38
N ALA B 300 -56.25 -7.70 -13.00
CA ALA B 300 -55.64 -8.89 -13.57
C ALA B 300 -56.09 -9.16 -15.00
N ALA B 301 -57.25 -8.64 -15.41
CA ALA B 301 -57.75 -8.85 -16.75
C ALA B 301 -57.16 -7.88 -17.76
N ALA B 302 -56.72 -6.70 -17.33
CA ALA B 302 -56.12 -5.74 -18.23
C ALA B 302 -54.66 -6.04 -18.54
N ARG B 303 -54.04 -6.97 -17.82
CA ARG B 303 -52.66 -7.34 -18.10
C ARG B 303 -52.56 -8.14 -19.39
N SER B 304 -51.61 -7.78 -20.23
CA SER B 304 -51.28 -8.58 -21.40
C SER B 304 -50.24 -9.62 -21.01
N GLY B 305 -49.67 -10.31 -22.00
CA GLY B 305 -48.69 -11.32 -21.69
C GLY B 305 -47.31 -10.81 -21.31
N LYS B 306 -47.05 -9.51 -21.50
CA LYS B 306 -45.73 -8.96 -21.33
C LYS B 306 -45.32 -8.91 -19.86
N SER B 307 -44.01 -9.02 -19.62
CA SER B 307 -43.49 -9.11 -18.27
C SER B 307 -43.01 -7.79 -17.70
N LEU B 308 -42.72 -6.79 -18.55
CA LEU B 308 -42.34 -5.45 -18.11
C LEU B 308 -43.22 -4.46 -18.86
N ALA B 309 -44.42 -4.20 -18.33
CA ALA B 309 -45.34 -3.27 -18.97
C ALA B 309 -46.28 -2.69 -17.92
N ASN B 310 -46.74 -1.47 -18.18
CA ASN B 310 -47.59 -0.73 -17.25
C ASN B 310 -49.05 -0.89 -17.66
N GLU B 311 -49.61 -2.05 -17.31
CA GLU B 311 -51.04 -2.29 -17.54
C GLU B 311 -51.83 -1.99 -16.26
N MET B 312 -51.84 -0.71 -15.90
CA MET B 312 -52.68 -0.24 -14.80
C MET B 312 -54.05 0.16 -15.32
N LYS B 313 -54.92 0.57 -14.41
CA LYS B 313 -56.22 1.13 -14.78
C LYS B 313 -56.42 2.40 -13.95
N VAL B 314 -55.95 3.52 -14.47
CA VAL B 314 -55.98 4.79 -13.76
C VAL B 314 -57.25 5.54 -14.15
N GLY B 315 -58.06 5.89 -13.17
CA GLY B 315 -59.27 6.65 -13.43
C GLY B 315 -59.71 7.39 -12.20
N TYR B 316 -60.33 8.55 -12.41
CA TYR B 316 -60.84 9.33 -11.30
C TYR B 316 -62.24 8.85 -10.93
N VAL B 317 -62.72 9.33 -9.79
CA VAL B 317 -64.10 9.12 -9.35
C VAL B 317 -64.54 10.32 -8.52
N GLU B 318 -65.63 10.95 -8.94
CA GLU B 318 -66.15 12.14 -8.30
C GLU B 318 -67.03 11.78 -7.10
N SER B 319 -67.23 12.75 -6.23
CA SER B 319 -68.21 12.58 -5.16
C SER B 319 -69.63 12.67 -5.71
N ALA B 320 -69.89 13.71 -6.52
CA ALA B 320 -71.15 13.92 -7.25
C ALA B 320 -72.35 13.98 -6.30
N GLY B 321 -72.21 14.77 -5.24
CA GLY B 321 -73.22 14.81 -4.20
C GLY B 321 -72.69 15.31 -2.88
N SER B 322 -72.90 14.54 -1.82
CA SER B 322 -72.51 14.95 -0.49
C SER B 322 -70.98 14.93 -0.33
N SER B 323 -70.52 15.60 0.72
CA SER B 323 -69.09 15.68 1.00
C SER B 323 -68.57 14.35 1.54
N PRO B 324 -67.33 13.99 1.22
CA PRO B 324 -66.76 12.73 1.72
C PRO B 324 -66.26 12.78 3.16
N ALA B 325 -66.43 13.90 3.86
CA ALA B 325 -66.08 13.98 5.28
C ALA B 325 -67.29 13.78 6.18
N LYS B 326 -68.50 13.97 5.66
CA LYS B 326 -69.71 13.75 6.43
C LYS B 326 -70.22 12.32 6.36
N THR B 327 -70.13 11.69 5.18
CA THR B 327 -70.74 10.40 4.95
C THR B 327 -69.90 9.28 5.56
N ASP B 328 -70.42 8.06 5.45
CA ASP B 328 -69.76 6.86 5.94
C ASP B 328 -69.15 6.07 4.79
N VAL B 329 -68.40 5.02 5.14
CA VAL B 329 -67.58 4.33 4.15
C VAL B 329 -68.37 3.42 3.23
N ALA B 330 -69.61 3.07 3.58
CA ALA B 330 -70.38 2.15 2.75
C ALA B 330 -70.87 2.82 1.47
N GLU B 331 -71.42 4.02 1.59
CA GLU B 331 -71.85 4.75 0.40
C GLU B 331 -70.63 5.24 -0.39
N LEU B 332 -69.51 5.50 0.31
CA LEU B 332 -68.26 5.82 -0.39
C LEU B 332 -67.77 4.64 -1.21
N ALA B 333 -67.89 3.42 -0.68
CA ALA B 333 -67.52 2.25 -1.47
C ALA B 333 -68.51 2.00 -2.61
N ALA B 334 -69.78 2.34 -2.39
CA ALA B 334 -70.78 2.20 -3.44
C ALA B 334 -70.52 3.15 -4.61
N LEU B 335 -70.09 4.39 -4.31
CA LEU B 335 -69.71 5.29 -5.37
C LEU B 335 -68.30 5.03 -5.88
N LEU B 336 -67.49 4.30 -5.13
CA LEU B 336 -66.13 3.97 -5.54
C LEU B 336 -66.06 2.78 -6.46
N ALA B 337 -67.03 1.87 -6.38
CA ALA B 337 -67.02 0.69 -7.24
C ALA B 337 -67.52 1.00 -8.65
N LYS B 338 -68.60 1.77 -8.76
CA LYS B 338 -69.31 1.91 -10.02
C LYS B 338 -69.01 3.19 -10.77
N ASN B 339 -68.68 4.28 -10.08
CA ASN B 339 -68.56 5.59 -10.71
C ASN B 339 -67.13 5.93 -11.09
N VAL B 340 -66.33 4.95 -11.49
CA VAL B 340 -64.97 5.18 -11.94
C VAL B 340 -64.99 5.50 -13.43
N VAL B 341 -64.66 6.74 -13.77
CA VAL B 341 -64.49 7.15 -15.17
C VAL B 341 -63.04 6.87 -15.53
N ASP B 342 -62.82 5.75 -16.21
CA ASP B 342 -61.46 5.28 -16.46
C ASP B 342 -60.80 6.09 -17.56
N GLU B 343 -59.58 6.55 -17.29
CA GLU B 343 -58.82 7.39 -18.20
C GLU B 343 -57.45 6.80 -18.47
N THR B 344 -57.32 5.47 -18.43
CA THR B 344 -56.01 4.83 -18.57
C THR B 344 -55.49 4.83 -19.99
N ALA B 345 -56.30 5.19 -20.98
CA ALA B 345 -55.81 5.41 -22.33
C ALA B 345 -55.40 6.86 -22.54
N ALA B 346 -56.14 7.80 -21.95
CA ALA B 346 -55.80 9.21 -22.05
C ALA B 346 -54.62 9.59 -21.15
N VAL B 347 -54.29 8.76 -20.17
CA VAL B 347 -53.07 8.98 -19.40
C VAL B 347 -51.85 8.66 -20.27
N ALA B 348 -51.88 7.51 -20.95
CA ALA B 348 -50.78 7.12 -21.82
C ALA B 348 -50.75 7.93 -23.12
N ALA B 349 -51.86 8.51 -23.52
CA ALA B 349 -51.91 9.25 -24.78
C ALA B 349 -51.50 10.71 -24.65
N PHE B 350 -51.35 11.24 -23.44
CA PHE B 350 -50.98 12.63 -23.28
C PHE B 350 -49.50 12.84 -23.60
N GLN B 351 -49.19 14.04 -24.09
CA GLN B 351 -47.85 14.33 -24.60
C GLN B 351 -46.89 14.70 -23.48
N GLY B 352 -47.25 15.70 -22.68
CA GLY B 352 -46.37 16.19 -21.64
C GLY B 352 -46.25 15.26 -20.46
N ASP B 353 -45.29 15.56 -19.59
CA ASP B 353 -45.06 14.73 -18.41
C ASP B 353 -46.15 14.96 -17.38
N VAL B 354 -46.69 13.87 -16.85
CA VAL B 354 -47.80 13.93 -15.91
C VAL B 354 -47.40 13.28 -14.59
N LEU B 355 -48.19 13.58 -13.56
CA LEU B 355 -48.02 13.02 -12.23
C LEU B 355 -49.29 12.26 -11.87
N VAL B 356 -49.18 10.93 -11.81
CA VAL B 356 -50.34 10.10 -11.49
C VAL B 356 -50.52 10.00 -9.98
N TYR B 357 -49.52 9.47 -9.27
CA TYR B 357 -49.63 9.21 -7.85
C TYR B 357 -49.45 10.50 -7.07
N GLY B 358 -50.55 11.01 -6.53
CA GLY B 358 -50.51 12.21 -5.70
C GLY B 358 -50.46 13.51 -6.45
N GLY B 359 -50.57 13.49 -7.77
CA GLY B 359 -50.47 14.70 -8.57
C GLY B 359 -51.66 15.63 -8.42
N ALA B 360 -52.81 15.21 -8.93
CA ALA B 360 -54.00 16.03 -8.88
C ALA B 360 -54.87 15.70 -7.66
N ASN B 361 -55.24 14.44 -7.52
CA ASN B 361 -56.11 13.98 -6.45
C ASN B 361 -55.41 12.89 -5.64
N LEU B 362 -56.11 12.40 -4.63
CA LEU B 362 -55.61 11.29 -3.82
C LEU B 362 -55.76 9.99 -4.59
N THR B 363 -54.74 9.14 -4.52
CA THR B 363 -54.74 7.88 -5.24
C THR B 363 -54.91 6.71 -4.28
N LEU B 364 -55.77 5.78 -4.65
CA LEU B 364 -56.12 4.61 -3.85
C LEU B 364 -55.76 3.36 -4.66
N VAL B 365 -54.56 2.86 -4.45
CA VAL B 365 -54.00 1.79 -5.29
C VAL B 365 -54.55 0.44 -4.86
N ASP B 366 -54.70 -0.48 -5.82
CA ASP B 366 -55.30 -1.79 -5.61
C ASP B 366 -54.22 -2.86 -5.77
N MET B 367 -53.10 -2.66 -5.08
CA MET B 367 -52.00 -3.62 -5.04
C MET B 367 -52.33 -4.71 -4.01
N GLU B 368 -53.43 -5.43 -4.24
CA GLU B 368 -53.91 -6.39 -3.26
C GLU B 368 -54.05 -7.82 -3.78
N GLN B 369 -54.23 -8.02 -5.08
CA GLN B 369 -54.14 -9.34 -5.69
C GLN B 369 -52.73 -9.63 -6.20
N VAL B 370 -51.80 -8.73 -5.90
CA VAL B 370 -50.41 -8.88 -6.31
C VAL B 370 -49.73 -9.86 -5.37
N ASP B 371 -49.00 -10.82 -5.94
CA ASP B 371 -48.36 -11.88 -5.15
C ASP B 371 -47.13 -11.30 -4.47
N LEU B 372 -47.38 -10.60 -3.36
CA LEU B 372 -46.29 -10.02 -2.57
C LEU B 372 -45.51 -11.09 -1.83
N TYR B 373 -46.22 -12.04 -1.22
CA TYR B 373 -45.58 -13.06 -0.39
C TYR B 373 -45.13 -14.27 -1.20
N GLY B 374 -45.10 -14.18 -2.51
CA GLY B 374 -44.51 -15.21 -3.34
C GLY B 374 -43.01 -15.13 -3.47
N LEU B 375 -42.34 -14.32 -2.65
CA LEU B 375 -40.89 -14.21 -2.68
C LEU B 375 -40.28 -15.21 -1.69
N GLU B 376 -40.65 -16.48 -1.87
CA GLU B 376 -40.12 -17.56 -1.07
C GLU B 376 -38.71 -17.87 -1.55
N ILE B 377 -37.71 -17.42 -0.81
CA ILE B 377 -36.36 -17.36 -1.37
C ILE B 377 -35.64 -18.70 -1.28
N LYS B 378 -35.74 -19.44 -0.18
CA LYS B 378 -35.33 -20.84 -0.19
C LYS B 378 -36.50 -21.76 0.12
N GLY B 379 -37.12 -21.62 1.28
CA GLY B 379 -38.35 -22.31 1.61
C GLY B 379 -39.15 -21.44 2.55
N GLN B 380 -38.76 -20.18 2.63
CA GLN B 380 -39.13 -19.29 3.72
C GLN B 380 -40.11 -18.24 3.23
N ARG B 381 -41.33 -18.31 3.74
CA ARG B 381 -42.30 -17.24 3.54
C ARG B 381 -41.83 -16.00 4.28
N PRO B 382 -41.96 -14.81 3.68
CA PRO B 382 -41.64 -13.57 4.41
C PRO B 382 -42.56 -13.33 5.60
N VAL B 383 -41.99 -12.72 6.63
CA VAL B 383 -42.78 -12.38 7.82
C VAL B 383 -43.70 -11.21 7.53
N TYR B 384 -43.19 -10.20 6.83
CA TYR B 384 -43.89 -8.95 6.64
C TYR B 384 -43.39 -8.33 5.34
N VAL B 385 -44.31 -7.88 4.49
CA VAL B 385 -43.96 -7.22 3.24
C VAL B 385 -44.72 -5.90 3.19
N GLU B 386 -43.99 -4.80 3.01
CA GLU B 386 -44.59 -3.49 2.84
C GLU B 386 -44.02 -2.84 1.59
N TYR B 387 -44.88 -2.10 0.88
CA TYR B 387 -44.48 -1.38 -0.33
C TYR B 387 -44.68 0.10 -0.11
N GLY B 388 -43.65 0.89 -0.39
CA GLY B 388 -43.76 2.33 -0.43
C GLY B 388 -43.59 2.86 -1.85
N MET B 389 -43.77 4.17 -1.97
CA MET B 389 -43.58 4.83 -3.26
C MET B 389 -42.77 6.11 -3.06
N ASP B 390 -41.97 6.44 -4.06
CA ASP B 390 -41.24 7.69 -4.12
C ASP B 390 -41.74 8.51 -5.30
N GLY B 391 -41.64 9.83 -5.18
CA GLY B 391 -42.15 10.70 -6.21
C GLY B 391 -43.63 11.00 -6.14
N VAL B 392 -44.26 10.75 -5.00
CA VAL B 392 -45.68 11.04 -4.82
C VAL B 392 -45.83 12.54 -4.57
N GLY B 393 -46.73 13.17 -5.32
CA GLY B 393 -47.01 14.57 -5.10
C GLY B 393 -47.74 14.83 -3.79
N ASP B 394 -47.86 16.10 -3.43
CA ASP B 394 -48.41 16.50 -2.14
C ASP B 394 -49.94 16.46 -2.13
N GLU B 395 -50.49 15.27 -2.40
CA GLU B 395 -51.90 15.04 -2.20
C GLU B 395 -52.07 13.69 -1.51
N GLY B 396 -51.16 12.75 -1.79
CA GLY B 396 -51.12 11.49 -1.08
C GLY B 396 -51.34 10.26 -1.93
N ALA B 397 -50.89 9.11 -1.44
CA ALA B 397 -51.07 7.83 -2.10
C ALA B 397 -51.44 6.78 -1.07
N VAL B 398 -52.48 6.00 -1.37
CA VAL B 398 -52.96 4.94 -0.49
C VAL B 398 -52.69 3.61 -1.15
N LEU B 399 -51.88 2.77 -0.49
CA LEU B 399 -51.39 1.52 -1.04
C LEU B 399 -51.99 0.36 -0.23
N VAL B 400 -53.07 -0.21 -0.72
CA VAL B 400 -53.76 -1.29 -0.02
C VAL B 400 -53.13 -2.61 -0.45
N GLN B 401 -52.34 -3.21 0.45
CA GLN B 401 -51.53 -4.39 0.20
C GLN B 401 -52.14 -5.62 0.87
N PRO B 402 -51.75 -6.83 0.49
CA PRO B 402 -52.18 -8.01 1.24
C PRO B 402 -51.27 -8.29 2.43
N ASP B 403 -51.81 -9.03 3.39
CA ASP B 403 -51.06 -9.48 4.55
C ASP B 403 -50.57 -10.91 4.34
N ALA B 404 -49.83 -11.42 5.32
CA ALA B 404 -49.23 -12.74 5.20
C ALA B 404 -50.26 -13.86 5.27
N ASP B 405 -51.31 -13.67 6.07
CA ASP B 405 -52.36 -14.67 6.20
C ASP B 405 -53.25 -14.76 4.97
N GLY B 406 -53.31 -13.70 4.17
CA GLY B 406 -54.15 -13.68 3.00
C GLY B 406 -55.56 -13.17 3.22
N ARG B 407 -55.93 -12.88 4.46
CA ARG B 407 -57.25 -12.37 4.79
C ARG B 407 -57.24 -10.89 5.11
N GLY B 408 -56.38 -10.47 6.05
CA GLY B 408 -56.23 -9.07 6.35
C GLY B 408 -55.43 -8.33 5.29
N ARG B 409 -55.36 -7.02 5.45
CA ARG B 409 -54.69 -6.16 4.49
C ARG B 409 -53.63 -5.31 5.21
N LEU B 410 -52.80 -4.65 4.41
CA LEU B 410 -51.84 -3.67 4.91
C LEU B 410 -51.99 -2.41 4.06
N VAL B 411 -52.02 -1.25 4.71
CA VAL B 411 -52.19 0.01 4.01
C VAL B 411 -50.98 0.89 4.30
N THR B 412 -50.25 1.26 3.25
CA THR B 412 -49.16 2.21 3.34
C THR B 412 -49.67 3.54 2.81
N VAL B 413 -49.68 4.55 3.67
CA VAL B 413 -50.16 5.88 3.31
C VAL B 413 -48.96 6.80 3.18
N VAL B 414 -48.73 7.32 1.98
CA VAL B 414 -47.62 8.21 1.70
C VAL B 414 -48.19 9.63 1.67
N LEU B 415 -48.10 10.31 2.79
CA LEU B 415 -48.63 11.66 2.99
C LEU B 415 -47.51 12.54 3.51
N PRO B 416 -47.68 13.87 3.46
CA PRO B 416 -46.75 14.75 4.17
C PRO B 416 -46.84 14.56 5.66
N GLY B 417 -45.73 14.91 6.34
CA GLY B 417 -45.60 14.68 7.77
C GLY B 417 -46.43 15.59 8.65
N ASP B 418 -47.10 16.59 8.09
CA ASP B 418 -47.98 17.45 8.87
C ASP B 418 -49.22 16.69 9.32
N GLU B 419 -49.66 15.70 8.53
CA GLU B 419 -50.92 15.01 8.79
C GLU B 419 -50.74 13.52 9.01
N ILE B 420 -49.53 13.05 9.27
CA ILE B 420 -49.35 11.63 9.58
C ILE B 420 -49.80 11.33 11.00
N ASP B 421 -49.39 12.17 11.96
CA ASP B 421 -49.79 11.97 13.35
C ASP B 421 -51.26 12.32 13.59
N SER B 422 -51.87 13.11 12.69
CA SER B 422 -53.31 13.32 12.77
C SER B 422 -54.09 12.17 12.17
N LEU B 423 -53.47 11.41 11.26
CA LEU B 423 -54.16 10.27 10.65
C LEU B 423 -54.21 9.09 11.61
N ARG B 424 -53.17 8.93 12.44
CA ARG B 424 -53.14 7.87 13.43
C ARG B 424 -54.16 8.07 14.53
N ALA B 425 -54.61 9.31 14.76
CA ALA B 425 -55.69 9.58 15.70
C ALA B 425 -57.06 9.46 15.05
N ALA B 426 -57.18 9.92 13.79
CA ALA B 426 -58.47 9.88 13.11
C ALA B 426 -58.86 8.46 12.70
N LEU B 427 -57.88 7.59 12.48
CA LEU B 427 -58.18 6.20 12.15
C LEU B 427 -58.36 5.32 13.37
N GLY B 428 -57.90 5.76 14.54
CA GLY B 428 -57.95 4.93 15.73
C GLY B 428 -59.34 4.75 16.31
N SER B 429 -60.30 5.57 15.90
CA SER B 429 -61.67 5.40 16.37
C SER B 429 -62.36 4.20 15.73
N ALA B 430 -61.91 3.79 14.55
CA ALA B 430 -62.52 2.65 13.85
C ALA B 430 -61.63 1.41 13.82
N LEU B 431 -60.31 1.57 13.91
CA LEU B 431 -59.42 0.42 13.84
C LEU B 431 -59.28 -0.31 15.16
N HIS B 432 -59.64 0.34 16.27
CA HIS B 432 -59.56 -0.20 17.63
C HIS B 432 -58.18 -0.72 18.01
N SER C 74 34.44 -47.21 -43.40
CA SER C 74 34.50 -47.30 -41.95
C SER C 74 33.50 -48.31 -41.42
N ALA C 75 33.93 -49.13 -40.47
CA ALA C 75 33.09 -50.18 -39.91
C ALA C 75 33.05 -50.22 -38.39
N PHE C 76 34.08 -49.73 -37.71
CA PHE C 76 34.13 -49.77 -36.25
C PHE C 76 34.24 -48.40 -35.59
N LEU C 77 34.84 -47.42 -36.26
CA LEU C 77 34.95 -46.08 -35.69
C LEU C 77 33.78 -45.18 -36.12
N VAL C 78 32.57 -45.71 -35.94
CA VAL C 78 31.36 -44.90 -35.97
C VAL C 78 30.65 -44.89 -34.63
N VAL C 79 31.04 -45.77 -33.70
CA VAL C 79 30.47 -45.74 -32.36
C VAL C 79 31.03 -44.55 -31.57
N PHE C 80 32.24 -44.09 -31.90
CA PHE C 80 32.77 -42.87 -31.29
C PHE C 80 32.04 -41.65 -31.80
N VAL C 81 31.67 -41.64 -33.07
CA VAL C 81 30.80 -40.59 -33.59
C VAL C 81 29.36 -40.81 -33.11
N GLY C 82 28.94 -42.07 -32.97
CA GLY C 82 27.60 -42.38 -32.49
C GLY C 82 27.39 -42.16 -31.01
N THR C 83 28.45 -41.87 -30.25
CA THR C 83 28.31 -41.48 -28.85
C THR C 83 28.74 -40.05 -28.57
N VAL C 84 29.39 -39.37 -29.53
CA VAL C 84 29.68 -37.95 -29.37
C VAL C 84 28.53 -37.09 -29.90
N TYR C 85 27.61 -37.68 -30.66
CA TYR C 85 26.48 -36.95 -31.19
C TYR C 85 25.24 -37.06 -30.31
N VAL C 86 25.04 -38.19 -29.65
CA VAL C 86 23.86 -38.38 -28.82
C VAL C 86 24.05 -37.86 -27.40
N MET C 87 25.27 -37.60 -26.98
CA MET C 87 25.52 -37.00 -25.67
C MET C 87 25.72 -35.49 -25.76
N SER C 88 25.84 -34.95 -26.97
CA SER C 88 25.92 -33.51 -27.17
C SER C 88 24.62 -32.93 -27.72
N ARG C 89 23.70 -33.77 -28.17
CA ARG C 89 22.40 -33.30 -28.64
C ARG C 89 21.55 -32.91 -27.44
N PRO C 90 20.92 -31.74 -27.44
CA PRO C 90 20.14 -31.32 -26.28
C PRO C 90 18.85 -32.11 -26.13
N ARG C 91 18.34 -32.14 -24.91
CA ARG C 91 17.12 -32.86 -24.62
C ARG C 91 15.92 -32.12 -25.20
N PRO C 92 14.99 -32.83 -25.84
CA PRO C 92 13.79 -32.17 -26.35
C PRO C 92 12.83 -31.87 -25.22
N VAL C 93 12.17 -30.72 -25.30
CA VAL C 93 11.24 -30.26 -24.27
C VAL C 93 9.86 -30.26 -24.89
N TYR C 94 9.00 -31.16 -24.41
CA TYR C 94 7.68 -31.38 -24.99
C TYR C 94 6.63 -30.64 -24.17
N LEU C 95 5.74 -29.92 -24.84
CA LEU C 95 4.54 -29.39 -24.22
C LEU C 95 3.48 -30.48 -24.26
N VAL C 96 3.21 -31.08 -23.10
CA VAL C 96 2.27 -32.19 -23.04
C VAL C 96 0.84 -31.69 -23.21
N ASP C 97 0.42 -30.81 -22.31
CA ASP C 97 -0.84 -30.07 -22.44
C ASP C 97 -0.76 -28.86 -21.55
N TYR C 98 -1.69 -27.93 -21.77
CA TYR C 98 -1.81 -26.75 -20.95
C TYR C 98 -3.29 -26.49 -20.70
N ALA C 99 -3.58 -25.79 -19.62
CA ALA C 99 -4.95 -25.45 -19.26
C ALA C 99 -5.02 -23.95 -18.99
N CYS C 100 -5.97 -23.30 -19.63
CA CYS C 100 -6.19 -21.87 -19.43
C CYS C 100 -7.43 -21.65 -18.57
N TYR C 101 -7.34 -20.69 -17.66
CA TYR C 101 -8.47 -20.38 -16.77
C TYR C 101 -9.55 -19.65 -17.55
N LYS C 102 -10.76 -20.21 -17.53
CA LYS C 102 -11.91 -19.55 -18.13
C LYS C 102 -12.66 -18.83 -17.03
N PRO C 103 -12.67 -17.49 -17.01
CA PRO C 103 -13.36 -16.79 -15.93
C PRO C 103 -14.87 -16.85 -16.13
N PRO C 104 -15.64 -16.92 -15.05
CA PRO C 104 -17.08 -17.11 -15.19
C PRO C 104 -17.80 -15.83 -15.57
N ALA C 105 -19.03 -15.99 -16.07
CA ALA C 105 -19.86 -14.88 -16.47
C ALA C 105 -20.42 -14.09 -15.29
N SER C 106 -20.19 -14.53 -14.06
CA SER C 106 -20.52 -13.79 -12.85
C SER C 106 -19.48 -12.73 -12.51
N CYS C 107 -18.45 -12.56 -13.34
CA CYS C 107 -17.42 -11.55 -13.10
C CYS C 107 -17.18 -10.67 -14.32
N ARG C 108 -18.02 -10.75 -15.33
CA ARG C 108 -17.79 -9.97 -16.55
C ARG C 108 -18.08 -8.50 -16.30
N VAL C 109 -17.25 -7.65 -16.90
CA VAL C 109 -17.42 -6.20 -16.79
C VAL C 109 -17.70 -5.64 -18.19
N PRO C 110 -18.92 -5.22 -18.47
CA PRO C 110 -19.20 -4.58 -19.75
C PRO C 110 -18.61 -3.18 -19.87
N PHE C 111 -18.86 -2.54 -21.01
CA PHE C 111 -18.42 -1.16 -21.20
C PHE C 111 -19.17 -0.21 -20.28
N ALA C 112 -20.50 -0.35 -20.21
CA ALA C 112 -21.32 0.56 -19.44
C ALA C 112 -21.13 0.40 -17.94
N THR C 113 -20.89 -0.84 -17.48
CA THR C 113 -20.64 -1.08 -16.06
C THR C 113 -19.32 -0.45 -15.62
N PHE C 114 -18.28 -0.61 -16.45
CA PHE C 114 -16.98 0.02 -16.17
C PHE C 114 -17.09 1.53 -16.16
N MET C 115 -17.86 2.09 -17.12
CA MET C 115 -17.94 3.54 -17.20
C MET C 115 -18.79 4.12 -16.08
N GLU C 116 -19.82 3.41 -15.62
CA GLU C 116 -20.60 3.92 -14.50
C GLU C 116 -19.85 3.77 -13.18
N HIS C 117 -19.07 2.69 -13.04
CA HIS C 117 -18.20 2.54 -11.88
C HIS C 117 -17.13 3.62 -11.82
N THR C 118 -16.61 4.03 -12.99
CA THR C 118 -15.66 5.12 -13.03
C THR C 118 -16.33 6.45 -12.72
N ARG C 119 -17.53 6.67 -13.26
CA ARG C 119 -18.21 7.95 -13.10
C ARG C 119 -18.72 8.16 -11.67
N LEU C 120 -18.99 7.10 -10.93
CA LEU C 120 -19.47 7.28 -9.56
C LEU C 120 -18.34 7.71 -8.62
N ILE C 121 -17.19 7.05 -8.68
CA ILE C 121 -16.15 7.33 -7.70
C ILE C 121 -15.40 8.61 -8.03
N SER C 122 -15.35 9.01 -9.30
CA SER C 122 -14.63 10.21 -9.70
C SER C 122 -15.57 11.40 -9.77
N ASP C 123 -14.99 12.59 -9.76
CA ASP C 123 -15.74 13.84 -9.82
C ASP C 123 -15.55 14.59 -11.12
N ASP C 124 -14.34 14.59 -11.68
CA ASP C 124 -14.05 15.33 -12.90
C ASP C 124 -14.50 14.54 -14.12
N ASP C 125 -15.17 15.22 -15.05
CA ASP C 125 -15.56 14.63 -16.32
C ASP C 125 -14.50 14.82 -17.39
N LYS C 126 -13.24 15.00 -17.00
CA LYS C 126 -12.11 14.95 -17.92
C LYS C 126 -11.42 13.60 -17.90
N SER C 127 -11.57 12.84 -16.81
CA SER C 127 -11.02 11.49 -16.73
C SER C 127 -12.00 10.46 -17.27
N VAL C 128 -13.29 10.69 -17.06
CA VAL C 128 -14.30 9.75 -17.55
C VAL C 128 -14.41 9.80 -19.07
N ARG C 129 -14.33 11.01 -19.64
CA ARG C 129 -14.36 11.15 -21.09
C ARG C 129 -13.08 10.64 -21.74
N PHE C 130 -11.99 10.57 -20.99
CA PHE C 130 -10.75 9.97 -21.49
C PHE C 130 -10.84 8.46 -21.47
N GLN C 131 -11.35 7.90 -20.36
CA GLN C 131 -11.46 6.45 -20.24
C GLN C 131 -12.53 5.88 -21.16
N THR C 132 -13.54 6.69 -21.53
CA THR C 132 -14.51 6.27 -22.53
C THR C 132 -13.85 6.03 -23.87
N ARG C 133 -13.01 6.98 -24.31
CA ARG C 133 -12.30 6.85 -25.58
C ARG C 133 -11.29 5.69 -25.52
N ILE C 134 -10.62 5.53 -24.38
CA ILE C 134 -9.64 4.45 -24.23
C ILE C 134 -10.33 3.09 -24.31
N LEU C 135 -11.45 2.93 -23.59
CA LEU C 135 -12.13 1.65 -23.58
C LEU C 135 -12.89 1.37 -24.87
N GLU C 136 -13.31 2.40 -25.60
CA GLU C 136 -14.00 2.17 -26.87
C GLU C 136 -13.04 1.99 -28.04
N ARG C 137 -11.80 2.46 -27.94
CA ARG C 137 -10.78 2.17 -28.94
C ARG C 137 -9.87 1.03 -28.51
N SER C 138 -10.12 0.42 -27.35
CA SER C 138 -9.24 -0.60 -26.81
C SER C 138 -9.32 -1.91 -27.59
N GLY C 139 -10.46 -2.20 -28.19
CA GLY C 139 -10.65 -3.48 -28.85
C GLY C 139 -11.09 -4.59 -27.94
N LEU C 140 -11.62 -4.27 -26.75
CA LEU C 140 -12.12 -5.26 -25.82
C LEU C 140 -13.58 -5.59 -26.13
N GLY C 141 -14.15 -6.50 -25.34
CA GLY C 141 -15.54 -6.87 -25.52
C GLY C 141 -16.33 -6.76 -24.23
N GLU C 142 -17.48 -7.43 -24.18
CA GLU C 142 -18.33 -7.38 -22.99
C GLU C 142 -18.14 -8.57 -22.07
N ASP C 143 -17.38 -9.58 -22.48
CA ASP C 143 -17.15 -10.77 -21.68
C ASP C 143 -15.84 -10.71 -20.90
N THR C 144 -15.17 -9.57 -20.89
CA THR C 144 -13.93 -9.43 -20.16
C THR C 144 -14.22 -9.35 -18.66
N CYS C 145 -13.41 -10.05 -17.87
CA CYS C 145 -13.71 -10.29 -16.47
C CYS C 145 -12.68 -9.64 -15.55
N LEU C 146 -13.17 -8.95 -14.53
CA LEU C 146 -12.40 -8.38 -13.44
C LEU C 146 -12.62 -9.19 -12.17
N PRO C 147 -11.70 -9.13 -11.21
CA PRO C 147 -11.84 -9.93 -9.97
C PRO C 147 -13.03 -9.50 -9.14
N PRO C 148 -13.46 -10.32 -8.14
CA PRO C 148 -14.58 -9.90 -7.30
C PRO C 148 -14.21 -8.89 -6.20
N ALA C 149 -13.42 -7.89 -6.56
CA ALA C 149 -13.21 -6.70 -5.76
C ALA C 149 -13.43 -5.43 -6.53
N ASN C 150 -13.28 -5.44 -7.86
CA ASN C 150 -13.56 -4.31 -8.72
C ASN C 150 -15.02 -4.21 -9.12
N HIS C 151 -15.87 -5.09 -8.60
CA HIS C 151 -17.31 -4.98 -8.77
C HIS C 151 -17.94 -4.12 -7.68
N TYR C 152 -17.15 -3.61 -6.75
CA TYR C 152 -17.62 -2.73 -5.69
C TYR C 152 -17.29 -1.29 -6.04
N ILE C 153 -18.12 -0.38 -5.55
CA ILE C 153 -18.02 1.04 -5.85
C ILE C 153 -17.84 1.78 -4.52
N PRO C 154 -16.59 2.12 -4.16
CA PRO C 154 -15.28 1.92 -4.78
C PRO C 154 -14.74 0.51 -4.54
N PRO C 155 -13.75 0.08 -5.34
CA PRO C 155 -13.20 -1.27 -5.16
C PRO C 155 -12.49 -1.46 -3.83
N ASN C 156 -12.26 -2.74 -3.50
CA ASN C 156 -11.63 -3.16 -2.24
C ASN C 156 -10.34 -3.92 -2.55
N PRO C 157 -9.23 -3.22 -2.78
CA PRO C 157 -7.97 -3.95 -3.04
C PRO C 157 -7.28 -4.41 -1.76
N SER C 158 -7.84 -5.44 -1.14
CA SER C 158 -7.26 -6.01 0.06
C SER C 158 -6.10 -6.92 -0.30
N MET C 159 -5.44 -7.46 0.73
CA MET C 159 -4.45 -8.51 0.50
C MET C 159 -5.09 -9.88 0.48
N GLU C 160 -6.04 -10.13 1.39
CA GLU C 160 -6.77 -11.39 1.37
C GLU C 160 -7.68 -11.49 0.15
N ALA C 161 -8.21 -10.37 -0.34
CA ALA C 161 -9.02 -10.41 -1.54
C ALA C 161 -8.18 -10.65 -2.79
N SER C 162 -6.91 -10.25 -2.76
CA SER C 162 -6.01 -10.52 -3.87
C SER C 162 -5.34 -11.88 -3.77
N ARG C 163 -5.21 -12.41 -2.56
CA ARG C 163 -4.67 -13.75 -2.37
C ARG C 163 -5.73 -14.81 -2.65
N ALA C 164 -7.01 -14.51 -2.37
CA ALA C 164 -8.07 -15.45 -2.71
C ALA C 164 -8.36 -15.47 -4.20
N GLU C 165 -8.08 -14.37 -4.90
CA GLU C 165 -8.15 -14.39 -6.36
C GLU C 165 -7.01 -15.22 -6.95
N ALA C 166 -5.83 -15.16 -6.31
CA ALA C 166 -4.72 -16.00 -6.74
C ALA C 166 -4.98 -17.47 -6.47
N GLN C 167 -5.81 -17.78 -5.48
CA GLN C 167 -6.22 -19.17 -5.26
C GLN C 167 -7.40 -19.57 -6.13
N LEU C 168 -7.89 -18.67 -6.98
CA LEU C 168 -9.00 -18.97 -7.88
C LEU C 168 -8.53 -19.12 -9.33
N VAL C 169 -7.68 -18.21 -9.80
CA VAL C 169 -7.24 -18.30 -11.19
C VAL C 169 -6.16 -19.36 -11.36
N ILE C 170 -5.37 -19.61 -10.33
CA ILE C 170 -4.26 -20.57 -10.42
C ILE C 170 -4.72 -21.98 -10.13
N PHE C 171 -5.49 -22.16 -9.05
CA PHE C 171 -5.90 -23.50 -8.66
C PHE C 171 -6.95 -24.09 -9.58
N SER C 172 -7.71 -23.25 -10.30
CA SER C 172 -8.63 -23.76 -11.30
C SER C 172 -7.93 -24.04 -12.63
N ALA C 173 -6.71 -23.56 -12.81
CA ALA C 173 -5.93 -23.88 -14.00
C ALA C 173 -5.07 -25.12 -13.82
N ILE C 174 -4.65 -25.41 -12.59
CA ILE C 174 -3.89 -26.63 -12.34
C ILE C 174 -4.82 -27.82 -12.19
N ASP C 175 -6.02 -27.61 -11.61
CA ASP C 175 -7.00 -28.68 -11.54
C ASP C 175 -7.51 -29.08 -12.91
N ASP C 176 -7.58 -28.12 -13.85
CA ASP C 176 -7.99 -28.46 -15.21
C ASP C 176 -6.86 -29.20 -15.93
N LEU C 177 -5.62 -28.98 -15.52
CA LEU C 177 -4.47 -29.62 -16.15
C LEU C 177 -4.21 -31.02 -15.61
N VAL C 178 -4.40 -31.23 -14.31
CA VAL C 178 -4.17 -32.56 -13.74
C VAL C 178 -5.31 -33.53 -14.01
N ARG C 179 -6.44 -33.05 -14.55
CA ARG C 179 -7.52 -33.94 -14.92
C ARG C 179 -7.52 -34.28 -16.40
N ARG C 180 -6.77 -33.54 -17.22
CA ARG C 180 -6.67 -33.84 -18.63
C ARG C 180 -5.34 -34.47 -19.02
N THR C 181 -4.32 -34.40 -18.17
CA THR C 181 -3.05 -35.03 -18.43
C THR C 181 -2.87 -36.34 -17.68
N GLY C 182 -3.62 -36.57 -16.62
CA GLY C 182 -3.32 -37.68 -15.74
C GLY C 182 -2.09 -37.43 -14.91
N LEU C 183 -1.80 -36.17 -14.60
CA LEU C 183 -0.59 -35.79 -13.89
C LEU C 183 -0.73 -36.08 -12.40
N LYS C 184 0.35 -36.56 -11.81
CA LYS C 184 0.42 -36.71 -10.37
C LYS C 184 1.15 -35.52 -9.75
N PRO C 185 0.78 -35.11 -8.54
CA PRO C 185 1.54 -34.05 -7.86
C PRO C 185 2.93 -34.47 -7.43
N LYS C 186 3.17 -35.77 -7.26
CA LYS C 186 4.54 -36.23 -6.98
C LYS C 186 5.38 -36.34 -8.25
N ASP C 187 4.78 -36.19 -9.42
CA ASP C 187 5.50 -36.24 -10.68
C ASP C 187 6.09 -34.90 -11.09
N ILE C 188 5.67 -33.81 -10.47
CA ILE C 188 6.15 -32.48 -10.84
C ILE C 188 7.50 -32.25 -10.17
N ASP C 189 8.53 -32.07 -10.98
CA ASP C 189 9.89 -31.86 -10.50
C ASP C 189 10.29 -30.40 -10.44
N ILE C 190 9.81 -29.58 -11.37
CA ILE C 190 10.17 -28.18 -11.50
C ILE C 190 8.88 -27.37 -11.52
N LEU C 191 8.86 -26.27 -10.77
CA LEU C 191 7.70 -25.40 -10.71
C LEU C 191 8.15 -23.95 -10.91
N VAL C 192 7.80 -23.36 -12.05
CA VAL C 192 8.18 -21.98 -12.34
C VAL C 192 6.89 -21.17 -12.46
N VAL C 193 6.64 -20.33 -11.48
CA VAL C 193 5.47 -19.46 -11.45
C VAL C 193 5.91 -18.05 -11.73
N ASN C 194 5.13 -17.32 -12.52
CA ASN C 194 5.37 -15.90 -12.71
C ASN C 194 4.09 -15.11 -12.57
N CYS C 195 4.20 -13.98 -11.86
CA CYS C 195 3.15 -12.98 -11.75
C CYS C 195 3.84 -11.65 -11.50
N SER C 196 3.44 -10.62 -12.24
CA SER C 196 4.25 -9.40 -12.29
C SER C 196 4.16 -8.59 -11.00
N LEU C 197 2.96 -8.11 -10.65
CA LEU C 197 2.88 -7.23 -9.50
C LEU C 197 2.69 -7.99 -8.18
N PHE C 198 1.73 -8.90 -8.13
CA PHE C 198 1.43 -9.59 -6.89
C PHE C 198 2.50 -10.65 -6.61
N SER C 199 3.24 -10.45 -5.51
CA SER C 199 4.25 -11.40 -5.07
C SER C 199 4.18 -11.47 -3.55
N PRO C 200 3.35 -12.35 -3.02
CA PRO C 200 3.20 -12.42 -1.56
C PRO C 200 4.33 -13.22 -0.94
N THR C 201 4.34 -13.23 0.39
CA THR C 201 5.31 -13.99 1.17
C THR C 201 4.55 -14.95 2.07
N PRO C 202 4.63 -16.28 1.86
CA PRO C 202 5.37 -17.09 0.89
C PRO C 202 4.87 -16.95 -0.54
N SER C 203 5.60 -17.53 -1.49
CA SER C 203 5.39 -17.28 -2.90
C SER C 203 4.07 -17.88 -3.38
N LEU C 204 3.72 -17.58 -4.62
CA LEU C 204 2.65 -18.31 -5.27
C LEU C 204 3.07 -19.74 -5.57
N SER C 205 4.37 -19.97 -5.79
CA SER C 205 4.88 -21.32 -5.93
C SER C 205 4.77 -22.10 -4.64
N ALA C 206 5.04 -21.45 -3.50
CA ALA C 206 4.83 -22.10 -2.21
C ALA C 206 3.36 -22.32 -1.92
N MET C 207 2.49 -21.46 -2.46
CA MET C 207 1.05 -21.66 -2.35
C MET C 207 0.60 -22.89 -3.14
N ILE C 208 1.17 -23.09 -4.33
CA ILE C 208 0.88 -24.28 -5.13
C ILE C 208 1.43 -25.53 -4.45
N ILE C 209 2.62 -25.43 -3.85
CA ILE C 209 3.22 -26.56 -3.15
C ILE C 209 2.41 -26.92 -1.91
N ASN C 210 1.88 -25.92 -1.21
CA ASN C 210 1.05 -26.20 -0.05
C ASN C 210 -0.29 -26.81 -0.44
N LYS C 211 -0.88 -26.35 -1.54
CA LYS C 211 -2.20 -26.83 -1.93
C LYS C 211 -2.12 -28.26 -2.46
N TYR C 212 -1.22 -28.52 -3.40
CA TYR C 212 -1.18 -29.79 -4.10
C TYR C 212 -0.25 -30.81 -3.47
N LYS C 213 0.43 -30.44 -2.37
CA LYS C 213 1.33 -31.31 -1.60
C LYS C 213 2.46 -31.85 -2.47
N LEU C 214 3.18 -30.94 -3.12
CA LEU C 214 4.30 -31.32 -3.96
C LEU C 214 5.50 -31.71 -3.07
N ARG C 215 6.53 -32.26 -3.71
CA ARG C 215 7.63 -32.86 -2.97
C ARG C 215 8.50 -31.81 -2.29
N SER C 216 9.29 -32.27 -1.32
CA SER C 216 10.19 -31.36 -0.62
C SER C 216 11.42 -31.03 -1.43
N ASN C 217 11.82 -31.90 -2.36
CA ASN C 217 12.96 -31.65 -3.21
C ASN C 217 12.57 -31.02 -4.55
N ILE C 218 11.41 -30.36 -4.60
CA ILE C 218 11.00 -29.69 -5.82
C ILE C 218 11.86 -28.43 -6.00
N ARG C 219 12.12 -28.09 -7.25
CA ARG C 219 12.90 -26.91 -7.59
C ARG C 219 11.92 -25.83 -8.03
N SER C 220 11.44 -25.06 -7.08
CA SER C 220 10.44 -24.04 -7.32
C SER C 220 11.08 -22.67 -7.50
N PHE C 221 10.59 -21.92 -8.49
CA PHE C 221 11.03 -20.57 -8.77
C PHE C 221 9.80 -19.68 -8.93
N ASN C 222 9.91 -18.44 -8.44
CA ASN C 222 8.81 -17.47 -8.52
C ASN C 222 9.36 -16.17 -9.09
N LEU C 223 9.26 -16.01 -10.41
CA LEU C 223 9.77 -14.83 -11.10
C LEU C 223 8.72 -13.72 -11.04
N SER C 224 8.98 -12.68 -10.25
CA SER C 224 8.03 -11.60 -10.10
C SER C 224 8.67 -10.27 -10.47
N GLY C 225 7.82 -9.36 -10.97
CA GLY C 225 8.26 -8.05 -11.39
C GLY C 225 8.70 -7.95 -12.83
N MET C 226 8.60 -9.04 -13.59
CA MET C 226 9.16 -9.10 -14.94
C MET C 226 8.13 -8.86 -16.03
N GLY C 227 6.94 -8.36 -15.68
CA GLY C 227 6.02 -7.88 -16.70
C GLY C 227 5.28 -8.98 -17.43
N ALA C 228 4.75 -8.61 -18.59
CA ALA C 228 3.90 -9.47 -19.39
C ALA C 228 4.66 -10.36 -20.35
N SER C 229 5.99 -10.25 -20.41
CA SER C 229 6.81 -11.12 -21.23
C SER C 229 7.49 -12.21 -20.42
N ALA C 230 7.15 -12.33 -19.14
CA ALA C 230 7.77 -13.32 -18.27
C ALA C 230 7.15 -14.70 -18.40
N GLY C 231 6.12 -14.86 -19.23
CA GLY C 231 5.63 -16.19 -19.54
C GLY C 231 6.66 -16.99 -20.32
N LEU C 232 7.27 -16.37 -21.33
CA LEU C 232 8.33 -17.01 -22.09
C LEU C 232 9.66 -17.02 -21.34
N ILE C 233 9.84 -16.11 -20.37
CA ILE C 233 10.98 -16.23 -19.46
C ILE C 233 10.86 -17.49 -18.62
N SER C 234 9.64 -17.77 -18.13
CA SER C 234 9.42 -19.00 -17.38
C SER C 234 9.47 -20.23 -18.27
N ILE C 235 9.07 -20.11 -19.54
CA ILE C 235 9.17 -21.22 -20.47
C ILE C 235 10.63 -21.53 -20.80
N ASP C 236 11.45 -20.49 -21.01
CA ASP C 236 12.88 -20.70 -21.23
C ASP C 236 13.59 -21.18 -19.98
N LEU C 237 13.13 -20.75 -18.80
CA LEU C 237 13.69 -21.24 -17.56
C LEU C 237 13.39 -22.71 -17.35
N ALA C 238 12.14 -23.12 -17.58
CA ALA C 238 11.78 -24.52 -17.46
C ALA C 238 12.43 -25.36 -18.57
N ARG C 239 12.73 -24.76 -19.71
CA ARG C 239 13.50 -25.46 -20.74
C ARG C 239 14.92 -25.71 -20.28
N ASP C 240 15.57 -24.67 -19.74
CA ASP C 240 16.96 -24.80 -19.30
C ASP C 240 17.09 -25.65 -18.03
N MET C 241 16.02 -25.81 -17.26
CA MET C 241 16.05 -26.73 -16.13
C MET C 241 15.83 -28.18 -16.55
N LEU C 242 15.17 -28.40 -17.70
CA LEU C 242 14.92 -29.75 -18.18
C LEU C 242 16.06 -30.32 -19.00
N GLN C 243 17.10 -29.53 -19.26
CA GLN C 243 18.33 -30.03 -19.86
C GLN C 243 19.27 -30.59 -18.79
N VAL C 244 19.32 -29.94 -17.63
CA VAL C 244 20.18 -30.39 -16.55
C VAL C 244 19.59 -31.63 -15.89
N HIS C 245 18.27 -31.65 -15.72
CA HIS C 245 17.59 -32.72 -14.98
C HIS C 245 16.84 -33.63 -15.94
N PRO C 246 17.35 -34.82 -16.24
CA PRO C 246 16.65 -35.71 -17.15
C PRO C 246 15.50 -36.43 -16.47
N ASN C 247 14.50 -36.77 -17.29
CA ASN C 247 13.27 -37.47 -16.89
C ASN C 247 12.52 -36.70 -15.80
N SER C 248 12.08 -35.51 -16.18
CA SER C 248 11.40 -34.62 -15.24
C SER C 248 10.25 -33.92 -15.93
N ASN C 249 9.25 -33.53 -15.13
CA ASN C 249 8.14 -32.71 -15.56
C ASN C 249 8.31 -31.30 -14.99
N ALA C 250 7.87 -30.31 -15.76
CA ALA C 250 7.88 -28.93 -15.32
C ALA C 250 6.47 -28.38 -15.33
N LEU C 251 6.14 -27.58 -14.33
CA LEU C 251 4.84 -26.92 -14.24
C LEU C 251 5.08 -25.42 -14.31
N VAL C 252 4.52 -24.78 -15.34
CA VAL C 252 4.68 -23.35 -15.56
C VAL C 252 3.32 -22.69 -15.39
N VAL C 253 3.20 -21.81 -14.41
CA VAL C 253 1.98 -21.05 -14.16
C VAL C 253 2.28 -19.59 -14.49
N SER C 254 1.48 -19.01 -15.38
CA SER C 254 1.63 -17.63 -15.80
C SER C 254 0.30 -16.91 -15.57
N THR C 255 0.28 -15.97 -14.63
CA THR C 255 -0.94 -15.30 -14.26
C THR C 255 -0.67 -13.81 -14.05
N GLU C 256 -1.72 -13.07 -13.73
CA GLU C 256 -1.63 -11.67 -13.35
C GLU C 256 -2.81 -11.36 -12.46
N ILE C 257 -2.53 -10.90 -11.24
CA ILE C 257 -3.57 -10.64 -10.25
C ILE C 257 -3.98 -9.17 -10.35
N ILE C 258 -5.24 -8.94 -10.73
CA ILE C 258 -5.70 -7.59 -11.04
C ILE C 258 -6.15 -6.81 -9.81
N THR C 259 -6.37 -7.49 -8.68
CA THR C 259 -6.85 -6.81 -7.48
C THR C 259 -5.85 -5.79 -6.88
N PRO C 260 -4.54 -6.04 -6.76
CA PRO C 260 -3.66 -4.92 -6.42
C PRO C 260 -3.17 -4.10 -7.61
N ASN C 261 -3.54 -4.48 -8.83
CA ASN C 261 -3.13 -3.75 -10.02
C ASN C 261 -3.95 -2.48 -10.26
N PHE C 262 -5.05 -2.29 -9.55
CA PHE C 262 -5.95 -1.19 -9.88
C PHE C 262 -5.38 0.15 -9.42
N TYR C 263 -5.75 1.19 -10.15
CA TYR C 263 -5.28 2.55 -9.90
C TYR C 263 -6.42 3.36 -9.32
N GLN C 264 -6.21 3.92 -8.13
CA GLN C 264 -7.25 4.66 -7.42
C GLN C 264 -7.14 6.17 -7.62
N GLY C 265 -6.20 6.63 -8.43
CA GLY C 265 -5.96 8.04 -8.63
C GLY C 265 -6.61 8.59 -9.88
N SER C 266 -5.96 9.61 -10.47
CA SER C 266 -6.55 10.29 -11.62
C SER C 266 -5.54 10.64 -12.71
N ARG C 267 -4.31 10.12 -12.67
CA ARG C 267 -3.33 10.40 -13.71
C ARG C 267 -3.68 9.62 -14.97
N ARG C 268 -3.64 10.30 -16.11
CA ARG C 268 -4.17 9.72 -17.35
C ARG C 268 -3.28 8.61 -17.89
N ASP C 269 -1.97 8.67 -17.65
CA ASP C 269 -1.09 7.61 -18.12
C ASP C 269 -1.15 6.36 -17.27
N MET C 270 -1.79 6.43 -16.09
CA MET C 270 -1.93 5.28 -15.22
C MET C 270 -3.32 4.67 -15.28
N LEU C 271 -4.26 5.29 -15.98
CA LEU C 271 -5.61 4.76 -16.12
C LEU C 271 -5.77 3.84 -17.31
N LEU C 272 -4.78 3.77 -18.20
CA LEU C 272 -4.80 2.77 -19.26
C LEU C 272 -4.66 1.33 -18.75
N PRO C 273 -3.84 1.01 -17.71
CA PRO C 273 -3.93 -0.35 -17.16
C PRO C 273 -5.26 -0.67 -16.48
N ASN C 274 -6.06 0.31 -16.11
CA ASN C 274 -7.38 0.02 -15.57
C ASN C 274 -8.31 -0.47 -16.65
N CYS C 275 -8.18 0.06 -17.87
CA CYS C 275 -9.07 -0.26 -18.97
C CYS C 275 -8.57 -1.41 -19.84
N LEU C 276 -7.46 -2.04 -19.47
CA LEU C 276 -6.88 -3.08 -20.31
C LEU C 276 -6.81 -4.43 -19.62
N PHE C 277 -6.23 -4.51 -18.43
CA PHE C 277 -5.89 -5.79 -17.82
C PHE C 277 -7.12 -6.46 -17.22
N ARG C 278 -7.26 -7.76 -17.47
CA ARG C 278 -8.41 -8.55 -17.04
C ARG C 278 -7.93 -9.85 -16.40
N MET C 279 -8.88 -10.65 -15.92
CA MET C 279 -8.56 -11.90 -15.24
C MET C 279 -8.09 -12.96 -16.23
N GLY C 280 -7.09 -13.74 -15.82
CA GLY C 280 -6.61 -14.83 -16.63
C GLY C 280 -5.40 -15.52 -16.05
N ALA C 281 -5.26 -16.81 -16.34
CA ALA C 281 -4.10 -17.60 -15.92
C ALA C 281 -3.96 -18.78 -16.86
N ALA C 282 -2.78 -19.40 -16.83
CA ALA C 282 -2.51 -20.58 -17.63
C ALA C 282 -1.49 -21.45 -16.93
N ALA C 283 -1.79 -22.73 -16.79
CA ALA C 283 -0.88 -23.72 -16.25
C ALA C 283 -0.35 -24.57 -17.39
N ILE C 284 0.97 -24.66 -17.51
CA ILE C 284 1.64 -25.26 -18.65
C ILE C 284 2.48 -26.44 -18.14
N LEU C 285 2.32 -27.59 -18.76
CA LEU C 285 3.06 -28.80 -18.38
C LEU C 285 4.11 -29.11 -19.45
N LEU C 286 5.37 -28.94 -19.10
CA LEU C 286 6.50 -29.28 -19.96
C LEU C 286 7.17 -30.55 -19.45
N SER C 287 7.83 -31.26 -20.35
CA SER C 287 8.48 -32.51 -20.00
C SER C 287 9.60 -32.78 -20.99
N ASN C 288 10.56 -33.61 -20.56
CA ASN C 288 11.62 -34.06 -21.45
C ASN C 288 11.70 -35.58 -21.56
N ARG C 289 10.75 -36.30 -20.95
CA ARG C 289 10.71 -37.74 -21.09
C ARG C 289 10.24 -38.12 -22.48
N ARG C 290 10.76 -39.23 -22.98
CA ARG C 290 10.36 -39.73 -24.29
C ARG C 290 9.09 -40.56 -24.25
N ARG C 291 8.64 -40.96 -23.04
CA ARG C 291 7.32 -41.55 -22.93
C ARG C 291 6.24 -40.54 -23.22
N GLU C 292 6.42 -39.30 -22.77
CA GLU C 292 5.51 -38.20 -23.07
C GLU C 292 5.97 -37.44 -24.31
N ALA C 293 6.24 -38.17 -25.38
CA ALA C 293 6.54 -37.59 -26.68
C ALA C 293 5.54 -38.00 -27.74
N ARG C 294 4.68 -38.97 -27.45
CA ARG C 294 3.57 -39.33 -28.32
C ARG C 294 2.24 -38.79 -27.81
N ARG C 295 2.14 -38.52 -26.50
CA ARG C 295 0.98 -37.84 -25.93
C ARG C 295 1.09 -36.33 -26.08
N ALA C 296 2.31 -35.82 -26.25
CA ALA C 296 2.58 -34.40 -26.21
C ALA C 296 1.97 -33.67 -27.41
N LYS C 297 1.76 -32.37 -27.23
CA LYS C 297 1.13 -31.52 -28.23
C LYS C 297 2.16 -30.79 -29.10
N TYR C 298 3.12 -30.13 -28.47
CA TYR C 298 4.13 -29.35 -29.19
C TYR C 298 5.51 -29.72 -28.70
N ARG C 299 6.50 -29.43 -29.52
CA ARG C 299 7.90 -29.50 -29.14
C ARG C 299 8.46 -28.09 -29.16
N LEU C 300 9.12 -27.70 -28.07
CA LEU C 300 9.76 -26.39 -28.02
C LEU C 300 10.99 -26.39 -28.91
N VAL C 301 10.99 -25.50 -29.89
CA VAL C 301 12.11 -25.43 -30.83
C VAL C 301 13.11 -24.39 -30.36
N HIS C 302 12.69 -23.14 -30.28
CA HIS C 302 13.57 -22.05 -29.87
C HIS C 302 12.84 -21.12 -28.92
N VAL C 303 13.60 -20.54 -27.99
CA VAL C 303 13.17 -19.37 -27.23
C VAL C 303 14.21 -18.29 -27.43
N VAL C 304 13.79 -17.12 -27.90
CA VAL C 304 14.69 -16.02 -28.19
C VAL C 304 14.29 -14.83 -27.31
N ARG C 305 15.21 -14.41 -26.45
CA ARG C 305 14.99 -13.29 -25.55
C ARG C 305 15.71 -12.05 -26.06
N THR C 306 15.16 -10.89 -25.72
CA THR C 306 15.74 -9.60 -26.13
C THR C 306 15.36 -8.57 -25.09
N HIS C 307 16.36 -8.01 -24.41
CA HIS C 307 16.15 -7.06 -23.32
C HIS C 307 16.61 -5.68 -23.78
N LYS C 308 15.65 -4.80 -24.05
CA LYS C 308 15.95 -3.43 -24.45
C LYS C 308 16.08 -2.48 -23.26
N GLY C 309 16.35 -3.02 -22.07
CA GLY C 309 16.38 -2.21 -20.86
C GLY C 309 17.58 -1.29 -20.76
N ALA C 310 18.61 -1.50 -21.58
CA ALA C 310 19.78 -0.63 -21.55
C ALA C 310 19.45 0.76 -22.05
N ASP C 311 18.45 0.91 -22.91
CA ASP C 311 17.98 2.23 -23.30
C ASP C 311 17.19 2.84 -22.15
N ASP C 312 17.28 4.16 -22.01
CA ASP C 312 16.55 4.82 -20.95
C ASP C 312 15.09 5.06 -21.31
N ARG C 313 14.79 5.23 -22.61
CA ARG C 313 13.41 5.40 -23.03
C ARG C 313 12.64 4.09 -22.94
N ALA C 314 13.29 2.97 -23.21
CA ALA C 314 12.63 1.67 -23.15
C ALA C 314 12.55 1.11 -21.75
N TYR C 315 13.44 1.53 -20.84
CA TYR C 315 13.37 1.06 -19.46
C TYR C 315 12.21 1.71 -18.73
N ARG C 316 12.02 3.02 -18.92
CA ARG C 316 10.96 3.77 -18.25
C ARG C 316 9.69 3.85 -19.08
N CYS C 317 9.43 2.84 -19.92
CA CYS C 317 8.24 2.83 -20.76
C CYS C 317 7.03 2.33 -19.99
N VAL C 318 7.13 1.13 -19.44
CA VAL C 318 6.14 0.57 -18.53
C VAL C 318 6.76 0.66 -17.15
N TYR C 319 6.46 1.74 -16.43
CA TYR C 319 7.11 2.06 -15.16
C TYR C 319 6.06 2.12 -14.07
N GLU C 320 6.33 1.45 -12.95
CA GLU C 320 5.44 1.52 -11.79
C GLU C 320 5.89 2.69 -10.92
N GLU C 321 5.03 3.69 -10.80
CA GLU C 321 5.30 4.89 -10.04
C GLU C 321 4.26 5.05 -8.94
N GLU C 322 4.31 6.20 -8.28
CA GLU C 322 3.23 6.71 -7.46
C GLU C 322 2.97 8.14 -7.88
N ASP C 323 1.70 8.53 -7.93
CA ASP C 323 1.36 9.88 -8.36
C ASP C 323 1.58 10.86 -7.21
N GLU C 324 1.20 12.12 -7.42
CA GLU C 324 1.38 13.15 -6.40
C GLU C 324 0.39 13.03 -5.25
N GLN C 325 -0.57 12.10 -5.31
CA GLN C 325 -1.49 11.86 -4.22
C GLN C 325 -1.21 10.56 -3.49
N GLY C 326 -0.21 9.80 -3.92
CA GLY C 326 0.22 8.62 -3.18
C GLY C 326 -0.34 7.30 -3.63
N PHE C 327 -0.88 7.22 -4.84
CA PHE C 327 -1.48 5.98 -5.34
C PHE C 327 -0.53 5.32 -6.33
N SER C 328 -0.21 4.05 -6.08
CA SER C 328 0.66 3.30 -6.97
C SER C 328 -0.09 2.94 -8.25
N GLY C 329 0.68 2.58 -9.28
CA GLY C 329 0.08 2.16 -10.52
C GLY C 329 1.14 2.03 -11.59
N ILE C 330 0.72 1.43 -12.71
CA ILE C 330 1.57 1.26 -13.88
C ILE C 330 1.34 2.44 -14.81
N SER C 331 2.41 3.14 -15.16
CA SER C 331 2.32 4.32 -16.01
C SER C 331 2.87 3.98 -17.39
N LEU C 332 1.98 3.91 -18.38
CA LEU C 332 2.39 3.62 -19.74
C LEU C 332 2.81 4.91 -20.45
N SER C 333 3.75 4.76 -21.38
CA SER C 333 4.27 5.89 -22.12
C SER C 333 3.53 6.06 -23.44
N LYS C 334 3.48 7.29 -23.94
CA LYS C 334 2.87 7.55 -25.23
C LYS C 334 3.73 7.05 -26.38
N GLU C 335 5.04 6.92 -26.16
CA GLU C 335 5.99 6.39 -27.13
C GLU C 335 6.18 4.88 -27.00
N LEU C 336 5.18 4.17 -26.47
CA LEU C 336 5.33 2.75 -26.21
C LEU C 336 5.27 1.93 -27.49
N MET C 337 4.46 2.37 -28.45
CA MET C 337 4.29 1.61 -29.68
C MET C 337 5.49 1.72 -30.59
N ALA C 338 6.24 2.82 -30.53
CA ALA C 338 7.49 2.90 -31.27
C ALA C 338 8.57 2.07 -30.62
N ILE C 339 8.53 1.90 -29.31
CA ILE C 339 9.51 1.09 -28.60
C ILE C 339 9.17 -0.40 -28.74
N ALA C 340 7.88 -0.74 -28.75
CA ALA C 340 7.47 -2.13 -28.94
C ALA C 340 7.76 -2.62 -30.35
N GLY C 341 7.80 -1.72 -31.32
CA GLY C 341 8.18 -2.09 -32.68
C GLY C 341 9.67 -2.26 -32.82
N ASP C 342 10.45 -1.44 -32.11
CA ASP C 342 11.90 -1.56 -32.16
C ASP C 342 12.44 -2.65 -31.25
N ALA C 343 11.65 -3.09 -30.26
CA ALA C 343 12.02 -4.28 -29.51
C ALA C 343 11.74 -5.56 -30.28
N LEU C 344 10.81 -5.53 -31.24
CA LEU C 344 10.56 -6.69 -32.07
C LEU C 344 11.60 -6.84 -33.17
N LYS C 345 12.03 -5.74 -33.78
CA LYS C 345 13.00 -5.83 -34.86
C LYS C 345 14.40 -6.16 -34.35
N SER C 346 14.68 -5.95 -33.07
CA SER C 346 15.89 -6.49 -32.47
C SER C 346 15.75 -7.96 -32.13
N ASN C 347 14.52 -8.44 -32.00
CA ASN C 347 14.22 -9.85 -31.79
C ASN C 347 14.07 -10.61 -33.10
N ILE C 348 13.62 -9.92 -34.15
CA ILE C 348 13.51 -10.52 -35.47
C ILE C 348 14.89 -10.83 -36.03
N THR C 349 15.88 -9.97 -35.77
CA THR C 349 17.23 -10.18 -36.28
C THR C 349 17.94 -11.36 -35.63
N THR C 350 17.46 -11.84 -34.48
CA THR C 350 18.02 -13.02 -33.85
C THR C 350 17.28 -14.27 -34.26
N ILE C 351 15.94 -14.23 -34.30
CA ILE C 351 15.14 -15.41 -34.62
C ILE C 351 15.06 -15.65 -36.12
N GLY C 352 15.45 -14.69 -36.93
CA GLY C 352 15.40 -14.79 -38.37
C GLY C 352 16.30 -15.86 -38.97
N PRO C 353 17.60 -15.84 -38.66
CA PRO C 353 18.46 -16.94 -39.10
C PRO C 353 18.11 -18.30 -38.50
N LEU C 354 17.39 -18.34 -37.38
CA LEU C 354 17.07 -19.63 -36.78
C LEU C 354 15.93 -20.34 -37.51
N VAL C 355 14.91 -19.60 -37.95
CA VAL C 355 13.68 -20.22 -38.42
C VAL C 355 13.45 -20.05 -39.92
N LEU C 356 14.08 -19.07 -40.57
CA LEU C 356 13.75 -18.86 -41.97
C LEU C 356 14.46 -19.88 -42.83
N PRO C 357 13.84 -20.37 -43.90
CA PRO C 357 14.51 -21.30 -44.79
C PRO C 357 15.57 -20.60 -45.61
N MET C 358 16.71 -21.26 -45.80
CA MET C 358 17.78 -20.67 -46.59
C MET C 358 17.55 -20.76 -48.09
N SER C 359 16.38 -21.23 -48.52
CA SER C 359 15.92 -20.93 -49.87
C SER C 359 15.78 -19.42 -50.07
N GLU C 360 15.33 -18.70 -49.04
CA GLU C 360 15.25 -17.25 -49.10
C GLU C 360 15.73 -16.63 -47.79
N GLN C 361 16.81 -17.16 -47.23
CA GLN C 361 17.67 -16.40 -46.34
C GLN C 361 18.81 -15.73 -47.11
N LEU C 362 18.71 -15.69 -48.43
CA LEU C 362 19.73 -15.12 -49.29
C LEU C 362 19.64 -13.61 -49.40
N LEU C 363 18.77 -12.96 -48.61
CA LEU C 363 18.66 -11.51 -48.63
C LEU C 363 19.89 -10.81 -48.09
N PHE C 364 20.76 -11.52 -47.37
CA PHE C 364 21.97 -10.93 -46.82
C PHE C 364 23.24 -11.39 -47.53
N PHE C 365 23.12 -12.22 -48.58
CA PHE C 365 24.28 -12.63 -49.36
C PHE C 365 24.12 -12.51 -50.87
N PHE C 366 22.91 -12.58 -51.43
CA PHE C 366 22.69 -12.33 -52.85
C PHE C 366 22.15 -10.94 -53.11
N ARG C 367 21.71 -10.25 -52.06
CA ARG C 367 21.12 -8.92 -52.16
C ARG C 367 21.96 -7.85 -51.47
N LEU C 368 22.68 -8.20 -50.41
CA LEU C 368 23.44 -7.21 -49.64
C LEU C 368 24.78 -6.89 -50.28
N VAL C 369 25.36 -7.85 -51.02
CA VAL C 369 26.70 -7.65 -51.59
C VAL C 369 26.72 -6.69 -52.76
N GLY C 370 25.56 -6.29 -53.28
CA GLY C 370 25.51 -5.31 -54.35
C GLY C 370 24.94 -3.99 -53.89
N ARG C 371 25.21 -3.63 -52.63
CA ARG C 371 24.62 -2.44 -52.02
C ARG C 371 25.61 -1.31 -51.80
N LYS C 372 26.70 -1.55 -51.07
CA LYS C 372 27.61 -0.45 -50.70
C LYS C 372 28.64 -0.13 -51.77
N LEU C 373 28.46 -0.62 -52.99
CA LEU C 373 29.25 -0.17 -54.13
C LEU C 373 28.39 0.40 -55.26
N VAL C 374 27.07 0.18 -55.24
CA VAL C 374 26.18 0.72 -56.25
C VAL C 374 25.20 1.71 -55.62
N ASN C 375 24.33 1.20 -54.75
CA ASN C 375 23.28 2.04 -54.18
C ASN C 375 22.84 1.42 -52.85
N LYS C 376 23.05 2.14 -51.75
CA LYS C 376 22.54 1.74 -50.45
C LYS C 376 21.09 2.16 -50.31
N GLY C 377 20.21 1.17 -50.13
CA GLY C 377 18.80 1.43 -49.94
C GLY C 377 17.95 1.13 -51.15
N TRP C 378 17.28 -0.02 -51.11
CA TRP C 378 16.29 -0.43 -52.10
C TRP C 378 14.92 -0.35 -51.44
N ARG C 379 13.86 -0.33 -52.24
CA ARG C 379 12.51 -0.28 -51.68
C ARG C 379 12.19 -1.59 -50.99
N PRO C 380 11.51 -1.56 -49.83
CA PRO C 380 11.67 -2.64 -48.84
C PRO C 380 11.05 -3.97 -49.25
N TYR C 381 11.87 -5.02 -49.17
CA TYR C 381 11.45 -6.41 -49.26
C TYR C 381 11.97 -7.08 -48.00
N ILE C 382 11.14 -7.09 -46.96
CA ILE C 382 11.51 -7.61 -45.65
C ILE C 382 11.52 -9.14 -45.72
N PRO C 383 12.23 -9.83 -44.81
CA PRO C 383 12.15 -11.30 -44.77
C PRO C 383 10.74 -11.77 -44.43
N ASP C 384 10.16 -12.56 -45.33
CA ASP C 384 8.78 -13.01 -45.21
C ASP C 384 8.69 -14.08 -44.13
N PHE C 385 8.17 -13.69 -42.96
CA PHE C 385 8.00 -14.63 -41.87
C PHE C 385 6.76 -15.50 -42.01
N LYS C 386 5.93 -15.24 -43.01
CA LYS C 386 4.80 -16.12 -43.30
C LYS C 386 5.22 -17.37 -44.07
N LEU C 387 6.47 -17.43 -44.53
CA LEU C 387 7.05 -18.65 -45.09
C LEU C 387 7.71 -19.52 -44.03
N ALA C 388 7.96 -18.98 -42.84
CA ALA C 388 8.62 -19.72 -41.78
C ALA C 388 7.67 -20.24 -40.71
N PHE C 389 6.50 -19.62 -40.56
CA PHE C 389 5.54 -19.98 -39.53
C PHE C 389 4.16 -20.12 -40.14
N GLU C 390 3.35 -21.00 -39.54
CA GLU C 390 1.95 -21.15 -39.91
C GLU C 390 1.01 -20.36 -39.01
N HIS C 391 1.37 -20.16 -37.76
CA HIS C 391 0.52 -19.49 -36.79
C HIS C 391 1.32 -18.46 -36.03
N PHE C 392 0.69 -17.34 -35.72
CA PHE C 392 1.31 -16.24 -34.99
C PHE C 392 0.49 -15.93 -33.76
N CYS C 393 1.18 -15.63 -32.66
CA CYS C 393 0.55 -15.44 -31.35
C CYS C 393 1.10 -14.18 -30.70
N ILE C 394 1.01 -13.06 -31.44
CA ILE C 394 1.37 -11.75 -30.90
C ILE C 394 0.57 -11.44 -29.64
N HIS C 395 1.26 -10.93 -28.62
CA HIS C 395 0.67 -10.68 -27.32
C HIS C 395 -0.40 -9.60 -27.40
N ALA C 396 -1.56 -9.87 -26.80
CA ALA C 396 -2.74 -9.00 -26.92
C ALA C 396 -2.63 -7.84 -25.94
N GLY C 397 -1.73 -6.90 -26.24
CA GLY C 397 -1.53 -5.75 -25.38
C GLY C 397 -2.64 -4.72 -25.53
N GLY C 398 -2.84 -4.25 -26.75
CA GLY C 398 -3.92 -3.36 -27.08
C GLY C 398 -4.26 -3.55 -28.54
N ARG C 399 -5.25 -2.79 -29.01
CA ARG C 399 -5.61 -2.88 -30.42
C ARG C 399 -4.54 -2.25 -31.30
N ALA C 400 -3.95 -1.14 -30.85
CA ALA C 400 -2.99 -0.41 -31.66
C ALA C 400 -1.63 -1.08 -31.72
N VAL C 401 -1.32 -1.99 -30.79
CA VAL C 401 -0.03 -2.68 -30.84
C VAL C 401 -0.09 -3.89 -31.77
N ILE C 402 -1.22 -4.59 -31.79
CA ILE C 402 -1.40 -5.64 -32.79
C ILE C 402 -1.54 -5.03 -34.18
N ASP C 403 -2.05 -3.79 -34.26
CA ASP C 403 -2.17 -3.10 -35.54
C ASP C 403 -0.81 -2.72 -36.11
N GLU C 404 0.18 -2.47 -35.26
CA GLU C 404 1.49 -2.06 -35.74
C GLU C 404 2.42 -3.23 -36.00
N LEU C 405 2.41 -4.24 -35.13
CA LEU C 405 3.23 -5.42 -35.35
C LEU C 405 2.70 -6.29 -36.48
N GLN C 406 1.44 -6.10 -36.89
CA GLN C 406 0.97 -6.67 -38.15
C GLN C 406 1.64 -5.99 -39.34
N LYS C 407 1.72 -4.66 -39.33
CA LYS C 407 2.30 -3.96 -40.47
C LYS C 407 3.82 -4.00 -40.48
N ASN C 408 4.46 -4.34 -39.36
CA ASN C 408 5.89 -4.58 -39.37
C ASN C 408 6.25 -5.94 -39.92
N LEU C 409 5.41 -6.95 -39.64
CA LEU C 409 5.64 -8.30 -40.13
C LEU C 409 4.96 -8.57 -41.47
N GLN C 410 4.15 -7.62 -41.95
CA GLN C 410 3.33 -7.74 -43.16
C GLN C 410 2.43 -8.98 -43.05
N LEU C 411 1.56 -8.95 -42.06
CA LEU C 411 0.69 -10.07 -41.76
C LEU C 411 -0.69 -9.87 -42.38
N SER C 412 -1.31 -10.96 -42.78
CA SER C 412 -2.69 -10.94 -43.21
C SER C 412 -3.60 -10.85 -41.98
N PRO C 413 -4.84 -10.37 -42.16
CA PRO C 413 -5.77 -10.33 -41.01
C PRO C 413 -6.16 -11.69 -40.46
N ARG C 414 -6.00 -12.78 -41.22
CA ARG C 414 -6.22 -14.10 -40.65
C ARG C 414 -5.07 -14.54 -39.74
N HIS C 415 -3.87 -14.00 -39.95
CA HIS C 415 -2.76 -14.32 -39.06
C HIS C 415 -2.94 -13.65 -37.71
N VAL C 416 -3.29 -12.37 -37.71
CA VAL C 416 -3.66 -11.67 -36.47
C VAL C 416 -5.17 -11.84 -36.32
N GLU C 417 -5.58 -13.00 -35.85
CA GLU C 417 -6.98 -13.25 -35.54
C GLU C 417 -7.09 -13.83 -34.15
N ALA C 418 -6.10 -14.64 -33.77
CA ALA C 418 -6.05 -15.16 -32.41
C ALA C 418 -5.78 -14.04 -31.41
N SER C 419 -4.90 -13.11 -31.77
CA SER C 419 -4.58 -11.99 -30.89
C SER C 419 -5.75 -11.02 -30.75
N ARG C 420 -6.42 -10.72 -31.87
CA ARG C 420 -7.54 -9.80 -31.85
C ARG C 420 -8.73 -10.38 -31.10
N MET C 421 -9.06 -11.65 -31.36
CA MET C 421 -10.17 -12.27 -30.66
C MET C 421 -9.84 -12.60 -29.21
N THR C 422 -8.56 -12.76 -28.88
CA THR C 422 -8.18 -12.93 -27.48
C THR C 422 -8.31 -11.62 -26.72
N LEU C 423 -7.90 -10.51 -27.33
CA LEU C 423 -8.10 -9.20 -26.72
C LEU C 423 -9.58 -8.84 -26.63
N HIS C 424 -10.37 -9.29 -27.61
CA HIS C 424 -11.81 -9.03 -27.59
C HIS C 424 -12.51 -9.85 -26.51
N ARG C 425 -12.16 -11.14 -26.42
CA ARG C 425 -12.87 -12.02 -25.50
C ARG C 425 -12.32 -11.94 -24.10
N PHE C 426 -10.99 -12.03 -23.94
CA PHE C 426 -10.40 -12.12 -22.61
C PHE C 426 -9.69 -10.85 -22.17
N GLY C 427 -9.43 -9.91 -23.06
CA GLY C 427 -8.74 -8.69 -22.67
C GLY C 427 -7.24 -8.92 -22.56
N ASN C 428 -6.58 -7.96 -21.90
CA ASN C 428 -5.13 -8.00 -21.74
C ASN C 428 -4.76 -8.78 -20.48
N THR C 429 -5.00 -10.08 -20.54
CA THR C 429 -4.39 -11.01 -19.61
C THR C 429 -2.89 -11.00 -19.90
N SER C 430 -2.10 -10.43 -18.97
CA SER C 430 -0.77 -9.94 -19.30
C SER C 430 0.18 -11.08 -19.69
N SER C 431 0.53 -11.94 -18.74
CA SER C 431 1.56 -12.94 -18.99
C SER C 431 1.04 -14.18 -19.70
N SER C 432 -0.26 -14.28 -19.92
CA SER C 432 -0.86 -15.53 -20.39
C SER C 432 -1.76 -15.32 -21.60
N SER C 433 -1.55 -14.25 -22.37
CA SER C 433 -2.35 -14.04 -23.57
C SER C 433 -1.95 -15.00 -24.69
N LEU C 434 -0.70 -15.43 -24.70
CA LEU C 434 -0.22 -16.33 -25.75
C LEU C 434 -0.88 -17.70 -25.65
N TRP C 435 -1.23 -18.13 -24.45
CA TRP C 435 -1.87 -19.43 -24.29
C TRP C 435 -3.35 -19.37 -24.64
N TYR C 436 -4.01 -18.24 -24.39
CA TYR C 436 -5.37 -18.07 -24.89
C TYR C 436 -5.40 -17.98 -26.41
N GLU C 437 -4.38 -17.36 -27.00
CA GLU C 437 -4.28 -17.31 -28.46
C GLU C 437 -4.01 -18.69 -29.04
N LEU C 438 -3.16 -19.48 -28.39
CA LEU C 438 -2.89 -20.84 -28.83
C LEU C 438 -4.12 -21.72 -28.69
N ALA C 439 -4.91 -21.52 -27.63
CA ALA C 439 -6.15 -22.27 -27.48
C ALA C 439 -7.19 -21.83 -28.50
N TYR C 440 -7.13 -20.58 -28.96
CA TYR C 440 -8.01 -20.15 -30.06
C TYR C 440 -7.63 -20.84 -31.36
N ILE C 441 -6.33 -20.92 -31.66
CA ILE C 441 -5.90 -21.58 -32.89
C ILE C 441 -6.17 -23.08 -32.82
N GLU C 442 -6.09 -23.68 -31.64
CA GLU C 442 -6.43 -25.09 -31.47
C GLU C 442 -7.92 -25.33 -31.64
N ALA C 443 -8.75 -24.52 -30.97
CA ALA C 443 -10.19 -24.75 -30.94
C ALA C 443 -10.90 -24.37 -32.23
N LYS C 444 -10.22 -23.73 -33.17
CA LYS C 444 -10.77 -23.53 -34.50
C LYS C 444 -10.44 -24.67 -35.45
N GLY C 445 -9.72 -25.68 -34.98
CA GLY C 445 -9.34 -26.79 -35.83
C GLY C 445 -8.20 -26.49 -36.78
N ARG C 446 -7.40 -25.47 -36.48
CA ARG C 446 -6.35 -25.02 -37.39
C ARG C 446 -4.97 -25.54 -37.01
N MET C 447 -4.85 -26.24 -35.89
CA MET C 447 -3.57 -26.78 -35.45
C MET C 447 -3.40 -28.16 -36.06
N ARG C 448 -2.72 -28.22 -37.21
CA ARG C 448 -2.42 -29.47 -37.88
C ARG C 448 -1.04 -29.97 -37.46
N ARG C 449 -0.73 -31.19 -37.87
CA ARG C 449 0.54 -31.80 -37.51
C ARG C 449 1.67 -31.18 -38.30
N GLY C 450 2.74 -30.78 -37.61
CA GLY C 450 3.87 -30.15 -38.24
C GLY C 450 3.77 -28.65 -38.40
N ASP C 451 2.72 -28.04 -37.87
CA ASP C 451 2.57 -26.59 -37.94
C ASP C 451 3.50 -25.93 -36.94
N ARG C 452 4.23 -24.91 -37.39
CA ARG C 452 5.13 -24.15 -36.55
C ARG C 452 4.42 -22.89 -36.05
N VAL C 453 4.57 -22.61 -34.76
CA VAL C 453 3.86 -21.54 -34.07
C VAL C 453 4.89 -20.53 -33.59
N TRP C 454 4.56 -19.24 -33.71
CA TRP C 454 5.41 -18.16 -33.24
C TRP C 454 4.66 -17.34 -32.19
N GLN C 455 5.16 -17.37 -30.96
CA GLN C 455 4.57 -16.61 -29.86
C GLN C 455 5.46 -15.43 -29.53
N ILE C 456 5.04 -14.22 -29.84
CA ILE C 456 5.83 -12.98 -29.61
C ILE C 456 5.24 -12.29 -28.39
N GLY C 457 6.02 -12.11 -27.34
CA GLY C 457 5.52 -11.54 -26.09
C GLY C 457 6.38 -10.42 -25.57
N PHE C 458 5.82 -9.25 -25.31
CA PHE C 458 6.55 -8.04 -24.91
C PHE C 458 6.01 -7.43 -23.59
N GLY C 459 6.84 -6.87 -22.70
CA GLY C 459 6.43 -6.39 -21.39
C GLY C 459 7.23 -5.23 -20.87
N SER C 460 7.64 -5.28 -19.60
CA SER C 460 8.17 -4.14 -18.87
C SER C 460 9.66 -4.34 -18.59
N GLY C 461 10.40 -3.22 -18.64
CA GLY C 461 11.82 -3.25 -18.93
C GLY C 461 12.11 -3.44 -20.40
N PHE C 462 11.05 -3.54 -21.22
CA PHE C 462 10.98 -4.04 -22.57
C PHE C 462 11.89 -5.22 -22.86
N LYS C 463 11.74 -6.26 -22.05
CA LYS C 463 12.06 -7.60 -22.49
C LYS C 463 11.01 -8.01 -23.52
N CYS C 464 11.39 -8.44 -24.80
CA CYS C 464 10.54 -8.90 -25.89
C CYS C 464 10.99 -10.32 -26.22
N ASN C 465 10.42 -11.29 -25.51
CA ASN C 465 10.79 -12.68 -25.68
C ASN C 465 9.92 -13.34 -26.73
N SER C 466 10.47 -14.31 -27.45
CA SER C 466 9.70 -15.05 -28.50
C SER C 466 10.00 -16.54 -28.47
N ALA C 467 9.03 -17.39 -28.77
CA ALA C 467 9.16 -18.85 -28.69
C ALA C 467 8.62 -19.48 -29.96
N VAL C 468 9.30 -20.48 -30.49
CA VAL C 468 8.83 -21.22 -31.68
C VAL C 468 8.48 -22.61 -31.25
N TRP C 469 7.22 -22.99 -31.31
CA TRP C 469 6.73 -24.34 -31.06
C TRP C 469 6.46 -25.03 -32.38
N LYS C 470 6.55 -26.36 -32.38
CA LYS C 470 6.23 -27.16 -33.55
C LYS C 470 5.20 -28.20 -33.14
N CYS C 471 4.07 -28.24 -33.84
CA CYS C 471 2.98 -29.12 -33.48
C CYS C 471 3.32 -30.58 -33.82
N LEU C 472 3.16 -31.45 -32.83
CA LEU C 472 3.47 -32.86 -33.01
C LEU C 472 2.29 -33.66 -33.55
N ARG C 473 1.08 -33.40 -33.06
CA ARG C 473 -0.09 -34.17 -33.46
C ARG C 473 -1.26 -33.22 -33.72
N SER C 474 -2.10 -33.59 -34.68
CA SER C 474 -3.23 -32.75 -35.06
C SER C 474 -4.26 -32.70 -33.94
N ILE C 475 -4.56 -31.49 -33.47
CA ILE C 475 -5.50 -31.32 -32.37
C ILE C 475 -6.93 -31.41 -32.91
N LYS C 476 -7.74 -32.25 -32.28
CA LYS C 476 -9.16 -32.34 -32.61
C LYS C 476 -9.91 -31.18 -31.97
N THR C 477 -10.85 -30.61 -32.73
CA THR C 477 -11.50 -29.35 -32.36
C THR C 477 -12.37 -29.37 -31.10
N PRO C 478 -12.96 -30.51 -30.60
CA PRO C 478 -13.41 -30.48 -29.20
C PRO C 478 -12.21 -30.47 -28.27
N THR C 479 -11.93 -29.31 -27.66
CA THR C 479 -10.64 -29.06 -27.05
C THR C 479 -10.70 -29.02 -25.53
N ASN C 480 -11.88 -28.76 -24.96
CA ASN C 480 -12.09 -28.54 -23.52
C ASN C 480 -11.21 -27.41 -23.00
N GLY C 481 -11.23 -26.28 -23.70
CA GLY C 481 -10.46 -25.13 -23.32
C GLY C 481 -11.33 -23.95 -22.92
N PRO C 482 -10.74 -22.76 -22.86
CA PRO C 482 -11.52 -21.57 -22.49
C PRO C 482 -12.38 -21.02 -23.61
N TRP C 483 -12.28 -21.59 -24.81
CA TRP C 483 -12.94 -21.05 -25.99
C TRP C 483 -14.16 -21.82 -26.41
N ASP C 484 -14.35 -23.05 -25.94
CA ASP C 484 -15.32 -23.95 -26.54
C ASP C 484 -16.77 -23.57 -26.22
N ASP C 485 -16.98 -22.71 -25.23
CA ASP C 485 -18.32 -22.22 -24.96
C ASP C 485 -18.76 -21.10 -25.89
N CYS C 486 -17.81 -20.47 -26.60
CA CYS C 486 -18.16 -19.26 -27.34
C CYS C 486 -17.47 -19.14 -28.69
N ILE C 487 -16.87 -20.21 -29.23
CA ILE C 487 -16.10 -20.08 -30.46
C ILE C 487 -16.96 -20.30 -31.70
N HIS C 488 -18.22 -20.65 -31.54
CA HIS C 488 -19.12 -20.66 -32.68
C HIS C 488 -19.50 -19.25 -33.14
N ARG C 489 -19.28 -18.24 -32.30
CA ARG C 489 -19.52 -16.86 -32.66
C ARG C 489 -18.26 -16.13 -33.12
N TYR C 490 -17.08 -16.67 -32.83
CA TYR C 490 -15.82 -16.03 -33.18
C TYR C 490 -15.30 -16.57 -34.51
N PRO C 491 -14.66 -15.76 -35.36
CA PRO C 491 -14.25 -14.36 -35.20
C PRO C 491 -15.38 -13.33 -35.38
N VAL C 492 -15.51 -12.45 -34.40
CA VAL C 492 -16.49 -11.38 -34.48
C VAL C 492 -15.92 -10.23 -35.30
N ASP C 493 -16.79 -9.57 -36.05
CA ASP C 493 -16.38 -8.37 -36.77
C ASP C 493 -16.30 -7.20 -35.79
N VAL C 494 -15.12 -6.59 -35.70
CA VAL C 494 -14.86 -5.59 -34.67
C VAL C 494 -14.73 -4.21 -35.30
N PRO C 495 -15.73 -3.34 -35.18
CA PRO C 495 -15.52 -1.93 -35.53
C PRO C 495 -14.59 -1.27 -34.52
N GLU C 496 -13.86 -0.27 -35.00
CA GLU C 496 -12.78 0.31 -34.20
C GLU C 496 -13.29 1.26 -33.11
N VAL C 497 -14.57 1.62 -33.13
CA VAL C 497 -15.18 2.40 -32.04
C VAL C 497 -16.29 1.57 -31.41
N VAL C 498 -16.66 1.98 -30.19
CA VAL C 498 -17.83 1.48 -29.48
C VAL C 498 -18.68 2.70 -29.16
N LYS C 499 -19.80 2.85 -29.87
CA LYS C 499 -20.60 4.07 -29.82
C LYS C 499 -21.36 4.15 -28.52
N LEU C 500 -21.35 5.32 -27.89
CA LEU C 500 -22.13 5.57 -26.67
C LEU C 500 -22.71 6.98 -26.71
N SER D 74 43.37 -53.58 -23.03
CA SER D 74 43.17 -53.04 -24.37
C SER D 74 43.93 -51.72 -24.53
N ALA D 75 44.12 -51.30 -25.78
CA ALA D 75 44.86 -50.09 -26.08
C ALA D 75 44.21 -49.20 -27.12
N PHE D 76 43.21 -49.69 -27.86
CA PHE D 76 42.60 -48.92 -28.94
C PHE D 76 41.17 -48.48 -28.62
N LEU D 77 40.34 -49.36 -28.06
CA LEU D 77 38.98 -48.99 -27.72
C LEU D 77 38.88 -48.72 -26.21
N VAL D 78 39.57 -47.65 -25.81
CA VAL D 78 39.37 -47.04 -24.50
C VAL D 78 38.79 -45.64 -24.64
N VAL D 79 38.67 -45.14 -25.88
CA VAL D 79 38.08 -43.83 -26.14
C VAL D 79 36.58 -43.82 -25.82
N PHE D 80 35.93 -44.98 -25.80
CA PHE D 80 34.55 -45.05 -25.35
C PHE D 80 34.42 -44.77 -23.85
N VAL D 81 35.47 -44.98 -23.07
CA VAL D 81 35.45 -44.58 -21.67
C VAL D 81 35.66 -43.07 -21.54
N GLY D 82 36.61 -42.53 -22.31
CA GLY D 82 36.89 -41.11 -22.33
C GLY D 82 35.96 -40.27 -23.18
N THR D 83 34.89 -40.85 -23.72
CA THR D 83 33.86 -40.10 -24.41
C THR D 83 32.50 -40.20 -23.71
N VAL D 84 32.23 -41.30 -23.01
CA VAL D 84 31.00 -41.40 -22.24
C VAL D 84 31.13 -40.76 -20.86
N TYR D 85 32.25 -40.97 -20.17
CA TYR D 85 32.42 -40.39 -18.84
C TYR D 85 32.81 -38.91 -18.90
N VAL D 86 33.62 -38.52 -19.87
CA VAL D 86 34.10 -37.14 -19.94
C VAL D 86 32.97 -36.20 -20.38
N MET D 87 32.10 -36.65 -21.27
CA MET D 87 31.00 -35.81 -21.71
C MET D 87 29.75 -35.95 -20.86
N SER D 88 29.81 -36.71 -19.76
CA SER D 88 28.70 -36.77 -18.82
C SER D 88 28.99 -36.09 -17.50
N ARG D 89 30.23 -35.64 -17.28
CA ARG D 89 30.53 -34.90 -16.06
C ARG D 89 29.92 -33.50 -16.15
N PRO D 90 29.53 -32.92 -15.01
CA PRO D 90 28.96 -31.58 -15.04
C PRO D 90 30.04 -30.51 -15.14
N ARG D 91 29.63 -29.35 -15.63
CA ARG D 91 30.55 -28.23 -15.72
C ARG D 91 30.79 -27.66 -14.32
N PRO D 92 32.05 -27.38 -13.97
CA PRO D 92 32.33 -26.83 -12.64
C PRO D 92 31.94 -25.37 -12.57
N VAL D 93 31.32 -24.99 -11.46
CA VAL D 93 30.90 -23.61 -11.21
C VAL D 93 31.84 -23.03 -10.16
N TYR D 94 32.47 -21.91 -10.50
CA TYR D 94 33.46 -21.29 -9.65
C TYR D 94 32.92 -19.98 -9.10
N LEU D 95 33.02 -19.80 -7.80
CA LEU D 95 32.76 -18.50 -7.19
C LEU D 95 34.01 -17.66 -7.36
N VAL D 96 33.98 -16.74 -8.31
CA VAL D 96 35.16 -15.91 -8.61
C VAL D 96 35.42 -14.94 -7.47
N ASP D 97 34.46 -14.05 -7.22
CA ASP D 97 34.48 -13.19 -6.05
C ASP D 97 33.06 -12.71 -5.80
N TYR D 98 32.85 -12.17 -4.60
CA TYR D 98 31.60 -11.53 -4.23
C TYR D 98 31.94 -10.20 -3.56
N ALA D 99 30.91 -9.38 -3.35
CA ALA D 99 31.11 -8.06 -2.77
C ALA D 99 29.88 -7.72 -1.93
N CYS D 100 30.04 -7.65 -0.62
CA CYS D 100 28.97 -7.30 0.27
C CYS D 100 28.93 -5.79 0.50
N TYR D 101 27.74 -5.23 0.48
CA TYR D 101 27.55 -3.79 0.68
C TYR D 101 27.68 -3.46 2.16
N LYS D 102 28.68 -2.67 2.51
CA LYS D 102 28.84 -2.20 3.87
C LYS D 102 28.10 -0.88 4.01
N PRO D 103 27.05 -0.79 4.83
CA PRO D 103 26.29 0.45 4.94
C PRO D 103 27.06 1.50 5.71
N PRO D 104 26.83 2.78 5.44
CA PRO D 104 27.58 3.82 6.13
C PRO D 104 27.14 3.98 7.57
N ALA D 105 27.98 4.65 8.35
CA ALA D 105 27.71 4.86 9.77
C ALA D 105 26.69 5.95 10.02
N SER D 106 26.24 6.66 8.99
CA SER D 106 25.18 7.64 9.14
C SER D 106 23.81 6.99 9.21
N CYS D 107 23.68 5.75 8.74
CA CYS D 107 22.40 5.05 8.74
C CYS D 107 22.26 4.07 9.88
N ARG D 108 23.17 4.07 10.85
CA ARG D 108 23.09 3.11 11.94
C ARG D 108 21.96 3.46 12.90
N VAL D 109 21.37 2.43 13.48
CA VAL D 109 20.31 2.60 14.46
C VAL D 109 20.74 1.95 15.75
N PRO D 110 21.03 2.72 16.79
CA PRO D 110 21.33 2.13 18.10
C PRO D 110 20.10 1.56 18.78
N PHE D 111 20.28 1.03 20.00
CA PHE D 111 19.15 0.53 20.76
C PHE D 111 18.23 1.66 21.20
N ALA D 112 18.81 2.75 21.71
CA ALA D 112 18.02 3.83 22.27
C ALA D 112 17.29 4.63 21.20
N THR D 113 17.91 4.78 20.02
CA THR D 113 17.25 5.46 18.92
C THR D 113 16.04 4.69 18.43
N PHE D 114 16.16 3.37 18.35
CA PHE D 114 15.03 2.53 17.96
C PHE D 114 13.93 2.58 19.01
N MET D 115 14.29 2.47 20.29
CA MET D 115 13.27 2.43 21.33
C MET D 115 12.71 3.81 21.66
N GLU D 116 13.29 4.90 21.14
CA GLU D 116 12.67 6.21 21.22
C GLU D 116 11.83 6.54 20.00
N HIS D 117 12.27 6.11 18.82
CA HIS D 117 11.46 6.24 17.62
C HIS D 117 10.20 5.41 17.71
N THR D 118 10.27 4.25 18.36
CA THR D 118 9.07 3.47 18.63
C THR D 118 8.17 4.19 19.63
N ARG D 119 8.75 4.75 20.68
CA ARG D 119 7.97 5.33 21.76
C ARG D 119 7.29 6.64 21.37
N LEU D 120 7.83 7.36 20.38
CA LEU D 120 7.17 8.59 19.96
C LEU D 120 5.92 8.33 19.14
N ILE D 121 5.94 7.33 18.27
CA ILE D 121 4.78 7.04 17.44
C ILE D 121 3.74 6.27 18.23
N SER D 122 4.16 5.34 19.08
CA SER D 122 3.24 4.43 19.73
C SER D 122 2.47 5.11 20.85
N ASP D 123 1.15 4.98 20.81
CA ASP D 123 0.32 5.31 21.95
C ASP D 123 0.20 4.14 22.92
N ASP D 124 0.31 2.91 22.41
CA ASP D 124 0.32 1.72 23.25
C ASP D 124 1.65 1.62 23.98
N ASP D 125 1.60 1.60 25.31
CA ASP D 125 2.80 1.39 26.11
C ASP D 125 3.08 -0.07 26.39
N LYS D 126 2.27 -0.98 25.83
CA LYS D 126 2.54 -2.41 25.88
C LYS D 126 3.46 -2.86 24.75
N SER D 127 3.38 -2.19 23.59
CA SER D 127 4.22 -2.56 22.45
C SER D 127 5.66 -2.17 22.67
N VAL D 128 5.91 -1.07 23.38
CA VAL D 128 7.30 -0.67 23.61
C VAL D 128 7.95 -1.55 24.67
N ARG D 129 7.17 -2.04 25.64
CA ARG D 129 7.69 -3.00 26.62
C ARG D 129 7.96 -4.35 25.99
N PHE D 130 7.27 -4.66 24.90
CA PHE D 130 7.53 -5.88 24.15
C PHE D 130 8.76 -5.75 23.26
N GLN D 131 8.83 -4.65 22.50
CA GLN D 131 9.94 -4.44 21.58
C GLN D 131 11.25 -4.16 22.30
N THR D 132 11.20 -3.64 23.54
CA THR D 132 12.39 -3.55 24.37
C THR D 132 12.99 -4.93 24.61
N ARG D 133 12.16 -5.88 25.04
CA ARG D 133 12.62 -7.25 25.29
C ARG D 133 13.10 -7.93 24.03
N ILE D 134 12.39 -7.71 22.92
CA ILE D 134 12.75 -8.32 21.64
C ILE D 134 14.11 -7.82 21.16
N LEU D 135 14.31 -6.49 21.19
CA LEU D 135 15.55 -5.93 20.69
C LEU D 135 16.71 -6.15 21.67
N GLU D 136 16.43 -6.30 22.97
CA GLU D 136 17.52 -6.51 23.91
C GLU D 136 17.94 -7.96 24.02
N ARG D 137 17.08 -8.90 23.64
CA ARG D 137 17.46 -10.30 23.57
C ARG D 137 17.61 -10.77 22.12
N SER D 138 17.61 -9.84 21.18
CA SER D 138 17.69 -10.18 19.77
C SER D 138 19.07 -10.61 19.32
N GLY D 139 20.11 -10.24 20.06
CA GLY D 139 21.47 -10.52 19.64
C GLY D 139 22.07 -9.52 18.70
N LEU D 140 21.36 -8.43 18.39
CA LEU D 140 21.87 -7.39 17.51
C LEU D 140 22.81 -6.48 18.29
N GLY D 141 23.36 -5.49 17.60
CA GLY D 141 24.36 -4.61 18.18
C GLY D 141 23.98 -3.15 17.99
N GLU D 142 25.01 -2.32 17.89
CA GLU D 142 24.85 -0.87 17.80
C GLU D 142 25.16 -0.34 16.42
N ASP D 143 25.69 -1.17 15.52
CA ASP D 143 26.06 -0.76 14.17
C ASP D 143 25.05 -1.19 13.13
N THR D 144 23.87 -1.66 13.53
CA THR D 144 22.88 -2.16 12.61
C THR D 144 22.20 -0.99 11.88
N CYS D 145 22.11 -1.10 10.56
CA CYS D 145 21.72 0.02 9.72
C CYS D 145 20.35 -0.18 9.10
N LEU D 146 19.51 0.84 9.20
CA LEU D 146 18.18 0.99 8.61
C LEU D 146 18.24 2.02 7.48
N PRO D 147 17.36 1.93 6.48
CA PRO D 147 17.42 2.86 5.33
C PRO D 147 17.10 4.28 5.73
N PRO D 148 17.43 5.29 4.88
CA PRO D 148 17.13 6.68 5.24
C PRO D 148 15.68 7.08 5.03
N ALA D 149 14.75 6.23 5.46
CA ALA D 149 13.34 6.58 5.61
C ALA D 149 12.79 6.13 6.94
N ASN D 150 13.42 5.17 7.60
CA ASN D 150 13.10 4.78 8.97
C ASN D 150 13.80 5.65 10.00
N HIS D 151 14.60 6.62 9.56
CA HIS D 151 15.21 7.59 10.44
C HIS D 151 14.29 8.78 10.72
N TYR D 152 13.12 8.81 10.10
CA TYR D 152 12.12 9.84 10.34
C TYR D 152 11.08 9.35 11.33
N ILE D 153 10.44 10.30 11.98
CA ILE D 153 9.44 10.04 13.02
C ILE D 153 8.14 10.69 12.60
N PRO D 154 7.18 9.91 12.07
CA PRO D 154 7.14 8.49 11.74
C PRO D 154 7.87 8.21 10.43
N PRO D 155 8.17 6.95 10.11
CA PRO D 155 8.82 6.65 8.84
C PRO D 155 7.95 7.00 7.63
N ASN D 156 8.63 7.18 6.50
CA ASN D 156 8.00 7.50 5.21
C ASN D 156 8.33 6.39 4.23
N PRO D 157 7.56 5.31 4.21
CA PRO D 157 7.87 4.19 3.31
C PRO D 157 7.30 4.40 1.91
N SER D 158 7.87 5.37 1.19
CA SER D 158 7.43 5.65 -0.16
C SER D 158 8.04 4.64 -1.13
N MET D 159 7.63 4.73 -2.40
CA MET D 159 8.22 3.89 -3.44
C MET D 159 9.46 4.51 -4.04
N GLU D 160 9.52 5.85 -4.12
CA GLU D 160 10.73 6.52 -4.57
C GLU D 160 11.84 6.37 -3.55
N ALA D 161 11.50 6.30 -2.27
CA ALA D 161 12.49 6.00 -1.24
C ALA D 161 12.85 4.52 -1.21
N SER D 162 11.95 3.66 -1.68
CA SER D 162 12.26 2.24 -1.78
C SER D 162 13.16 1.96 -2.98
N ARG D 163 12.96 2.70 -4.07
CA ARG D 163 13.83 2.57 -5.23
C ARG D 163 15.18 3.22 -4.99
N ALA D 164 15.24 4.23 -4.13
CA ALA D 164 16.51 4.87 -3.83
C ALA D 164 17.41 3.99 -2.98
N GLU D 165 16.82 3.12 -2.17
CA GLU D 165 17.60 2.14 -1.41
C GLU D 165 18.03 0.99 -2.31
N ALA D 166 17.16 0.57 -3.24
CA ALA D 166 17.54 -0.47 -4.19
C ALA D 166 18.59 0.02 -5.16
N GLN D 167 18.64 1.31 -5.44
CA GLN D 167 19.72 1.86 -6.24
C GLN D 167 20.98 2.16 -5.42
N LEU D 168 20.93 1.98 -4.11
CA LEU D 168 22.07 2.25 -3.25
C LEU D 168 22.75 0.98 -2.76
N VAL D 169 21.98 0.02 -2.26
CA VAL D 169 22.60 -1.19 -1.74
C VAL D 169 23.04 -2.12 -2.86
N ILE D 170 22.44 -2.02 -4.03
CA ILE D 170 22.77 -2.90 -5.14
C ILE D 170 23.88 -2.31 -5.99
N PHE D 171 23.75 -1.03 -6.37
CA PHE D 171 24.72 -0.41 -7.25
C PHE D 171 26.03 -0.07 -6.55
N SER D 172 26.12 -0.24 -5.24
CA SER D 172 27.38 -0.11 -4.53
C SER D 172 28.03 -1.46 -4.24
N ALA D 173 27.29 -2.56 -4.40
CA ALA D 173 27.84 -3.89 -4.29
C ALA D 173 28.26 -4.48 -5.63
N ILE D 174 27.67 -4.01 -6.72
CA ILE D 174 28.18 -4.40 -8.04
C ILE D 174 29.36 -3.52 -8.44
N ASP D 175 29.38 -2.27 -8.00
CA ASP D 175 30.55 -1.41 -8.23
C ASP D 175 31.75 -1.90 -7.44
N ASP D 176 31.53 -2.46 -6.25
CA ASP D 176 32.63 -3.05 -5.49
C ASP D 176 33.10 -4.35 -6.13
N LEU D 177 32.22 -5.06 -6.83
CA LEU D 177 32.60 -6.33 -7.42
C LEU D 177 33.34 -6.16 -8.73
N VAL D 178 32.91 -5.21 -9.58
CA VAL D 178 33.58 -5.03 -10.87
C VAL D 178 34.90 -4.29 -10.76
N ARG D 179 35.21 -3.70 -9.60
CA ARG D 179 36.51 -3.07 -9.42
C ARG D 179 37.53 -4.01 -8.79
N ARG D 180 37.09 -5.13 -8.24
CA ARG D 180 38.00 -6.11 -7.67
C ARG D 180 38.16 -7.36 -8.52
N THR D 181 37.33 -7.52 -9.56
CA THR D 181 37.47 -8.63 -10.49
C THR D 181 37.84 -8.19 -11.90
N GLY D 182 37.71 -6.91 -12.22
CA GLY D 182 37.87 -6.47 -13.59
C GLY D 182 36.75 -6.94 -14.49
N LEU D 183 35.56 -7.11 -13.94
CA LEU D 183 34.44 -7.64 -14.71
C LEU D 183 33.91 -6.59 -15.68
N LYS D 184 33.71 -7.00 -16.89
CA LYS D 184 33.07 -6.09 -17.82
C LYS D 184 31.56 -6.30 -17.82
N PRO D 185 30.79 -5.22 -18.01
CA PRO D 185 29.33 -5.39 -18.14
C PRO D 185 28.90 -6.16 -19.37
N LYS D 186 29.74 -6.22 -20.41
CA LYS D 186 29.42 -7.02 -21.59
C LYS D 186 29.83 -8.47 -21.46
N ASP D 187 30.40 -8.87 -20.32
CA ASP D 187 30.74 -10.26 -20.06
C ASP D 187 29.64 -11.01 -19.33
N ILE D 188 28.73 -10.30 -18.67
CA ILE D 188 27.69 -10.92 -17.85
C ILE D 188 26.63 -11.53 -18.77
N ASP D 189 26.45 -12.84 -18.67
CA ASP D 189 25.51 -13.58 -19.49
C ASP D 189 24.25 -14.00 -18.77
N ILE D 190 24.34 -14.24 -17.46
CA ILE D 190 23.20 -14.64 -16.63
C ILE D 190 23.14 -13.67 -15.46
N LEU D 191 21.93 -13.18 -15.15
CA LEU D 191 21.73 -12.23 -14.07
C LEU D 191 20.56 -12.71 -13.22
N VAL D 192 20.84 -13.17 -12.00
CA VAL D 192 19.82 -13.72 -11.12
C VAL D 192 19.75 -12.83 -9.87
N VAL D 193 18.73 -12.00 -9.80
CA VAL D 193 18.52 -11.10 -8.68
C VAL D 193 17.37 -11.65 -7.83
N ASN D 194 17.52 -11.57 -6.52
CA ASN D 194 16.42 -11.96 -5.64
C ASN D 194 16.25 -10.92 -4.54
N CYS D 195 15.03 -10.42 -4.40
CA CYS D 195 14.61 -9.61 -3.27
C CYS D 195 13.20 -10.05 -2.93
N SER D 196 12.96 -10.33 -1.64
CA SER D 196 11.74 -11.02 -1.23
C SER D 196 10.51 -10.14 -1.40
N LEU D 197 10.47 -9.02 -0.68
CA LEU D 197 9.22 -8.27 -0.64
C LEU D 197 9.16 -7.18 -1.72
N PHE D 198 10.22 -6.38 -1.87
CA PHE D 198 10.20 -5.30 -2.85
C PHE D 198 10.46 -5.86 -4.24
N SER D 199 9.49 -5.70 -5.13
CA SER D 199 9.61 -6.14 -6.52
C SER D 199 8.91 -5.14 -7.41
N PRO D 200 9.61 -4.10 -7.85
CA PRO D 200 8.99 -3.06 -8.66
C PRO D 200 8.80 -3.53 -10.10
N THR D 201 8.22 -2.66 -10.91
CA THR D 201 7.99 -2.92 -12.33
C THR D 201 8.51 -1.74 -13.12
N PRO D 202 9.62 -1.87 -13.86
CA PRO D 202 10.48 -3.03 -14.16
C PRO D 202 11.31 -3.50 -12.97
N SER D 203 11.70 -4.78 -13.01
CA SER D 203 12.30 -5.44 -11.87
C SER D 203 13.71 -4.93 -11.61
N LEU D 204 14.29 -5.40 -10.52
CA LEU D 204 15.64 -4.97 -10.12
C LEU D 204 16.70 -5.47 -11.08
N SER D 205 16.45 -6.60 -11.75
CA SER D 205 17.35 -7.06 -12.80
C SER D 205 17.33 -6.11 -13.98
N ALA D 206 16.16 -5.57 -14.33
CA ALA D 206 16.10 -4.56 -15.39
C ALA D 206 16.73 -3.25 -14.94
N MET D 207 16.71 -2.97 -13.63
CA MET D 207 17.41 -1.80 -13.11
C MET D 207 18.92 -1.95 -13.25
N ILE D 208 19.44 -3.14 -12.95
CA ILE D 208 20.87 -3.42 -13.11
C ILE D 208 21.26 -3.39 -14.60
N ILE D 209 20.38 -3.88 -15.47
CA ILE D 209 20.62 -3.86 -16.90
C ILE D 209 20.61 -2.43 -17.43
N ASN D 210 19.72 -1.58 -16.90
CA ASN D 210 19.66 -0.19 -17.35
C ASN D 210 20.86 0.62 -16.85
N LYS D 211 21.32 0.37 -15.64
CA LYS D 211 22.41 1.15 -15.08
C LYS D 211 23.73 0.78 -15.73
N TYR D 212 24.04 -0.51 -15.81
CA TYR D 212 25.34 -0.97 -16.28
C TYR D 212 25.38 -1.21 -17.77
N LYS D 213 24.26 -1.02 -18.48
CA LYS D 213 24.13 -1.15 -19.93
C LYS D 213 24.56 -2.54 -20.40
N LEU D 214 23.90 -3.56 -19.83
CA LEU D 214 24.21 -4.94 -20.17
C LEU D 214 23.62 -5.28 -21.54
N ARG D 215 23.92 -6.49 -22.00
CA ARG D 215 23.58 -6.88 -23.37
C ARG D 215 22.08 -7.12 -23.52
N SER D 216 21.64 -7.19 -24.77
CA SER D 216 20.23 -7.41 -25.04
C SER D 216 19.83 -8.87 -24.92
N ASN D 217 20.77 -9.80 -25.15
CA ASN D 217 20.49 -11.22 -25.07
C ASN D 217 20.90 -11.81 -23.72
N ILE D 218 20.85 -11.02 -22.66
CA ILE D 218 21.17 -11.52 -21.33
C ILE D 218 19.98 -12.32 -20.80
N ARG D 219 20.27 -13.39 -20.06
CA ARG D 219 19.24 -14.18 -19.39
C ARG D 219 19.10 -13.64 -17.97
N SER D 220 18.16 -12.72 -17.79
CA SER D 220 17.92 -12.10 -16.50
C SER D 220 16.71 -12.73 -15.83
N PHE D 221 16.83 -12.99 -14.53
CA PHE D 221 15.74 -13.54 -13.72
C PHE D 221 15.63 -12.73 -12.44
N ASN D 222 14.40 -12.56 -11.97
CA ASN D 222 14.12 -11.77 -10.76
C ASN D 222 13.19 -12.58 -9.87
N LEU D 223 13.77 -13.29 -8.89
CA LEU D 223 13.01 -14.19 -8.02
C LEU D 223 12.53 -13.41 -6.80
N SER D 224 11.24 -13.12 -6.73
CA SER D 224 10.69 -12.37 -5.62
C SER D 224 9.67 -13.19 -4.85
N GLY D 225 9.51 -12.85 -3.57
CA GLY D 225 8.59 -13.52 -2.69
C GLY D 225 9.11 -14.80 -2.06
N MET D 226 10.38 -15.14 -2.26
CA MET D 226 10.89 -16.44 -1.86
C MET D 226 11.67 -16.40 -0.54
N GLY D 227 11.56 -15.32 0.22
CA GLY D 227 12.09 -15.30 1.57
C GLY D 227 13.60 -15.12 1.63
N ALA D 228 14.15 -15.47 2.79
CA ALA D 228 15.57 -15.29 3.07
C ALA D 228 16.43 -16.43 2.57
N SER D 229 15.84 -17.57 2.22
CA SER D 229 16.58 -18.70 1.69
C SER D 229 16.76 -18.63 0.19
N ALA D 230 16.34 -17.53 -0.44
CA ALA D 230 16.39 -17.39 -1.88
C ALA D 230 17.77 -17.01 -2.40
N GLY D 231 18.74 -16.79 -1.51
CA GLY D 231 20.11 -16.61 -1.97
C GLY D 231 20.67 -17.89 -2.56
N LEU D 232 20.44 -19.01 -1.88
CA LEU D 232 20.86 -20.30 -2.39
C LEU D 232 19.95 -20.81 -3.50
N ILE D 233 18.71 -20.33 -3.59
CA ILE D 233 17.90 -20.58 -4.77
C ILE D 233 18.49 -19.88 -5.98
N SER D 234 18.99 -18.66 -5.79
CA SER D 234 19.68 -17.96 -6.87
C SER D 234 20.99 -18.64 -7.23
N ILE D 235 21.70 -19.18 -6.23
CA ILE D 235 22.95 -19.89 -6.49
C ILE D 235 22.68 -21.19 -7.24
N ASP D 236 21.62 -21.91 -6.87
CA ASP D 236 21.24 -23.13 -7.58
C ASP D 236 20.77 -22.82 -8.99
N LEU D 237 20.08 -21.69 -9.18
CA LEU D 237 19.61 -21.30 -10.50
C LEU D 237 20.78 -20.91 -11.39
N ALA D 238 21.73 -20.15 -10.86
CA ALA D 238 22.92 -19.79 -11.62
C ALA D 238 23.78 -21.01 -11.91
N ARG D 239 23.83 -21.98 -10.98
CA ARG D 239 24.55 -23.22 -11.24
C ARG D 239 23.91 -24.03 -12.35
N ASP D 240 22.58 -24.12 -12.36
CA ASP D 240 21.92 -24.88 -13.42
C ASP D 240 21.94 -24.15 -14.75
N MET D 241 22.02 -22.82 -14.73
CA MET D 241 22.15 -22.09 -15.98
C MET D 241 23.55 -22.16 -16.55
N LEU D 242 24.55 -22.42 -15.73
CA LEU D 242 25.93 -22.54 -16.20
C LEU D 242 26.26 -23.94 -16.70
N GLN D 243 25.35 -24.90 -16.54
CA GLN D 243 25.51 -26.21 -17.15
C GLN D 243 25.11 -26.19 -18.62
N VAL D 244 24.11 -25.40 -18.96
CA VAL D 244 23.60 -25.35 -20.33
C VAL D 244 24.42 -24.40 -21.18
N HIS D 245 24.93 -23.31 -20.61
CA HIS D 245 25.66 -22.29 -21.35
C HIS D 245 27.13 -22.34 -20.98
N PRO D 246 27.99 -22.91 -21.82
CA PRO D 246 29.42 -22.94 -21.52
C PRO D 246 30.06 -21.58 -21.76
N ASN D 247 31.19 -21.37 -21.06
CA ASN D 247 31.99 -20.14 -21.11
C ASN D 247 31.15 -18.90 -20.77
N SER D 248 30.50 -18.94 -19.61
CA SER D 248 29.59 -17.89 -19.22
C SER D 248 29.91 -17.41 -17.81
N ASN D 249 29.59 -16.13 -17.57
CA ASN D 249 29.63 -15.54 -16.25
C ASN D 249 28.20 -15.33 -15.77
N ALA D 250 27.99 -15.48 -14.46
CA ALA D 250 26.67 -15.33 -13.87
C ALA D 250 26.77 -14.38 -12.69
N LEU D 251 26.02 -13.28 -12.75
CA LEU D 251 25.95 -12.31 -11.67
C LEU D 251 24.74 -12.61 -10.81
N VAL D 252 24.97 -12.78 -9.51
CA VAL D 252 23.91 -13.07 -8.54
C VAL D 252 23.88 -11.95 -7.53
N VAL D 253 22.72 -11.30 -7.39
CA VAL D 253 22.53 -10.20 -6.46
C VAL D 253 21.49 -10.65 -5.43
N SER D 254 21.84 -10.58 -4.15
CA SER D 254 20.98 -11.04 -3.07
C SER D 254 20.83 -9.90 -2.07
N THR D 255 19.65 -9.28 -2.04
CA THR D 255 19.43 -8.11 -1.20
C THR D 255 18.10 -8.23 -0.48
N GLU D 256 17.79 -7.20 0.29
CA GLU D 256 16.48 -7.04 0.95
C GLU D 256 16.26 -5.57 1.21
N ILE D 257 15.15 -5.04 0.73
CA ILE D 257 14.84 -3.62 0.85
C ILE D 257 13.95 -3.45 2.08
N ILE D 258 14.47 -2.76 3.10
CA ILE D 258 13.78 -2.63 4.38
C ILE D 258 12.75 -1.52 4.38
N THR D 259 12.81 -0.62 3.39
CA THR D 259 11.89 0.52 3.31
C THR D 259 10.41 0.15 3.14
N PRO D 260 9.99 -0.76 2.25
CA PRO D 260 8.57 -1.13 2.26
C PRO D 260 8.21 -2.23 3.25
N ASN D 261 9.18 -2.73 4.02
CA ASN D 261 8.95 -3.86 4.92
C ASN D 261 8.61 -3.43 6.35
N PHE D 262 8.67 -2.13 6.64
CA PHE D 262 8.43 -1.66 7.99
C PHE D 262 6.95 -1.77 8.33
N TYR D 263 6.65 -2.36 9.48
CA TYR D 263 5.28 -2.56 9.91
C TYR D 263 4.85 -1.36 10.74
N GLN D 264 3.85 -0.63 10.24
CA GLN D 264 3.38 0.60 10.87
C GLN D 264 2.21 0.36 11.83
N GLY D 265 2.03 -0.89 12.30
CA GLY D 265 0.90 -1.19 13.15
C GLY D 265 1.28 -1.55 14.57
N SER D 266 0.50 -2.44 15.20
CA SER D 266 0.71 -2.73 16.61
C SER D 266 0.54 -4.21 16.95
N ARG D 267 0.52 -5.10 15.98
CA ARG D 267 0.40 -6.53 16.26
C ARG D 267 1.76 -7.08 16.67
N ARG D 268 1.80 -7.82 17.77
CA ARG D 268 3.06 -8.24 18.37
C ARG D 268 3.80 -9.27 17.54
N ASP D 269 3.10 -10.06 16.73
CA ASP D 269 3.79 -11.03 15.89
C ASP D 269 4.41 -10.37 14.65
N MET D 270 3.98 -9.17 14.30
CA MET D 270 4.51 -8.45 13.16
C MET D 270 5.47 -7.34 13.55
N LEU D 271 5.74 -7.17 14.85
CA LEU D 271 6.72 -6.22 15.34
C LEU D 271 8.11 -6.82 15.50
N LEU D 272 8.24 -8.14 15.41
CA LEU D 272 9.57 -8.77 15.38
C LEU D 272 10.37 -8.49 14.11
N PRO D 273 9.81 -8.46 12.88
CA PRO D 273 10.64 -8.05 11.74
C PRO D 273 11.06 -6.60 11.74
N ASN D 274 10.50 -5.75 12.59
CA ASN D 274 11.03 -4.40 12.72
C ASN D 274 12.33 -4.40 13.50
N CYS D 275 12.43 -5.25 14.52
CA CYS D 275 13.58 -5.28 15.40
C CYS D 275 14.68 -6.22 14.92
N LEU D 276 14.53 -6.84 13.76
CA LEU D 276 15.53 -7.77 13.25
C LEU D 276 16.12 -7.34 11.92
N PHE D 277 15.30 -6.97 10.95
CA PHE D 277 15.75 -6.83 9.57
C PHE D 277 16.44 -5.49 9.36
N ARG D 278 17.66 -5.54 8.82
CA ARG D 278 18.52 -4.37 8.64
C ARG D 278 19.02 -4.35 7.19
N MET D 279 19.75 -3.29 6.84
CA MET D 279 20.25 -3.13 5.48
C MET D 279 21.38 -4.11 5.18
N GLY D 280 21.51 -4.45 3.91
CA GLY D 280 22.58 -5.31 3.45
C GLY D 280 22.31 -5.87 2.07
N ALA D 281 23.38 -6.11 1.31
CA ALA D 281 23.26 -6.69 -0.02
C ALA D 281 24.57 -7.38 -0.35
N ALA D 282 24.50 -8.31 -1.31
CA ALA D 282 25.69 -9.01 -1.78
C ALA D 282 25.55 -9.26 -3.26
N ALA D 283 26.59 -8.92 -4.02
CA ALA D 283 26.66 -9.20 -5.45
C ALA D 283 27.70 -10.28 -5.67
N ILE D 284 27.30 -11.37 -6.32
CA ILE D 284 28.08 -12.60 -6.38
C ILE D 284 28.33 -12.92 -7.85
N LEU D 285 29.60 -13.19 -8.20
CA LEU D 285 29.98 -13.51 -9.56
C LEU D 285 30.37 -14.98 -9.64
N LEU D 286 29.57 -15.76 -10.37
CA LEU D 286 29.87 -17.16 -10.65
C LEU D 286 30.24 -17.33 -12.11
N SER D 287 30.94 -18.42 -12.41
CA SER D 287 31.39 -18.67 -13.76
C SER D 287 31.68 -20.16 -13.93
N ASN D 288 31.49 -20.65 -15.15
CA ASN D 288 31.87 -22.01 -15.50
C ASN D 288 33.11 -22.05 -16.39
N ARG D 289 33.78 -20.91 -16.58
CA ARG D 289 35.00 -20.88 -17.35
C ARG D 289 36.13 -21.56 -16.58
N ARG D 290 36.84 -22.48 -17.24
CA ARG D 290 37.96 -23.14 -16.60
C ARG D 290 39.20 -22.25 -16.56
N ARG D 291 39.20 -21.14 -17.29
CA ARG D 291 40.28 -20.16 -17.16
C ARG D 291 40.20 -19.45 -15.82
N GLU D 292 39.00 -19.28 -15.28
CA GLU D 292 38.82 -18.69 -13.96
C GLU D 292 38.75 -19.76 -12.88
N ALA D 293 39.73 -20.66 -12.89
CA ALA D 293 39.94 -21.60 -11.80
C ALA D 293 41.19 -21.27 -11.01
N ARG D 294 42.08 -20.46 -11.56
CA ARG D 294 43.24 -19.94 -10.84
C ARG D 294 42.96 -18.61 -10.18
N ARG D 295 41.90 -17.92 -10.59
CA ARG D 295 41.50 -16.66 -9.98
C ARG D 295 40.38 -16.81 -8.98
N ALA D 296 39.57 -17.86 -9.10
CA ALA D 296 38.39 -18.02 -8.27
C ALA D 296 38.76 -18.42 -6.84
N LYS D 297 37.86 -18.10 -5.91
CA LYS D 297 38.06 -18.36 -4.50
C LYS D 297 37.43 -19.67 -4.05
N TYR D 298 36.27 -20.03 -4.60
CA TYR D 298 35.55 -21.22 -4.19
C TYR D 298 35.07 -21.96 -5.42
N ARG D 299 34.80 -23.25 -5.23
CA ARG D 299 34.13 -24.08 -6.23
C ARG D 299 32.86 -24.63 -5.62
N LEU D 300 31.75 -24.49 -6.34
CA LEU D 300 30.46 -24.98 -5.85
C LEU D 300 30.44 -26.50 -5.93
N VAL D 301 30.20 -27.15 -4.79
CA VAL D 301 30.16 -28.60 -4.74
C VAL D 301 28.72 -29.09 -4.86
N HIS D 302 27.88 -28.72 -3.89
CA HIS D 302 26.49 -29.15 -3.86
C HIS D 302 25.61 -27.98 -3.47
N VAL D 303 24.37 -28.00 -3.96
CA VAL D 303 23.29 -27.17 -3.43
C VAL D 303 22.10 -28.09 -3.19
N VAL D 304 21.62 -28.13 -1.95
CA VAL D 304 20.54 -29.02 -1.55
C VAL D 304 19.35 -28.16 -1.14
N ARG D 305 18.22 -28.36 -1.80
CA ARG D 305 17.00 -27.62 -1.53
C ARG D 305 15.98 -28.51 -0.85
N THR D 306 15.26 -27.95 0.13
CA THR D 306 14.25 -28.68 0.88
C THR D 306 13.09 -27.74 1.18
N HIS D 307 11.93 -28.02 0.58
CA HIS D 307 10.75 -27.16 0.69
C HIS D 307 9.74 -27.82 1.62
N LYS D 308 9.58 -27.26 2.81
CA LYS D 308 8.64 -27.78 3.79
C LYS D 308 7.26 -27.15 3.67
N GLY D 309 6.91 -26.61 2.50
CA GLY D 309 5.66 -25.91 2.32
C GLY D 309 4.44 -26.80 2.30
N ALA D 310 4.62 -28.11 2.13
CA ALA D 310 3.49 -29.03 2.10
C ALA D 310 2.81 -29.15 3.46
N ASP D 311 3.55 -28.93 4.54
CA ASP D 311 2.95 -28.88 5.86
C ASP D 311 2.22 -27.55 6.02
N ASP D 312 1.00 -27.60 6.56
CA ASP D 312 0.22 -26.39 6.73
C ASP D 312 0.74 -25.52 7.87
N ARG D 313 1.49 -26.09 8.80
CA ARG D 313 2.08 -25.29 9.87
C ARG D 313 3.34 -24.58 9.40
N ALA D 314 4.13 -25.24 8.54
CA ALA D 314 5.37 -24.66 8.05
C ALA D 314 5.13 -23.71 6.89
N TYR D 315 3.97 -23.79 6.23
CA TYR D 315 3.65 -22.84 5.17
C TYR D 315 3.27 -21.49 5.73
N ARG D 316 2.49 -21.47 6.82
CA ARG D 316 2.03 -20.24 7.44
C ARG D 316 2.90 -19.83 8.62
N CYS D 317 4.17 -20.24 8.62
CA CYS D 317 5.08 -19.89 9.70
C CYS D 317 5.61 -18.47 9.54
N VAL D 318 6.12 -18.14 8.37
CA VAL D 318 6.48 -16.78 7.99
C VAL D 318 5.48 -16.36 6.93
N TYR D 319 4.49 -15.57 7.33
CA TYR D 319 3.33 -15.26 6.49
C TYR D 319 3.14 -13.75 6.44
N GLU D 320 2.95 -13.22 5.24
CA GLU D 320 2.69 -11.79 5.06
C GLU D 320 1.18 -11.56 5.05
N GLU D 321 0.69 -10.84 6.05
CA GLU D 321 -0.73 -10.61 6.25
C GLU D 321 -1.03 -9.12 6.19
N GLU D 322 -2.26 -8.77 6.53
CA GLU D 322 -2.65 -7.41 6.88
C GLU D 322 -3.43 -7.49 8.18
N ASP D 323 -3.15 -6.58 9.10
CA ASP D 323 -3.78 -6.62 10.40
C ASP D 323 -5.18 -5.99 10.32
N GLU D 324 -5.80 -5.79 11.48
CA GLU D 324 -7.17 -5.26 11.52
C GLU D 324 -7.26 -3.79 11.17
N GLN D 325 -6.14 -3.06 11.15
CA GLN D 325 -6.12 -1.68 10.71
C GLN D 325 -5.64 -1.51 9.26
N GLY D 326 -5.26 -2.61 8.61
CA GLY D 326 -4.91 -2.54 7.20
C GLY D 326 -3.44 -2.39 6.89
N PHE D 327 -2.56 -2.65 7.85
CA PHE D 327 -1.12 -2.52 7.64
C PHE D 327 -0.55 -3.88 7.26
N SER D 328 0.18 -3.91 6.15
CA SER D 328 0.81 -5.14 5.70
C SER D 328 2.14 -5.35 6.42
N GLY D 329 2.44 -6.60 6.74
CA GLY D 329 3.69 -6.90 7.42
C GLY D 329 3.93 -8.40 7.46
N ILE D 330 5.12 -8.76 7.89
CA ILE D 330 5.53 -10.15 8.02
C ILE D 330 5.19 -10.61 9.43
N SER D 331 4.34 -11.64 9.54
CA SER D 331 3.91 -12.15 10.83
C SER D 331 4.69 -13.42 11.14
N LEU D 332 5.68 -13.31 12.01
CA LEU D 332 6.44 -14.46 12.44
C LEU D 332 5.65 -15.23 13.49
N SER D 333 5.82 -16.55 13.48
CA SER D 333 5.10 -17.44 14.39
C SER D 333 5.97 -17.77 15.60
N LYS D 334 5.31 -18.23 16.67
CA LYS D 334 6.01 -18.73 17.83
C LYS D 334 6.52 -20.15 17.64
N GLU D 335 6.07 -20.83 16.58
CA GLU D 335 6.45 -22.19 16.25
C GLU D 335 7.59 -22.23 15.25
N LEU D 336 8.43 -21.20 15.21
CA LEU D 336 9.40 -21.09 14.12
C LEU D 336 10.63 -21.94 14.36
N MET D 337 11.13 -22.01 15.59
CA MET D 337 12.32 -22.79 15.86
C MET D 337 12.03 -24.29 15.82
N ALA D 338 10.80 -24.69 16.14
CA ALA D 338 10.43 -26.09 16.00
C ALA D 338 10.23 -26.48 14.54
N ILE D 339 9.96 -25.51 13.66
CA ILE D 339 9.83 -25.77 12.24
C ILE D 339 11.17 -25.67 11.52
N ALA D 340 11.99 -24.67 11.91
CA ALA D 340 13.31 -24.51 11.29
C ALA D 340 14.25 -25.64 11.66
N GLY D 341 14.05 -26.28 12.80
CA GLY D 341 14.86 -27.42 13.17
C GLY D 341 14.45 -28.66 12.41
N ASP D 342 13.15 -28.80 12.17
CA ASP D 342 12.67 -29.93 11.39
C ASP D 342 12.79 -29.70 9.89
N ALA D 343 12.95 -28.45 9.46
CA ALA D 343 13.30 -28.19 8.07
C ALA D 343 14.79 -28.31 7.82
N LEU D 344 15.61 -28.26 8.87
CA LEU D 344 17.04 -28.45 8.75
C LEU D 344 17.42 -29.93 8.77
N LYS D 345 16.84 -30.70 9.70
CA LYS D 345 17.13 -32.12 9.75
C LYS D 345 16.50 -32.90 8.62
N SER D 346 15.51 -32.33 7.94
CA SER D 346 15.05 -32.90 6.68
C SER D 346 16.00 -32.58 5.54
N ASN D 347 16.72 -31.46 5.65
CA ASN D 347 17.76 -31.10 4.71
C ASN D 347 19.06 -31.83 5.01
N ILE D 348 19.26 -32.25 6.26
CA ILE D 348 20.46 -32.97 6.66
C ILE D 348 20.45 -34.38 6.10
N THR D 349 19.27 -34.99 5.99
CA THR D 349 19.16 -36.35 5.45
C THR D 349 19.42 -36.42 3.95
N THR D 350 19.42 -35.29 3.26
CA THR D 350 19.77 -35.24 1.83
C THR D 350 21.23 -34.88 1.60
N ILE D 351 21.77 -33.93 2.36
CA ILE D 351 23.17 -33.54 2.22
C ILE D 351 24.11 -34.47 2.96
N GLY D 352 23.57 -35.36 3.80
CA GLY D 352 24.35 -36.32 4.55
C GLY D 352 25.13 -37.32 3.72
N PRO D 353 24.44 -38.09 2.87
CA PRO D 353 25.16 -39.02 1.98
C PRO D 353 26.00 -38.34 0.90
N LEU D 354 25.91 -37.02 0.72
CA LEU D 354 26.68 -36.34 -0.29
C LEU D 354 28.06 -35.92 0.20
N VAL D 355 28.18 -35.50 1.47
CA VAL D 355 29.40 -34.90 1.96
C VAL D 355 30.06 -35.67 3.09
N LEU D 356 29.35 -36.57 3.78
CA LEU D 356 29.97 -37.17 4.96
C LEU D 356 30.95 -38.27 4.54
N PRO D 357 32.08 -38.38 5.23
CA PRO D 357 33.06 -39.42 4.86
C PRO D 357 32.57 -40.80 5.26
N MET D 358 32.92 -41.79 4.44
CA MET D 358 32.43 -43.15 4.64
C MET D 358 33.13 -43.85 5.80
N SER D 359 34.19 -43.25 6.37
CA SER D 359 34.81 -43.76 7.58
C SER D 359 33.88 -43.68 8.78
N GLU D 360 32.91 -42.77 8.77
CA GLU D 360 31.90 -42.71 9.82
C GLU D 360 30.50 -42.52 9.25
N GLN D 361 30.28 -42.91 7.99
CA GLN D 361 28.95 -43.13 7.45
C GLN D 361 28.44 -44.54 7.70
N LEU D 362 29.22 -45.37 8.40
CA LEU D 362 28.91 -46.79 8.55
C LEU D 362 27.78 -47.06 9.53
N LEU D 363 27.30 -46.06 10.25
CA LEU D 363 26.18 -46.29 11.15
C LEU D 363 24.85 -46.42 10.41
N PHE D 364 24.76 -45.88 9.19
CA PHE D 364 23.60 -46.11 8.34
C PHE D 364 23.72 -47.38 7.52
N PHE D 365 24.85 -48.08 7.58
CA PHE D 365 25.05 -49.32 6.86
C PHE D 365 25.07 -50.55 7.76
N PHE D 366 25.57 -50.41 8.99
CA PHE D 366 25.72 -51.52 9.92
C PHE D 366 24.91 -51.34 11.20
N ARG D 367 24.82 -50.11 11.72
CA ARG D 367 24.19 -49.90 13.02
C ARG D 367 22.67 -49.80 12.94
N LEU D 368 22.11 -49.46 11.78
CA LEU D 368 20.67 -49.54 11.62
C LEU D 368 20.18 -50.95 11.32
N VAL D 369 21.09 -51.91 11.10
CA VAL D 369 20.68 -53.30 10.99
C VAL D 369 20.22 -53.81 12.35
N GLY D 370 20.88 -53.38 13.42
CA GLY D 370 20.52 -53.81 14.75
C GLY D 370 19.55 -52.89 15.48
N ARG D 371 18.47 -52.49 14.83
CA ARG D 371 17.41 -51.75 15.49
C ARG D 371 16.24 -52.66 15.82
N LYS D 372 15.75 -53.41 14.84
CA LYS D 372 14.80 -54.48 15.08
C LYS D 372 15.49 -55.82 15.31
N LEU D 373 16.81 -55.81 15.43
CA LEU D 373 17.61 -56.99 15.73
C LEU D 373 18.17 -56.98 17.15
N VAL D 374 18.59 -55.83 17.67
CA VAL D 374 19.17 -55.78 19.01
C VAL D 374 18.34 -54.93 19.96
N ASN D 375 18.22 -53.63 19.66
CA ASN D 375 17.59 -52.71 20.59
C ASN D 375 16.85 -51.60 19.85
N LYS D 376 15.68 -51.24 20.37
CA LYS D 376 14.95 -50.04 19.96
C LYS D 376 14.99 -49.07 21.14
N GLY D 377 15.71 -47.96 20.95
CA GLY D 377 16.02 -47.06 22.04
C GLY D 377 17.51 -47.06 22.32
N TRP D 378 18.21 -46.04 21.82
CA TRP D 378 19.66 -46.05 21.79
C TRP D 378 20.17 -44.66 22.17
N ARG D 379 21.45 -44.42 21.95
CA ARG D 379 22.07 -43.16 22.28
C ARG D 379 21.83 -42.11 21.19
N PRO D 380 21.65 -40.84 21.56
CA PRO D 380 21.47 -39.80 20.53
C PRO D 380 22.78 -39.49 19.82
N TYR D 381 22.91 -39.95 18.56
CA TYR D 381 24.15 -39.74 17.82
C TYR D 381 23.84 -39.72 16.32
N ILE D 382 23.70 -38.54 15.76
CA ILE D 382 23.69 -38.37 14.30
C ILE D 382 25.15 -38.16 13.92
N PRO D 383 25.55 -38.38 12.65
CA PRO D 383 26.97 -38.20 12.29
C PRO D 383 27.44 -36.76 12.40
N ASP D 384 28.72 -36.62 12.71
CA ASP D 384 29.31 -35.32 13.00
C ASP D 384 29.57 -34.56 11.71
N PHE D 385 28.94 -33.42 11.55
CA PHE D 385 29.22 -32.54 10.42
C PHE D 385 30.49 -31.73 10.62
N LYS D 386 31.05 -31.72 11.83
CA LYS D 386 32.33 -31.06 12.09
C LYS D 386 33.48 -31.82 11.45
N LEU D 387 33.29 -33.10 11.12
CA LEU D 387 34.27 -33.83 10.34
C LEU D 387 34.12 -33.56 8.84
N ALA D 388 32.93 -33.15 8.41
CA ALA D 388 32.68 -32.94 6.99
C ALA D 388 33.19 -31.58 6.53
N PHE D 389 32.82 -30.52 7.25
CA PHE D 389 33.17 -29.16 6.88
C PHE D 389 34.10 -28.55 7.91
N GLU D 390 34.82 -27.52 7.47
CA GLU D 390 35.65 -26.72 8.36
C GLU D 390 34.96 -25.42 8.77
N HIS D 391 33.99 -24.96 8.00
CA HIS D 391 33.33 -23.69 8.26
C HIS D 391 31.82 -23.85 8.12
N PHE D 392 31.09 -23.05 8.90
CA PHE D 392 29.64 -23.08 8.94
C PHE D 392 29.11 -21.67 8.82
N CYS D 393 28.06 -21.50 8.02
CA CYS D 393 27.50 -20.19 7.70
C CYS D 393 25.98 -20.23 7.86
N ILE D 394 25.52 -20.66 9.03
CA ILE D 394 24.10 -20.64 9.36
C ILE D 394 23.54 -19.23 9.28
N HIS D 395 22.36 -19.10 8.66
CA HIS D 395 21.75 -17.80 8.41
C HIS D 395 21.38 -17.10 9.70
N ALA D 396 21.84 -15.86 9.85
CA ALA D 396 21.72 -15.11 11.09
C ALA D 396 20.31 -14.55 11.20
N GLY D 397 19.38 -15.41 11.62
CA GLY D 397 18.00 -15.02 11.76
C GLY D 397 17.72 -14.31 13.07
N GLY D 398 18.04 -14.96 14.18
CA GLY D 398 17.87 -14.38 15.49
C GLY D 398 18.78 -15.10 16.46
N ARG D 399 18.72 -14.68 17.72
CA ARG D 399 19.55 -15.32 18.74
C ARG D 399 19.05 -16.72 19.05
N ALA D 400 17.74 -16.90 19.18
CA ALA D 400 17.18 -18.19 19.54
C ALA D 400 17.15 -19.18 18.38
N VAL D 401 17.40 -18.73 17.16
CA VAL D 401 17.42 -19.65 16.03
C VAL D 401 18.80 -20.22 15.80
N ILE D 402 19.86 -19.42 15.97
CA ILE D 402 21.21 -19.96 15.94
C ILE D 402 21.49 -20.77 17.19
N ASP D 403 20.84 -20.45 18.31
CA ASP D 403 20.94 -21.27 19.51
C ASP D 403 20.31 -22.64 19.34
N GLU D 404 19.25 -22.71 18.51
CA GLU D 404 18.54 -23.96 18.30
C GLU D 404 19.13 -24.79 17.16
N LEU D 405 19.69 -24.14 16.15
CA LEU D 405 20.39 -24.85 15.08
C LEU D 405 21.83 -25.20 15.43
N GLN D 406 22.31 -24.81 16.61
CA GLN D 406 23.61 -25.23 17.10
C GLN D 406 23.52 -26.56 17.85
N LYS D 407 22.55 -26.69 18.75
CA LYS D 407 22.39 -27.93 19.49
C LYS D 407 21.83 -29.05 18.63
N ASN D 408 21.17 -28.73 17.52
CA ASN D 408 20.75 -29.75 16.57
C ASN D 408 21.91 -30.28 15.76
N LEU D 409 23.03 -29.57 15.73
CA LEU D 409 24.23 -29.99 15.03
C LEU D 409 25.42 -30.22 15.94
N GLN D 410 25.29 -29.92 17.24
CA GLN D 410 26.34 -30.03 18.25
C GLN D 410 27.59 -29.24 17.85
N LEU D 411 27.39 -27.95 17.62
CA LEU D 411 28.46 -27.07 17.16
C LEU D 411 29.14 -26.37 18.32
N SER D 412 30.44 -26.16 18.17
CA SER D 412 31.22 -25.40 19.14
C SER D 412 30.87 -23.91 19.05
N PRO D 413 31.14 -23.13 20.10
CA PRO D 413 30.95 -21.67 20.00
C PRO D 413 31.82 -20.99 18.96
N ARG D 414 32.93 -21.59 18.54
CA ARG D 414 33.71 -21.01 17.45
C ARG D 414 33.10 -21.35 16.09
N HIS D 415 32.34 -22.44 16.00
CA HIS D 415 31.67 -22.78 14.75
C HIS D 415 30.53 -21.80 14.47
N VAL D 416 29.70 -21.53 15.47
CA VAL D 416 28.72 -20.45 15.38
C VAL D 416 29.40 -19.21 15.93
N GLU D 417 30.22 -18.62 15.12
CA GLU D 417 30.84 -17.33 15.42
C GLU D 417 30.68 -16.35 14.28
N ALA D 418 30.73 -16.84 13.04
CA ALA D 418 30.41 -15.98 11.90
C ALA D 418 28.94 -15.57 11.94
N SER D 419 28.06 -16.49 12.32
CA SER D 419 26.63 -16.19 12.39
C SER D 419 26.31 -15.22 13.51
N ARG D 420 26.91 -15.44 14.69
CA ARG D 420 26.65 -14.58 15.84
C ARG D 420 27.22 -13.19 15.65
N MET D 421 28.45 -13.10 15.14
CA MET D 421 29.05 -11.78 14.93
C MET D 421 28.44 -11.07 13.74
N THR D 422 27.90 -11.82 12.77
CA THR D 422 27.18 -11.21 11.66
C THR D 422 25.85 -10.65 12.12
N LEU D 423 25.14 -11.40 12.97
CA LEU D 423 23.89 -10.89 13.56
C LEU D 423 24.15 -9.71 14.48
N HIS D 424 25.30 -9.70 15.16
CA HIS D 424 25.63 -8.58 16.03
C HIS D 424 25.99 -7.33 15.23
N ARG D 425 26.80 -7.48 14.18
CA ARG D 425 27.28 -6.32 13.45
C ARG D 425 26.26 -5.85 12.41
N PHE D 426 25.74 -6.76 11.60
CA PHE D 426 24.89 -6.35 10.49
C PHE D 426 23.41 -6.60 10.73
N GLY D 427 23.03 -7.38 11.73
CA GLY D 427 21.65 -7.67 11.95
C GLY D 427 21.15 -8.77 11.03
N ASN D 428 19.83 -8.82 10.86
CA ASN D 428 19.20 -9.85 10.03
C ASN D 428 18.97 -9.31 8.62
N THR D 429 20.06 -9.13 7.91
CA THR D 429 20.00 -9.04 6.45
C THR D 429 19.51 -10.40 5.95
N SER D 430 18.43 -10.41 5.16
CA SER D 430 17.70 -11.65 4.95
C SER D 430 18.46 -12.63 4.07
N SER D 431 18.73 -12.25 2.83
CA SER D 431 19.30 -13.20 1.89
C SER D 431 20.83 -13.11 1.79
N SER D 432 21.44 -12.08 2.39
CA SER D 432 22.88 -11.85 2.24
C SER D 432 23.65 -12.17 3.52
N SER D 433 23.00 -12.74 4.53
CA SER D 433 23.68 -13.09 5.77
C SER D 433 24.75 -14.14 5.56
N LEU D 434 24.52 -15.07 4.62
CA LEU D 434 25.52 -16.10 4.35
C LEU D 434 26.78 -15.52 3.74
N TRP D 435 26.64 -14.49 2.90
CA TRP D 435 27.81 -13.85 2.32
C TRP D 435 28.51 -12.93 3.30
N TYR D 436 27.77 -12.32 4.22
CA TYR D 436 28.42 -11.58 5.31
C TYR D 436 29.16 -12.52 6.25
N GLU D 437 28.64 -13.72 6.48
CA GLU D 437 29.34 -14.70 7.31
C GLU D 437 30.58 -15.24 6.62
N LEU D 438 30.49 -15.47 5.31
CA LEU D 438 31.65 -15.89 4.53
C LEU D 438 32.73 -14.80 4.54
N ALA D 439 32.32 -13.54 4.46
CA ALA D 439 33.27 -12.44 4.56
C ALA D 439 33.86 -12.32 5.95
N TYR D 440 33.12 -12.71 6.99
CA TYR D 440 33.69 -12.75 8.34
C TYR D 440 34.76 -13.82 8.45
N ILE D 441 34.50 -15.00 7.89
CA ILE D 441 35.49 -16.09 7.96
C ILE D 441 36.72 -15.73 7.14
N GLU D 442 36.53 -15.07 6.00
CA GLU D 442 37.68 -14.63 5.21
C GLU D 442 38.45 -13.50 5.86
N ALA D 443 37.77 -12.64 6.63
CA ALA D 443 38.44 -11.49 7.23
C ALA D 443 39.32 -11.89 8.39
N LYS D 444 39.00 -12.99 9.08
CA LYS D 444 39.82 -13.48 10.17
C LYS D 444 40.99 -14.34 9.70
N GLY D 445 41.12 -14.57 8.40
CA GLY D 445 42.21 -15.38 7.89
C GLY D 445 42.07 -16.85 8.16
N ARG D 446 40.86 -17.33 8.43
CA ARG D 446 40.62 -18.73 8.72
C ARG D 446 40.26 -19.53 7.49
N MET D 447 40.08 -18.89 6.35
CA MET D 447 39.70 -19.56 5.11
C MET D 447 40.97 -20.04 4.41
N ARG D 448 41.28 -21.32 4.59
CA ARG D 448 42.47 -21.92 3.98
C ARG D 448 42.07 -22.70 2.73
N ARG D 449 43.09 -23.20 2.03
CA ARG D 449 42.89 -23.90 0.78
C ARG D 449 42.37 -25.30 1.04
N GLY D 450 41.32 -25.69 0.31
CA GLY D 450 40.69 -26.97 0.49
C GLY D 450 39.64 -27.03 1.57
N ASP D 451 39.42 -25.94 2.30
CA ASP D 451 38.40 -25.92 3.33
C ASP D 451 37.02 -25.91 2.72
N ARG D 452 36.10 -26.67 3.32
CA ARG D 452 34.73 -26.77 2.85
C ARG D 452 33.82 -25.92 3.71
N VAL D 453 32.91 -25.20 3.07
CA VAL D 453 32.01 -24.27 3.74
C VAL D 453 30.58 -24.82 3.63
N TRP D 454 29.79 -24.64 4.68
CA TRP D 454 28.39 -25.06 4.69
C TRP D 454 27.53 -23.84 4.96
N GLN D 455 26.73 -23.44 3.97
CA GLN D 455 25.87 -22.28 4.06
C GLN D 455 24.43 -22.75 4.15
N ILE D 456 23.80 -22.55 5.31
CA ILE D 456 22.42 -22.97 5.55
C ILE D 456 21.53 -21.74 5.60
N GLY D 457 20.48 -21.75 4.78
CA GLY D 457 19.53 -20.65 4.76
C GLY D 457 18.11 -21.15 4.77
N PHE D 458 17.41 -20.57 5.66
CA PHE D 458 15.99 -20.88 5.82
C PHE D 458 15.17 -19.61 5.68
N GLY D 459 13.93 -19.75 5.21
CA GLY D 459 13.11 -18.61 4.87
C GLY D 459 11.62 -18.86 5.00
N SER D 460 10.87 -18.35 4.03
CA SER D 460 9.42 -18.31 4.08
C SER D 460 8.82 -19.26 3.04
N GLY D 461 7.69 -19.88 3.42
CA GLY D 461 7.29 -21.15 2.85
C GLY D 461 8.06 -22.32 3.43
N PHE D 462 8.96 -22.03 4.36
CA PHE D 462 10.07 -22.84 4.85
C PHE D 462 10.74 -23.70 3.80
N LYS D 463 11.18 -23.05 2.73
CA LYS D 463 12.30 -23.55 1.96
C LYS D 463 13.55 -23.40 2.82
N CYS D 464 14.29 -24.49 3.00
CA CYS D 464 15.51 -24.50 3.80
C CYS D 464 16.63 -25.00 2.92
N ASN D 465 17.28 -24.14 2.16
CA ASN D 465 18.31 -24.50 1.18
C ASN D 465 19.68 -24.55 1.85
N SER D 466 20.65 -25.31 1.34
CA SER D 466 21.99 -25.51 1.92
C SER D 466 22.96 -25.70 0.78
N ALA D 467 24.16 -25.14 0.82
CA ALA D 467 25.15 -25.20 -0.27
C ALA D 467 26.50 -25.56 0.30
N VAL D 468 27.33 -26.34 -0.40
CA VAL D 468 28.69 -26.65 0.07
C VAL D 468 29.69 -26.13 -0.93
N TRP D 469 30.53 -25.17 -0.56
CA TRP D 469 31.61 -24.64 -1.37
C TRP D 469 32.93 -25.25 -0.91
N LYS D 470 33.88 -25.35 -1.83
CA LYS D 470 35.22 -25.80 -1.51
C LYS D 470 36.20 -24.70 -1.88
N CYS D 471 37.01 -24.28 -0.92
CA CYS D 471 37.94 -23.17 -1.14
C CYS D 471 39.09 -23.59 -2.04
N LEU D 472 39.38 -22.76 -3.05
CA LEU D 472 40.39 -23.10 -4.04
C LEU D 472 41.75 -22.50 -3.73
N ARG D 473 41.80 -21.31 -3.13
CA ARG D 473 43.06 -20.67 -2.78
C ARG D 473 42.91 -20.01 -1.41
N SER D 474 44.01 -20.02 -0.64
CA SER D 474 44.00 -19.44 0.70
C SER D 474 43.86 -17.92 0.62
N ILE D 475 42.83 -17.41 1.29
CA ILE D 475 42.50 -15.99 1.20
C ILE D 475 43.43 -15.19 2.11
N LYS D 476 44.11 -14.20 1.54
CA LYS D 476 44.94 -13.30 2.32
C LYS D 476 44.06 -12.33 3.11
N THR D 477 44.43 -12.11 4.37
CA THR D 477 43.54 -11.46 5.34
C THR D 477 43.17 -9.99 5.09
N PRO D 478 43.97 -9.12 4.38
CA PRO D 478 43.35 -7.86 3.92
C PRO D 478 42.38 -8.15 2.79
N THR D 479 41.08 -8.12 3.09
CA THR D 479 40.07 -8.67 2.22
C THR D 479 39.35 -7.60 1.40
N ASN D 480 39.29 -6.37 1.90
CA ASN D 480 38.50 -5.26 1.35
C ASN D 480 37.04 -5.67 1.21
N GLY D 481 36.48 -6.11 2.33
CA GLY D 481 35.09 -6.48 2.41
C GLY D 481 34.33 -5.59 3.37
N PRO D 482 33.22 -6.09 3.92
CA PRO D 482 32.43 -5.29 4.86
C PRO D 482 32.95 -5.30 6.28
N TRP D 483 34.00 -6.07 6.56
CA TRP D 483 34.45 -6.29 7.92
C TRP D 483 35.74 -5.57 8.28
N ASP D 484 36.44 -5.00 7.30
CA ASP D 484 37.81 -4.54 7.52
C ASP D 484 37.91 -3.30 8.40
N ASP D 485 36.83 -2.56 8.58
CA ASP D 485 36.87 -1.43 9.50
C ASP D 485 36.61 -1.84 10.94
N CYS D 486 36.19 -3.09 11.19
CA CYS D 486 35.78 -3.48 12.52
C CYS D 486 36.25 -4.89 12.93
N ILE D 487 37.07 -5.56 12.11
CA ILE D 487 37.41 -6.95 12.41
C ILE D 487 38.41 -7.09 13.55
N HIS D 488 39.07 -6.01 13.95
CA HIS D 488 40.03 -6.08 15.05
C HIS D 488 39.36 -6.20 16.40
N ARG D 489 38.09 -5.81 16.52
CA ARG D 489 37.38 -5.91 17.78
C ARG D 489 36.40 -7.08 17.84
N TYR D 490 36.08 -7.68 16.71
CA TYR D 490 35.25 -8.87 16.70
C TYR D 490 36.14 -10.12 16.84
N PRO D 491 35.68 -11.16 17.57
CA PRO D 491 34.37 -11.39 18.19
C PRO D 491 34.12 -10.65 19.49
N VAL D 492 32.87 -10.20 19.64
CA VAL D 492 32.41 -9.47 20.81
C VAL D 492 31.68 -10.46 21.71
N ASP D 493 31.96 -10.40 23.02
CA ASP D 493 31.26 -11.24 23.98
C ASP D 493 29.83 -10.72 24.11
N VAL D 494 28.92 -11.32 23.36
CA VAL D 494 27.53 -10.86 23.29
C VAL D 494 26.80 -11.32 24.54
N PRO D 495 26.25 -10.41 25.34
CA PRO D 495 25.53 -10.82 26.56
C PRO D 495 24.19 -11.44 26.21
N GLU D 496 23.62 -12.13 27.20
CA GLU D 496 22.31 -12.75 27.00
C GLU D 496 21.21 -11.71 26.94
N VAL D 497 21.24 -10.72 27.84
CA VAL D 497 20.39 -9.55 27.80
C VAL D 497 21.30 -8.33 27.93
N VAL D 498 21.13 -7.36 27.01
CA VAL D 498 21.95 -6.16 27.06
C VAL D 498 21.48 -5.28 28.22
N LYS D 499 22.40 -4.52 28.80
CA LYS D 499 22.18 -3.80 30.05
C LYS D 499 21.17 -2.66 29.91
N LEU D 500 20.02 -2.81 30.56
CA LEU D 500 19.09 -1.72 30.76
C LEU D 500 18.77 -1.55 32.25
C8 MLC E . -2.89 8.04 -25.39
N9 MLC E . -3.15 9.02 -24.51
C4 MLC E . -2.36 8.85 -23.46
C5 MLC E . -1.61 7.76 -23.68
N7 MLC E . -1.95 7.26 -24.88
N3 MLC E . -2.20 9.54 -22.30
C2 MLC E . -1.30 9.14 -21.38
N1 MLC E . -0.54 8.04 -21.61
C6 MLC E . -0.69 7.35 -22.74
N6 MLC E . 0.23 6.16 -22.81
C1' MLC E . -4.09 10.09 -24.62
C2' MLC E . -3.73 10.93 -25.58
O2' MLC E . -3.04 12.08 -24.97
C3' MLC E . -5.04 11.39 -26.19
O3' MLC E . -5.55 12.39 -25.45
C4' MLC E . -5.96 10.11 -26.07
O4' MLC E . -5.55 9.48 -25.04
C5' MLC E . -5.81 9.23 -27.31
O5' MLC E . -5.52 10.05 -28.46
P1 MLC E . -5.47 9.31 -29.96
O11 MLC E . -4.20 9.75 -30.70
O12 MLC E . -6.69 9.72 -30.76
O6 MLC E . -5.45 7.70 -29.76
P2 MLC E . -6.73 6.72 -29.99
O21 MLC E . -7.77 7.02 -28.94
O22 MLC E . -7.31 6.94 -31.36
O7 MLC E . -6.26 5.13 -29.85
CPB MLC E . -6.40 4.47 -28.58
CPA MLC E . -5.00 4.27 -27.97
CP7 MLC E . -5.04 3.10 -27.05
CP9 MLC E . -3.93 4.02 -29.14
CP8 MLC E . -4.62 5.61 -27.18
OP3 MLC E . -5.76 2.09 -27.63
CP6 MLC E . -3.60 2.55 -26.68
OP2 MLC E . -2.89 3.14 -25.93
NP2 MLC E . -3.12 1.30 -27.24
CP5 MLC E . -1.78 0.83 -26.86
CP4 MLC E . -1.99 -0.19 -25.64
CP3 MLC E . -0.77 -0.21 -24.70
OP1 MLC E . -0.12 0.77 -24.54
NP1 MLC E . -0.44 -1.46 -24.01
CP2 MLC E . 0.69 -1.55 -23.11
CP1 MLC E . 0.71 -3.02 -22.43
S MLC E . 2.45 -3.63 -22.30
P3 MLC E . -6.13 13.75 -26.24
O31 MLC E . -6.07 14.91 -25.30
O32 MLC E . -5.28 14.02 -27.44
O33 MLC E . -7.55 13.52 -26.66
CM1 MLC E . 2.54 -4.89 -20.97
CM2 MLC E . 3.82 -5.03 -20.13
CM3 MLC E . 3.53 -4.82 -18.59
OM2 MLC E . 1.62 -5.57 -20.75
OM3 MLC E . 2.43 -4.30 -18.20
OM4 MLC E . 4.39 -5.16 -17.74
C8 MLC F . 8.01 -14.42 21.29
N9 MLC F . 6.93 -13.68 21.58
C4 MLC F . 6.20 -13.57 20.46
C5 MLC F . 6.82 -14.23 19.50
N7 MLC F . 7.96 -14.75 20.01
N3 MLC F . 5.02 -12.95 20.19
C2 MLC F . 4.49 -13.00 18.94
N1 MLC F . 5.14 -13.68 17.96
C6 MLC F . 6.29 -14.29 18.23
N6 MLC F . 6.85 -14.98 17.03
C1' MLC F . 6.57 -13.09 22.82
C2' MLC F . 6.37 -14.02 23.74
O2' MLC F . 4.94 -14.36 23.79
C3' MLC F . 6.76 -13.33 25.03
O3' MLC F . 5.75 -12.56 25.44
C4' MLC F . 7.98 -12.43 24.61
O4' MLC F . 7.82 -12.18 23.36
C5' MLC F . 9.31 -13.16 24.82
O5' MLC F . 9.13 -14.35 25.61
P1 MLC F . 10.49 -15.22 26.04
O11 MLC F . 10.12 -16.69 26.26
O12 MLC F . 11.08 -14.64 27.31
O6 MLC F . 11.60 -15.12 24.85
P2 MLC F . 13.03 -14.36 25.00
O21 MLC F . 12.78 -12.89 25.19
O22 MLC F . 13.78 -14.91 26.18
O7 MLC F . 13.92 -14.58 23.62
CPB MLC F . 13.81 -13.61 22.57
CPA MLC F . 12.93 -14.17 21.44
CP7 MLC F . 13.35 -13.55 20.14
CP9 MLC F . 13.05 -15.76 21.37
CP8 MLC F . 11.42 -13.77 21.78
OP3 MLC F . 14.72 -13.48 20.09
CP6 MLC F . 12.84 -14.38 18.87
OP2 MLC F . 11.69 -14.50 18.62
NP2 MLC F . 13.82 -15.01 17.99
CP5 MLC F . 13.34 -15.74 16.81
CP4 MLC F . 13.59 -14.77 15.56
CP3 MLC F . 12.92 -15.32 14.29
OP1 MLC F . 11.86 -15.84 14.36
NP1 MLC F . 13.62 -15.19 12.99
CP2 MLC F . 12.98 -15.71 11.81
CP1 MLC F . 13.62 -15.07 10.46
S MLC F . 12.88 -15.95 9.01
P3 MLC F . 5.51 -12.33 27.07
O31 MLC F . 4.07 -11.97 27.31
O32 MLC F . 5.84 -13.60 27.81
O33 MLC F . 6.39 -11.22 27.55
CM1 MLC F . 13.27 -15.06 7.44
CM2 MLC F . 12.47 -15.40 6.16
CM3 MLC F . 11.68 -14.15 5.62
OM2 MLC F . 14.12 -14.27 7.41
OM3 MLC F . 11.79 -13.01 6.17
OM4 MLC F . 10.93 -14.28 4.61
#